data_8I53
#
_entry.id   8I53
#
_entity_poly.entity_id   1
_entity_poly.type   'polypeptide(L)'
_entity_poly.pdbx_seq_one_letter_code
;GSHMGDRVEALAIFRKKQGVLSIDSRLKWTGEGKTTPSVDIAFDAISNLQTTPASNPKVMIRVFIVVKEGEDPTSLVFHF
TGTPNARENCDMITNELRNAIQRQREGSQSK
;
_entity_poly.pdbx_strand_id   A
#
# COMPACT_ATOMS: atom_id res chain seq x y z
N MET A 4 -7.57 10.45 -4.41
CA MET A 4 -7.99 11.87 -4.52
C MET A 4 -7.98 12.54 -3.16
N GLY A 5 -6.87 13.19 -2.85
CA GLY A 5 -6.74 13.85 -1.56
C GLY A 5 -5.95 12.98 -0.60
N ASP A 6 -6.17 11.68 -0.71
CA ASP A 6 -5.49 10.67 0.09
C ASP A 6 -4.15 10.32 -0.54
N ARG A 7 -3.77 11.16 -1.50
CA ARG A 7 -2.55 10.98 -2.25
C ARG A 7 -1.31 11.07 -1.35
N VAL A 8 -0.66 9.93 -1.15
CA VAL A 8 0.56 9.86 -0.35
C VAL A 8 1.57 9.01 -1.07
N GLU A 9 2.81 9.44 -1.03
CA GLU A 9 3.85 8.74 -1.70
C GLU A 9 4.94 8.30 -0.72
N ALA A 10 5.51 7.16 -1.00
CA ALA A 10 6.57 6.56 -0.19
C ALA A 10 7.15 5.40 -0.96
N LEU A 11 8.38 5.51 -1.41
CA LEU A 11 8.93 4.41 -2.18
C LEU A 11 9.24 3.23 -1.27
N ALA A 12 9.06 2.05 -1.80
CA ALA A 12 9.26 0.83 -1.07
C ALA A 12 9.68 -0.29 -2.02
N ILE A 13 10.19 -1.36 -1.45
CA ILE A 13 10.62 -2.50 -2.22
C ILE A 13 9.52 -3.55 -2.32
N PHE A 14 8.99 -3.71 -3.53
CA PHE A 14 7.98 -4.71 -3.77
C PHE A 14 8.60 -5.84 -4.57
N ARG A 15 8.81 -6.98 -3.94
CA ARG A 15 9.44 -8.13 -4.58
C ARG A 15 10.78 -7.73 -5.20
N LYS A 16 11.66 -7.19 -4.35
CA LYS A 16 12.99 -6.74 -4.75
C LYS A 16 12.97 -5.60 -5.76
N LYS A 17 11.87 -4.88 -5.82
CA LYS A 17 11.74 -3.73 -6.70
C LYS A 17 11.54 -2.49 -5.84
N GLN A 18 12.41 -1.52 -5.96
CA GLN A 18 12.28 -0.32 -5.16
C GLN A 18 11.64 0.77 -6.00
N GLY A 19 10.39 1.02 -5.72
CA GLY A 19 9.66 2.01 -6.47
C GLY A 19 8.78 2.83 -5.57
N VAL A 20 8.06 3.76 -6.15
CA VAL A 20 7.22 4.66 -5.36
C VAL A 20 5.87 4.04 -5.04
N LEU A 21 5.50 4.10 -3.76
CA LEU A 21 4.20 3.59 -3.32
C LEU A 21 3.27 4.79 -3.19
N SER A 22 2.23 4.83 -4.02
CA SER A 22 1.30 5.95 -4.00
C SER A 22 -0.11 5.50 -3.56
N ILE A 23 -0.90 6.43 -3.03
CA ILE A 23 -2.25 6.10 -2.54
C ILE A 23 -3.32 7.06 -3.06
N ASP A 24 -4.14 6.62 -4.01
CA ASP A 24 -5.25 7.45 -4.49
C ASP A 24 -6.51 6.60 -4.72
N SER A 25 -7.20 6.27 -3.62
CA SER A 25 -8.45 5.47 -3.60
C SER A 25 -8.14 4.03 -3.96
N ARG A 26 -7.00 3.88 -4.59
CA ARG A 26 -6.50 2.63 -5.00
C ARG A 26 -5.03 2.59 -4.64
N LEU A 27 -4.64 1.59 -3.87
CA LEU A 27 -3.27 1.44 -3.45
C LEU A 27 -2.42 1.07 -4.66
N LYS A 28 -1.61 2.02 -5.12
CA LYS A 28 -0.79 1.82 -6.32
C LYS A 28 0.70 1.98 -6.04
N TRP A 29 1.43 0.90 -6.19
CA TRP A 29 2.88 0.92 -6.03
C TRP A 29 3.48 0.76 -7.42
N THR A 30 4.60 1.39 -7.66
CA THR A 30 5.24 1.32 -8.96
C THR A 30 6.73 1.01 -8.83
N GLY A 31 7.23 0.14 -9.70
CA GLY A 31 8.63 -0.22 -9.67
C GLY A 31 9.56 0.90 -10.10
N GLU A 32 10.85 0.65 -10.00
CA GLU A 32 11.87 1.63 -10.35
C GLU A 32 11.92 1.87 -11.85
N GLY A 33 11.91 3.14 -12.25
CA GLY A 33 11.98 3.51 -13.65
C GLY A 33 10.83 2.92 -14.46
N LYS A 34 9.62 3.00 -13.92
CA LYS A 34 8.45 2.47 -14.59
C LYS A 34 7.31 3.47 -14.53
N THR A 35 6.57 3.59 -15.61
CA THR A 35 5.44 4.50 -15.67
C THR A 35 4.14 3.75 -15.35
N THR A 36 4.21 2.43 -15.38
CA THR A 36 3.07 1.60 -15.08
C THR A 36 3.17 1.00 -13.67
N PRO A 37 2.11 1.16 -12.87
CA PRO A 37 2.06 0.64 -11.50
C PRO A 37 2.19 -0.88 -11.46
N SER A 38 2.99 -1.37 -10.53
CA SER A 38 3.21 -2.79 -10.37
C SER A 38 2.20 -3.36 -9.36
N VAL A 39 1.75 -2.51 -8.45
CA VAL A 39 0.77 -2.91 -7.45
C VAL A 39 -0.43 -1.98 -7.53
N ASP A 40 -1.41 -2.33 -8.34
CA ASP A 40 -2.60 -1.51 -8.43
C ASP A 40 -3.78 -2.28 -7.88
N ILE A 41 -4.06 -2.07 -6.61
CA ILE A 41 -5.15 -2.75 -5.95
C ILE A 41 -6.01 -1.74 -5.21
N ALA A 42 -7.28 -1.70 -5.58
CA ALA A 42 -8.22 -0.77 -4.96
C ALA A 42 -8.53 -1.14 -3.53
N PHE A 43 -9.13 -0.22 -2.78
CA PHE A 43 -9.46 -0.46 -1.38
C PHE A 43 -10.52 -1.54 -1.20
N ASP A 44 -11.22 -1.86 -2.27
CA ASP A 44 -12.23 -2.89 -2.26
C ASP A 44 -11.55 -4.25 -2.32
N ALA A 45 -10.27 -4.19 -2.69
CA ALA A 45 -9.44 -5.36 -2.82
C ALA A 45 -8.39 -5.35 -1.72
N ILE A 46 -8.63 -4.55 -0.69
CA ILE A 46 -7.74 -4.49 0.45
C ILE A 46 -8.57 -4.84 1.66
N SER A 47 -8.31 -6.00 2.18
CA SER A 47 -9.08 -6.50 3.30
C SER A 47 -8.48 -6.03 4.63
N ASN A 48 -7.16 -5.85 4.62
CA ASN A 48 -6.41 -5.41 5.80
C ASN A 48 -4.94 -5.31 5.42
N LEU A 49 -4.11 -4.80 6.32
CA LEU A 49 -2.69 -4.68 6.04
C LEU A 49 -1.89 -4.67 7.34
N GLN A 50 -0.61 -5.03 7.25
CA GLN A 50 0.26 -5.03 8.42
C GLN A 50 1.53 -4.23 8.11
N THR A 51 1.85 -3.29 8.96
CA THR A 51 3.00 -2.43 8.78
C THR A 51 4.02 -2.65 9.88
N THR A 52 5.28 -2.27 9.62
CA THR A 52 6.31 -2.41 10.64
C THR A 52 5.95 -1.64 11.91
N PRO A 53 6.36 -2.14 13.08
CA PRO A 53 6.04 -1.49 14.37
C PRO A 53 6.88 -0.24 14.67
N ALA A 54 7.24 0.50 13.61
CA ALA A 54 8.05 1.73 13.72
C ALA A 54 9.47 1.45 14.19
N SER A 55 9.61 0.90 15.39
CA SER A 55 10.90 0.59 15.97
C SER A 55 11.50 -0.66 15.31
N ASN A 56 11.80 -0.54 14.03
CA ASN A 56 12.37 -1.63 13.25
C ASN A 56 13.16 -1.08 12.08
N PRO A 57 14.45 -1.43 11.97
CA PRO A 57 15.30 -0.96 10.88
C PRO A 57 14.71 -1.37 9.52
N LYS A 58 14.12 -2.55 9.48
CA LYS A 58 13.49 -3.07 8.28
C LYS A 58 12.04 -2.62 8.21
N VAL A 59 11.84 -1.33 7.97
CA VAL A 59 10.50 -0.73 7.88
C VAL A 59 9.79 -1.23 6.64
N MET A 60 8.56 -1.70 6.80
CA MET A 60 7.80 -2.20 5.67
C MET A 60 6.29 -1.96 5.79
N ILE A 61 5.58 -2.30 4.70
CA ILE A 61 4.13 -2.22 4.62
C ILE A 61 3.61 -3.48 3.89
N ARG A 62 2.79 -4.27 4.56
CA ARG A 62 2.22 -5.48 3.97
C ARG A 62 0.74 -5.28 3.75
N VAL A 63 0.23 -5.69 2.60
CA VAL A 63 -1.17 -5.52 2.30
C VAL A 63 -1.85 -6.85 1.99
N PHE A 64 -3.01 -7.06 2.60
CA PHE A 64 -3.79 -8.26 2.39
C PHE A 64 -4.90 -7.94 1.40
N ILE A 65 -4.82 -8.54 0.24
CA ILE A 65 -5.74 -8.27 -0.85
C ILE A 65 -6.96 -9.17 -0.87
N VAL A 66 -8.13 -8.53 -0.97
CA VAL A 66 -9.40 -9.24 -1.10
C VAL A 66 -9.50 -9.56 -2.57
N VAL A 67 -10.35 -10.47 -2.97
CA VAL A 67 -10.37 -10.78 -4.38
C VAL A 67 -11.13 -9.78 -5.19
N LYS A 68 -10.41 -9.04 -5.96
CA LYS A 68 -11.01 -8.15 -6.90
C LYS A 68 -11.30 -9.03 -8.10
N GLU A 69 -12.57 -9.14 -8.47
CA GLU A 69 -12.99 -10.00 -9.58
C GLU A 69 -11.96 -10.03 -10.71
N GLY A 70 -11.37 -11.20 -10.93
CA GLY A 70 -10.36 -11.36 -11.96
C GLY A 70 -9.14 -12.12 -11.48
N GLU A 71 -8.93 -12.19 -10.17
CA GLU A 71 -7.77 -12.88 -9.62
C GLU A 71 -8.14 -13.65 -8.35
N ASP A 72 -7.19 -13.76 -7.43
CA ASP A 72 -7.40 -14.47 -6.17
C ASP A 72 -6.87 -13.63 -5.00
N PRO A 73 -7.24 -13.96 -3.75
CA PRO A 73 -6.77 -13.22 -2.57
C PRO A 73 -5.25 -13.37 -2.41
N THR A 74 -4.54 -12.27 -2.31
CA THR A 74 -3.09 -12.32 -2.18
C THR A 74 -2.58 -11.31 -1.16
N SER A 75 -1.30 -11.37 -0.83
CA SER A 75 -0.70 -10.43 0.10
C SER A 75 0.58 -9.88 -0.50
N LEU A 76 0.71 -8.56 -0.51
CA LEU A 76 1.87 -7.92 -1.09
C LEU A 76 2.70 -7.22 -0.01
N VAL A 77 4.00 -7.10 -0.24
CA VAL A 77 4.86 -6.46 0.74
C VAL A 77 5.71 -5.37 0.10
N PHE A 78 5.69 -4.20 0.72
CA PHE A 78 6.46 -3.07 0.26
C PHE A 78 7.47 -2.72 1.36
N HIS A 79 8.72 -3.06 1.12
CA HIS A 79 9.76 -2.80 2.11
C HIS A 79 10.28 -1.38 1.99
N PHE A 80 10.06 -0.58 3.01
CA PHE A 80 10.55 0.79 3.02
C PHE A 80 11.97 0.79 3.58
N THR A 81 12.44 -0.39 3.89
CA THR A 81 13.76 -0.61 4.47
C THR A 81 14.87 0.05 3.63
N GLY A 82 14.66 0.14 2.33
CA GLY A 82 15.64 0.75 1.45
C GLY A 82 15.27 2.18 1.12
N THR A 83 14.43 2.76 1.96
CA THR A 83 13.96 4.12 1.78
C THR A 83 14.47 5.01 2.91
N PRO A 84 15.07 6.16 2.57
CA PRO A 84 15.60 7.10 3.55
C PRO A 84 14.57 7.49 4.60
N ASN A 85 13.33 7.70 4.16
CA ASN A 85 12.25 8.09 5.05
C ASN A 85 11.19 6.98 5.13
N ALA A 86 11.68 5.77 5.38
CA ALA A 86 10.84 4.57 5.49
C ALA A 86 9.70 4.69 6.49
N ARG A 87 10.01 4.95 7.75
CA ARG A 87 8.99 4.98 8.81
C ARG A 87 8.01 6.14 8.68
N GLU A 88 8.53 7.34 8.44
CA GLU A 88 7.68 8.51 8.35
C GLU A 88 6.74 8.40 7.17
N ASN A 89 7.25 7.97 6.03
CA ASN A 89 6.42 7.81 4.85
C ASN A 89 5.52 6.59 5.04
N CYS A 90 6.04 5.57 5.70
CA CYS A 90 5.27 4.36 5.98
C CYS A 90 4.02 4.73 6.77
N ASP A 91 4.20 5.53 7.82
CA ASP A 91 3.08 5.97 8.64
C ASP A 91 2.11 6.78 7.80
N MET A 92 2.66 7.74 7.06
CA MET A 92 1.86 8.59 6.18
C MET A 92 1.03 7.73 5.23
N ILE A 93 1.68 6.72 4.63
CA ILE A 93 0.99 5.81 3.73
C ILE A 93 -0.07 5.03 4.49
N THR A 94 0.37 4.27 5.49
CA THR A 94 -0.51 3.43 6.31
C THR A 94 -1.72 4.16 6.85
N ASN A 95 -1.49 5.31 7.49
CA ASN A 95 -2.57 6.09 8.07
C ASN A 95 -3.62 6.46 7.02
N GLU A 96 -3.21 7.12 5.95
CA GLU A 96 -4.15 7.51 4.90
C GLU A 96 -4.71 6.28 4.20
N LEU A 97 -3.84 5.31 3.93
CA LEU A 97 -4.22 4.07 3.28
C LEU A 97 -5.32 3.39 4.06
N ARG A 98 -5.03 3.00 5.30
CA ARG A 98 -5.98 2.32 6.15
C ARG A 98 -7.26 3.13 6.33
N ASN A 99 -7.11 4.45 6.49
CA ASN A 99 -8.26 5.33 6.66
C ASN A 99 -9.12 5.35 5.43
N ALA A 100 -8.51 5.51 4.27
CA ALA A 100 -9.25 5.55 3.02
C ALA A 100 -9.81 4.17 2.67
N ILE A 101 -9.05 3.11 2.97
CA ILE A 101 -9.51 1.75 2.70
C ILE A 101 -10.83 1.51 3.44
N GLN A 102 -10.84 1.83 4.73
CA GLN A 102 -12.03 1.66 5.56
C GLN A 102 -13.11 2.64 5.12
N ARG A 103 -12.68 3.82 4.68
CA ARG A 103 -13.59 4.86 4.22
C ARG A 103 -14.49 4.35 3.10
N GLN A 104 -13.93 3.55 2.22
CA GLN A 104 -14.72 2.99 1.12
C GLN A 104 -15.66 1.92 1.66
N ARG A 105 -15.18 1.17 2.64
CA ARG A 105 -15.96 0.10 3.26
C ARG A 105 -17.23 0.66 3.91
N GLU A 106 -17.15 1.90 4.38
CA GLU A 106 -18.28 2.56 5.02
C GLU A 106 -19.48 2.63 4.09
N GLY A 107 -19.23 2.79 2.80
CA GLY A 107 -20.30 2.88 1.83
C GLY A 107 -20.44 1.62 1.01
N SER A 108 -19.76 0.56 1.41
CA SER A 108 -19.82 -0.71 0.69
C SER A 108 -20.42 -1.80 1.57
N GLN A 109 -20.19 -1.71 2.88
CA GLN A 109 -20.68 -2.70 3.81
C GLN A 109 -21.27 -2.02 5.04
N SER A 110 -22.17 -2.70 5.72
CA SER A 110 -22.79 -2.16 6.93
C SER A 110 -21.95 -2.50 8.15
N LYS A 111 -21.52 -1.46 8.88
CA LYS A 111 -20.71 -1.63 10.07
C LYS A 111 -20.65 -0.30 10.82
N MET A 4 -6.76 12.78 5.06
CA MET A 4 -7.76 11.78 5.48
C MET A 4 -8.03 10.81 4.34
N GLY A 5 -7.07 9.93 4.10
CA GLY A 5 -7.19 8.98 3.01
C GLY A 5 -7.01 9.69 1.68
N ASP A 6 -6.03 10.57 1.64
CA ASP A 6 -5.74 11.36 0.46
C ASP A 6 -4.57 10.77 -0.28
N ARG A 7 -4.07 11.51 -1.25
CA ARG A 7 -2.96 11.07 -2.07
C ARG A 7 -1.64 11.17 -1.30
N VAL A 8 -0.98 10.02 -1.12
CA VAL A 8 0.30 9.96 -0.41
C VAL A 8 1.27 9.07 -1.15
N GLU A 9 2.54 9.46 -1.09
CA GLU A 9 3.57 8.72 -1.74
C GLU A 9 4.68 8.32 -0.76
N ALA A 10 5.31 7.19 -1.05
CA ALA A 10 6.39 6.63 -0.24
C ALA A 10 7.00 5.51 -1.02
N LEU A 11 8.23 5.65 -1.48
CA LEU A 11 8.81 4.59 -2.26
C LEU A 11 9.20 3.43 -1.37
N ALA A 12 8.89 2.24 -1.84
CA ALA A 12 9.16 1.02 -1.12
C ALA A 12 9.62 -0.07 -2.08
N ILE A 13 10.18 -1.12 -1.52
CA ILE A 13 10.68 -2.24 -2.29
C ILE A 13 9.62 -3.33 -2.40
N PHE A 14 9.03 -3.46 -3.58
CA PHE A 14 8.04 -4.48 -3.82
C PHE A 14 8.66 -5.58 -4.67
N ARG A 15 8.81 -6.78 -4.09
CA ARG A 15 9.42 -7.90 -4.80
C ARG A 15 10.77 -7.50 -5.39
N LYS A 16 11.63 -6.95 -4.53
CA LYS A 16 12.96 -6.49 -4.90
C LYS A 16 12.92 -5.41 -5.97
N LYS A 17 11.90 -4.57 -5.91
CA LYS A 17 11.76 -3.44 -6.81
C LYS A 17 11.58 -2.19 -5.98
N GLN A 18 12.40 -1.19 -6.21
CA GLN A 18 12.30 0.03 -5.44
C GLN A 18 11.56 1.06 -6.27
N GLY A 19 10.33 1.30 -5.88
CA GLY A 19 9.51 2.24 -6.60
C GLY A 19 8.64 3.02 -5.67
N VAL A 20 7.84 3.91 -6.22
CA VAL A 20 7.00 4.77 -5.40
C VAL A 20 5.67 4.10 -5.05
N LEU A 21 5.32 4.14 -3.77
CA LEU A 21 4.06 3.60 -3.30
C LEU A 21 3.10 4.78 -3.16
N SER A 22 2.01 4.76 -3.90
CA SER A 22 1.07 5.87 -3.88
C SER A 22 -0.33 5.43 -3.42
N ILE A 23 -0.99 6.27 -2.62
CA ILE A 23 -2.31 5.99 -2.10
C ILE A 23 -3.36 6.94 -2.68
N ASP A 24 -4.09 6.49 -3.70
CA ASP A 24 -5.13 7.33 -4.29
C ASP A 24 -6.37 6.48 -4.60
N SER A 25 -7.18 6.19 -3.56
CA SER A 25 -8.42 5.38 -3.64
C SER A 25 -8.11 3.92 -3.96
N ARG A 26 -6.94 3.78 -4.49
CA ARG A 26 -6.39 2.54 -4.88
C ARG A 26 -4.94 2.51 -4.44
N LEU A 27 -4.59 1.49 -3.70
CA LEU A 27 -3.23 1.35 -3.24
C LEU A 27 -2.40 0.97 -4.45
N LYS A 28 -1.64 1.92 -4.96
CA LYS A 28 -0.86 1.71 -6.17
C LYS A 28 0.63 1.89 -5.93
N TRP A 29 1.37 0.82 -6.09
CA TRP A 29 2.80 0.89 -5.97
C TRP A 29 3.38 0.73 -7.37
N THR A 30 4.42 1.45 -7.65
CA THR A 30 5.03 1.42 -8.96
C THR A 30 6.52 1.16 -8.86
N GLY A 31 7.05 0.39 -9.80
CA GLY A 31 8.47 0.08 -9.81
C GLY A 31 9.34 1.25 -10.24
N GLU A 32 10.63 1.00 -10.33
CA GLU A 32 11.60 2.02 -10.71
C GLU A 32 11.40 2.51 -12.15
N GLY A 33 11.29 1.59 -13.09
CA GLY A 33 11.10 1.96 -14.48
C GLY A 33 9.91 1.27 -15.11
N LYS A 34 8.73 1.77 -14.81
CA LYS A 34 7.49 1.22 -15.36
C LYS A 34 6.36 2.23 -15.19
N THR A 35 5.70 2.54 -16.29
CA THR A 35 4.60 3.50 -16.29
C THR A 35 3.39 2.94 -15.55
N THR A 36 3.13 1.66 -15.74
CA THR A 36 2.02 0.99 -15.09
C THR A 36 2.39 0.52 -13.68
N PRO A 37 1.53 0.81 -12.70
CA PRO A 37 1.78 0.40 -11.31
C PRO A 37 1.86 -1.11 -11.18
N SER A 38 2.85 -1.57 -10.43
CA SER A 38 3.04 -2.99 -10.22
C SER A 38 2.07 -3.52 -9.18
N VAL A 39 1.54 -2.61 -8.37
CA VAL A 39 0.57 -2.98 -7.34
C VAL A 39 -0.62 -2.03 -7.42
N ASP A 40 -1.64 -2.41 -8.19
CA ASP A 40 -2.84 -1.59 -8.28
C ASP A 40 -4.00 -2.34 -7.67
N ILE A 41 -4.25 -2.07 -6.41
CA ILE A 41 -5.32 -2.74 -5.70
C ILE A 41 -6.23 -1.71 -5.02
N ALA A 42 -7.51 -1.74 -5.35
CA ALA A 42 -8.46 -0.82 -4.76
C ALA A 42 -8.71 -1.19 -3.32
N PHE A 43 -9.25 -0.26 -2.55
CA PHE A 43 -9.49 -0.48 -1.12
C PHE A 43 -10.49 -1.61 -0.82
N ASP A 44 -11.29 -2.01 -1.79
CA ASP A 44 -12.25 -3.09 -1.57
C ASP A 44 -11.52 -4.41 -1.74
N ALA A 45 -10.32 -4.30 -2.29
CA ALA A 45 -9.45 -5.43 -2.52
C ALA A 45 -8.35 -5.42 -1.46
N ILE A 46 -8.56 -4.64 -0.42
CA ILE A 46 -7.64 -4.57 0.69
C ILE A 46 -8.41 -4.94 1.93
N SER A 47 -8.20 -6.14 2.39
CA SER A 47 -8.93 -6.66 3.52
C SER A 47 -8.31 -6.17 4.83
N ASN A 48 -7.00 -5.96 4.81
CA ASN A 48 -6.25 -5.49 5.98
C ASN A 48 -4.78 -5.36 5.59
N LEU A 49 -3.95 -4.83 6.48
CA LEU A 49 -2.54 -4.68 6.19
C LEU A 49 -1.73 -4.69 7.49
N GLN A 50 -0.43 -4.93 7.37
CA GLN A 50 0.46 -4.95 8.53
C GLN A 50 1.74 -4.19 8.23
N THR A 51 2.11 -3.29 9.11
CA THR A 51 3.31 -2.48 8.94
C THR A 51 4.36 -2.85 9.97
N THR A 52 5.61 -2.54 9.68
CA THR A 52 6.70 -2.82 10.60
C THR A 52 6.48 -2.13 11.95
N PRO A 53 6.93 -2.74 13.04
CA PRO A 53 6.81 -2.12 14.37
C PRO A 53 7.72 -0.90 14.47
N ALA A 54 7.26 0.14 15.14
CA ALA A 54 8.03 1.38 15.30
C ALA A 54 9.16 1.21 16.33
N SER A 55 9.85 0.08 16.23
CA SER A 55 10.96 -0.24 17.12
C SER A 55 11.89 -1.21 16.41
N ASN A 56 11.97 -1.07 15.09
CA ASN A 56 12.81 -1.94 14.29
C ASN A 56 13.46 -1.17 13.16
N PRO A 57 14.72 -1.51 12.81
CA PRO A 57 15.45 -0.85 11.73
C PRO A 57 14.76 -1.07 10.38
N LYS A 58 14.16 -2.24 10.23
CA LYS A 58 13.45 -2.58 9.01
C LYS A 58 12.06 -1.96 9.05
N VAL A 59 11.73 -1.22 8.00
CA VAL A 59 10.44 -0.56 7.88
C VAL A 59 9.74 -1.01 6.61
N MET A 60 8.55 -1.56 6.75
CA MET A 60 7.80 -2.04 5.59
C MET A 60 6.28 -1.89 5.76
N ILE A 61 5.57 -2.21 4.69
CA ILE A 61 4.11 -2.19 4.65
C ILE A 61 3.63 -3.46 3.93
N ARG A 62 2.86 -4.28 4.64
CA ARG A 62 2.32 -5.50 4.07
C ARG A 62 0.84 -5.33 3.86
N VAL A 63 0.33 -5.75 2.71
CA VAL A 63 -1.09 -5.59 2.44
C VAL A 63 -1.76 -6.92 2.13
N PHE A 64 -2.91 -7.14 2.73
CA PHE A 64 -3.69 -8.35 2.51
C PHE A 64 -4.80 -8.02 1.54
N ILE A 65 -4.71 -8.60 0.35
CA ILE A 65 -5.64 -8.31 -0.73
C ILE A 65 -6.85 -9.24 -0.78
N VAL A 66 -8.02 -8.61 -0.88
CA VAL A 66 -9.28 -9.31 -1.06
C VAL A 66 -9.41 -9.44 -2.55
N VAL A 67 -10.26 -10.29 -3.07
CA VAL A 67 -10.29 -10.39 -4.52
C VAL A 67 -11.07 -9.29 -5.15
N LYS A 68 -10.36 -8.50 -5.91
CA LYS A 68 -10.95 -7.48 -6.70
C LYS A 68 -11.51 -8.23 -7.89
N GLU A 69 -12.65 -7.83 -8.42
CA GLU A 69 -13.22 -8.57 -9.54
C GLU A 69 -12.21 -8.65 -10.69
N GLY A 70 -11.97 -9.85 -11.16
CA GLY A 70 -11.02 -10.06 -12.24
C GLY A 70 -9.59 -10.14 -11.72
N GLU A 71 -9.44 -10.62 -10.49
CA GLU A 71 -8.15 -10.74 -9.85
C GLU A 71 -8.14 -11.96 -8.92
N ASP A 72 -7.17 -12.02 -8.00
CA ASP A 72 -7.05 -13.12 -7.06
C ASP A 72 -6.60 -12.59 -5.70
N PRO A 73 -7.01 -13.26 -4.59
CA PRO A 73 -6.62 -12.84 -3.25
C PRO A 73 -5.13 -13.09 -3.00
N THR A 74 -4.41 -12.06 -2.58
CA THR A 74 -2.98 -12.18 -2.36
C THR A 74 -2.50 -11.24 -1.25
N SER A 75 -1.23 -11.33 -0.89
CA SER A 75 -0.65 -10.45 0.10
C SER A 75 0.65 -9.90 -0.46
N LEU A 76 0.80 -8.58 -0.46
CA LEU A 76 1.98 -7.94 -1.01
C LEU A 76 2.79 -7.26 0.08
N VAL A 77 4.08 -7.08 -0.18
CA VAL A 77 4.95 -6.43 0.79
C VAL A 77 5.77 -5.33 0.14
N PHE A 78 5.73 -4.16 0.75
CA PHE A 78 6.48 -3.01 0.28
C PHE A 78 7.51 -2.65 1.33
N HIS A 79 8.76 -2.98 1.07
CA HIS A 79 9.83 -2.72 2.02
C HIS A 79 10.34 -1.28 1.90
N PHE A 80 10.13 -0.49 2.93
CA PHE A 80 10.62 0.88 2.94
C PHE A 80 12.02 0.86 3.54
N THR A 81 12.47 -0.34 3.89
CA THR A 81 13.77 -0.56 4.51
C THR A 81 14.91 -0.01 3.66
N GLY A 82 14.66 0.18 2.37
CA GLY A 82 15.67 0.73 1.48
C GLY A 82 15.34 2.17 1.13
N THR A 83 14.51 2.77 1.97
CA THR A 83 14.08 4.15 1.78
C THR A 83 14.51 5.00 2.98
N PRO A 84 15.12 6.16 2.73
CA PRO A 84 15.57 7.07 3.79
C PRO A 84 14.44 7.41 4.76
N ASN A 85 13.32 7.87 4.21
CA ASN A 85 12.17 8.25 5.01
C ASN A 85 11.13 7.13 5.04
N ALA A 86 11.61 5.92 5.27
CA ALA A 86 10.80 4.71 5.31
C ALA A 86 9.65 4.78 6.31
N ARG A 87 9.97 5.00 7.58
CA ARG A 87 8.96 4.98 8.64
C ARG A 87 8.00 6.17 8.60
N GLU A 88 8.50 7.36 8.33
CA GLU A 88 7.64 8.54 8.30
C GLU A 88 6.69 8.44 7.13
N ASN A 89 7.19 8.04 5.98
CA ASN A 89 6.33 7.88 4.81
C ASN A 89 5.45 6.66 5.01
N CYS A 90 6.00 5.65 5.67
CA CYS A 90 5.28 4.42 5.96
C CYS A 90 4.01 4.74 6.72
N ASP A 91 4.13 5.50 7.81
CA ASP A 91 2.96 5.87 8.60
C ASP A 91 2.02 6.72 7.77
N MET A 92 2.59 7.70 7.05
CA MET A 92 1.81 8.58 6.19
C MET A 92 0.98 7.74 5.23
N ILE A 93 1.63 6.72 4.64
CA ILE A 93 0.96 5.81 3.73
C ILE A 93 -0.08 5.02 4.51
N THR A 94 0.40 4.25 5.49
CA THR A 94 -0.45 3.39 6.32
C THR A 94 -1.68 4.09 6.88
N ASN A 95 -1.47 5.25 7.50
CA ASN A 95 -2.58 5.99 8.09
C ASN A 95 -3.62 6.36 7.05
N GLU A 96 -3.20 7.07 6.02
CA GLU A 96 -4.12 7.48 4.97
C GLU A 96 -4.67 6.26 4.22
N LEU A 97 -3.80 5.27 4.04
CA LEU A 97 -4.17 4.03 3.38
C LEU A 97 -5.29 3.37 4.17
N ARG A 98 -5.00 3.00 5.42
CA ARG A 98 -5.97 2.36 6.29
C ARG A 98 -7.23 3.22 6.43
N ASN A 99 -7.04 4.53 6.62
CA ASN A 99 -8.16 5.47 6.75
C ASN A 99 -9.07 5.38 5.53
N ALA A 100 -8.47 5.49 4.35
CA ALA A 100 -9.22 5.44 3.10
C ALA A 100 -9.74 4.04 2.82
N ILE A 101 -8.98 3.01 3.19
CA ILE A 101 -9.39 1.64 2.99
C ILE A 101 -10.66 1.35 3.81
N GLN A 102 -10.62 1.75 5.08
CA GLN A 102 -11.73 1.55 6.00
C GLN A 102 -13.02 2.12 5.43
N ARG A 103 -12.93 3.33 4.89
CA ARG A 103 -14.09 3.99 4.31
C ARG A 103 -14.72 3.11 3.23
N GLN A 104 -13.87 2.41 2.47
CA GLN A 104 -14.34 1.54 1.41
C GLN A 104 -14.72 0.15 1.95
N ARG A 105 -14.19 -0.18 3.12
CA ARG A 105 -14.48 -1.48 3.74
C ARG A 105 -15.83 -1.45 4.41
N GLU A 106 -16.00 -0.53 5.35
CA GLU A 106 -17.26 -0.38 6.08
C GLU A 106 -18.41 -0.07 5.11
N GLY A 107 -18.07 0.60 4.02
CA GLY A 107 -19.05 0.93 3.01
C GLY A 107 -18.65 0.37 1.67
N SER A 108 -18.59 -0.95 1.58
CA SER A 108 -18.19 -1.61 0.36
C SER A 108 -19.39 -2.11 -0.45
N GLN A 109 -19.10 -2.94 -1.44
CA GLN A 109 -20.12 -3.52 -2.31
C GLN A 109 -20.98 -4.54 -1.55
N SER A 110 -20.48 -5.00 -0.42
CA SER A 110 -21.19 -5.97 0.40
C SER A 110 -20.47 -6.15 1.73
N LYS A 111 -19.16 -6.35 1.63
CA LYS A 111 -18.30 -6.53 2.78
C LYS A 111 -16.87 -6.68 2.32
N MET A 4 -6.81 10.61 -5.12
CA MET A 4 -7.29 11.93 -5.58
C MET A 4 -7.30 12.90 -4.40
N GLY A 5 -8.39 12.92 -3.64
CA GLY A 5 -8.45 13.77 -2.47
C GLY A 5 -7.60 13.16 -1.39
N ASP A 6 -7.34 11.88 -1.60
CA ASP A 6 -6.52 11.05 -0.75
C ASP A 6 -5.28 10.72 -1.55
N ARG A 7 -4.10 11.03 -1.02
CA ARG A 7 -2.88 10.75 -1.73
C ARG A 7 -1.66 10.84 -0.83
N VAL A 8 -0.86 9.79 -0.82
CA VAL A 8 0.36 9.74 -0.03
C VAL A 8 1.38 8.91 -0.76
N GLU A 9 2.59 9.42 -0.81
CA GLU A 9 3.66 8.76 -1.48
C GLU A 9 4.78 8.37 -0.52
N ALA A 10 5.26 7.14 -0.69
CA ALA A 10 6.32 6.57 0.12
C ALA A 10 6.93 5.42 -0.66
N LEU A 11 8.15 5.56 -1.12
CA LEU A 11 8.72 4.48 -1.90
C LEU A 11 9.07 3.29 -1.02
N ALA A 12 8.95 2.12 -1.61
CA ALA A 12 9.21 0.87 -0.91
C ALA A 12 9.63 -0.19 -1.91
N ILE A 13 10.19 -1.27 -1.40
CA ILE A 13 10.64 -2.38 -2.21
C ILE A 13 9.56 -3.44 -2.35
N PHE A 14 9.08 -3.61 -3.57
CA PHE A 14 8.09 -4.62 -3.85
C PHE A 14 8.70 -5.59 -4.85
N ARG A 15 8.87 -6.84 -4.43
CA ARG A 15 9.48 -7.86 -5.28
C ARG A 15 10.85 -7.40 -5.79
N LYS A 16 11.66 -6.90 -4.86
CA LYS A 16 13.00 -6.39 -5.13
C LYS A 16 13.03 -5.09 -5.92
N LYS A 17 11.87 -4.55 -6.23
CA LYS A 17 11.81 -3.29 -6.94
C LYS A 17 11.57 -2.18 -5.93
N GLN A 18 12.36 -1.14 -6.00
CA GLN A 18 12.19 -0.03 -5.09
C GLN A 18 11.53 1.11 -5.85
N GLY A 19 10.27 1.30 -5.58
CA GLY A 19 9.53 2.31 -6.26
C GLY A 19 8.61 3.05 -5.34
N VAL A 20 7.87 3.98 -5.88
CA VAL A 20 7.00 4.82 -5.08
C VAL A 20 5.67 4.14 -4.77
N LEU A 21 5.29 4.14 -3.50
CA LEU A 21 4.02 3.58 -3.07
C LEU A 21 3.05 4.75 -2.91
N SER A 22 2.00 4.79 -3.71
CA SER A 22 1.05 5.89 -3.66
C SER A 22 -0.35 5.42 -3.27
N ILE A 23 -1.08 6.26 -2.55
CA ILE A 23 -2.43 5.94 -2.08
C ILE A 23 -3.48 6.87 -2.69
N ASP A 24 -4.22 6.42 -3.70
CA ASP A 24 -5.26 7.25 -4.32
C ASP A 24 -6.50 6.42 -4.62
N SER A 25 -7.33 6.14 -3.59
CA SER A 25 -8.58 5.34 -3.68
C SER A 25 -8.24 3.88 -4.00
N ARG A 26 -7.04 3.74 -4.45
CA ARG A 26 -6.47 2.51 -4.83
C ARG A 26 -5.04 2.51 -4.33
N LEU A 27 -4.65 1.43 -3.72
CA LEU A 27 -3.30 1.30 -3.24
C LEU A 27 -2.44 0.96 -4.43
N LYS A 28 -1.68 1.94 -4.92
CA LYS A 28 -0.86 1.74 -6.11
C LYS A 28 0.61 1.94 -5.84
N TRP A 29 1.38 0.88 -5.96
CA TRP A 29 2.81 0.96 -5.80
C TRP A 29 3.42 0.82 -7.18
N THR A 30 4.50 1.52 -7.42
CA THR A 30 5.13 1.47 -8.73
C THR A 30 6.63 1.23 -8.61
N GLY A 31 7.15 0.31 -9.42
CA GLY A 31 8.56 0.01 -9.39
C GLY A 31 9.33 0.71 -10.49
N GLU A 32 10.65 0.76 -10.36
CA GLU A 32 11.48 1.42 -11.34
C GLU A 32 11.38 0.70 -12.70
N GLY A 33 11.34 1.48 -13.76
CA GLY A 33 11.24 0.90 -15.09
C GLY A 33 9.80 0.66 -15.50
N LYS A 34 8.87 0.94 -14.60
CA LYS A 34 7.46 0.74 -14.88
C LYS A 34 6.73 2.07 -14.92
N THR A 35 6.15 2.39 -16.08
CA THR A 35 5.40 3.62 -16.25
C THR A 35 4.07 3.53 -15.52
N THR A 36 3.58 2.30 -15.40
CA THR A 36 2.33 2.03 -14.72
C THR A 36 2.60 1.34 -13.39
N PRO A 37 1.73 1.50 -12.39
CA PRO A 37 1.90 0.87 -11.08
C PRO A 37 2.04 -0.64 -11.18
N SER A 38 2.80 -1.21 -10.26
CA SER A 38 3.01 -2.65 -10.21
C SER A 38 1.98 -3.26 -9.26
N VAL A 39 1.62 -2.49 -8.24
CA VAL A 39 0.63 -2.92 -7.27
C VAL A 39 -0.55 -1.98 -7.36
N ASP A 40 -1.52 -2.32 -8.18
CA ASP A 40 -2.71 -1.49 -8.30
C ASP A 40 -3.90 -2.26 -7.77
N ILE A 41 -4.21 -2.04 -6.51
CA ILE A 41 -5.31 -2.72 -5.86
C ILE A 41 -6.21 -1.72 -5.13
N ALA A 42 -7.49 -1.73 -5.46
CA ALA A 42 -8.43 -0.81 -4.82
C ALA A 42 -8.67 -1.19 -3.38
N PHE A 43 -9.23 -0.28 -2.61
CA PHE A 43 -9.46 -0.53 -1.18
C PHE A 43 -10.51 -1.62 -0.94
N ASP A 44 -11.29 -1.94 -1.96
CA ASP A 44 -12.29 -2.97 -1.87
C ASP A 44 -11.61 -4.32 -1.97
N ALA A 45 -10.37 -4.26 -2.43
CA ALA A 45 -9.52 -5.42 -2.59
C ALA A 45 -8.46 -5.43 -1.51
N ILE A 46 -8.72 -4.67 -0.45
CA ILE A 46 -7.82 -4.62 0.68
C ILE A 46 -8.63 -5.01 1.88
N SER A 47 -8.39 -6.21 2.34
CA SER A 47 -9.12 -6.75 3.45
C SER A 47 -8.54 -6.28 4.77
N ASN A 48 -7.21 -6.12 4.78
CA ASN A 48 -6.47 -5.67 5.96
C ASN A 48 -4.99 -5.61 5.61
N LEU A 49 -4.16 -5.12 6.50
CA LEU A 49 -2.72 -5.06 6.23
C LEU A 49 -1.91 -5.10 7.53
N GLN A 50 -0.59 -5.24 7.38
CA GLN A 50 0.30 -5.28 8.53
C GLN A 50 1.56 -4.46 8.22
N THR A 51 1.87 -3.52 9.07
CA THR A 51 3.03 -2.66 8.89
C THR A 51 4.08 -2.96 9.95
N THR A 52 5.34 -2.60 9.67
CA THR A 52 6.41 -2.82 10.62
C THR A 52 6.10 -2.15 11.97
N PRO A 53 6.70 -2.64 13.07
CA PRO A 53 6.47 -2.09 14.42
C PRO A 53 7.20 -0.77 14.67
N ALA A 54 7.57 -0.08 13.58
CA ALA A 54 8.28 1.22 13.65
C ALA A 54 9.71 1.08 14.18
N SER A 55 9.84 0.54 15.38
CA SER A 55 11.14 0.34 16.01
C SER A 55 11.88 -0.85 15.39
N ASN A 56 12.21 -0.73 14.11
CA ASN A 56 12.93 -1.77 13.40
C ASN A 56 13.49 -1.19 12.11
N PRO A 57 14.79 -1.41 11.85
CA PRO A 57 15.46 -0.90 10.65
C PRO A 57 14.80 -1.41 9.37
N LYS A 58 14.23 -2.60 9.44
CA LYS A 58 13.57 -3.20 8.29
C LYS A 58 12.12 -2.77 8.23
N VAL A 59 11.90 -1.48 8.02
CA VAL A 59 10.55 -0.90 7.95
C VAL A 59 9.86 -1.36 6.67
N MET A 60 8.64 -1.86 6.82
CA MET A 60 7.89 -2.34 5.67
C MET A 60 6.37 -2.13 5.82
N ILE A 61 5.64 -2.45 4.75
CA ILE A 61 4.18 -2.39 4.73
C ILE A 61 3.66 -3.62 3.98
N ARG A 62 2.86 -4.43 4.67
CA ARG A 62 2.28 -5.62 4.07
C ARG A 62 0.80 -5.41 3.90
N VAL A 63 0.25 -5.80 2.76
CA VAL A 63 -1.17 -5.61 2.53
C VAL A 63 -1.83 -6.93 2.15
N PHE A 64 -2.99 -7.18 2.73
CA PHE A 64 -3.75 -8.39 2.44
C PHE A 64 -4.88 -8.03 1.49
N ILE A 65 -4.80 -8.57 0.29
CA ILE A 65 -5.75 -8.27 -0.76
C ILE A 65 -6.94 -9.22 -0.82
N VAL A 66 -8.13 -8.62 -0.89
CA VAL A 66 -9.37 -9.36 -1.03
C VAL A 66 -9.48 -9.63 -2.52
N VAL A 67 -10.29 -10.56 -2.95
CA VAL A 67 -10.31 -10.82 -4.36
C VAL A 67 -11.14 -9.81 -5.11
N LYS A 68 -10.47 -8.96 -5.82
CA LYS A 68 -11.16 -8.06 -6.68
C LYS A 68 -11.42 -8.90 -7.92
N GLU A 69 -12.64 -8.87 -8.43
CA GLU A 69 -13.00 -9.71 -9.57
C GLU A 69 -11.94 -9.63 -10.67
N GLY A 70 -11.38 -10.78 -11.00
CA GLY A 70 -10.35 -10.85 -12.02
C GLY A 70 -9.05 -11.45 -11.54
N GLU A 71 -8.93 -11.73 -10.24
CA GLU A 71 -7.70 -12.30 -9.70
C GLU A 71 -7.99 -13.20 -8.51
N ASP A 72 -7.02 -13.32 -7.60
CA ASP A 72 -7.16 -14.15 -6.41
C ASP A 72 -6.67 -13.39 -5.17
N PRO A 73 -7.04 -13.83 -3.95
CA PRO A 73 -6.60 -13.16 -2.72
C PRO A 73 -5.09 -13.28 -2.58
N THR A 74 -4.40 -12.15 -2.39
CA THR A 74 -2.95 -12.18 -2.28
C THR A 74 -2.45 -11.18 -1.25
N SER A 75 -1.26 -11.41 -0.72
CA SER A 75 -0.66 -10.50 0.23
C SER A 75 0.61 -9.92 -0.37
N LEU A 76 0.72 -8.60 -0.38
CA LEU A 76 1.88 -7.94 -0.97
C LEU A 76 2.73 -7.29 0.11
N VAL A 77 4.03 -7.14 -0.17
CA VAL A 77 4.92 -6.53 0.79
C VAL A 77 5.74 -5.42 0.16
N PHE A 78 5.71 -4.26 0.79
CA PHE A 78 6.46 -3.11 0.34
C PHE A 78 7.47 -2.75 1.42
N HIS A 79 8.73 -3.07 1.17
CA HIS A 79 9.78 -2.81 2.14
C HIS A 79 10.28 -1.38 2.05
N PHE A 80 10.08 -0.61 3.09
CA PHE A 80 10.53 0.77 3.13
C PHE A 80 11.96 0.79 3.67
N THR A 81 12.46 -0.41 3.97
CA THR A 81 13.78 -0.61 4.53
C THR A 81 14.87 0.09 3.71
N GLY A 82 14.65 0.22 2.40
CA GLY A 82 15.62 0.88 1.54
C GLY A 82 15.22 2.31 1.24
N THR A 83 14.33 2.83 2.08
CA THR A 83 13.84 4.18 1.93
C THR A 83 14.34 5.07 3.06
N PRO A 84 14.91 6.24 2.72
CA PRO A 84 15.45 7.18 3.72
C PRO A 84 14.43 7.51 4.80
N ASN A 85 13.18 7.69 4.40
CA ASN A 85 12.10 8.02 5.34
C ASN A 85 11.07 6.90 5.38
N ALA A 86 11.57 5.70 5.63
CA ALA A 86 10.76 4.48 5.70
C ALA A 86 9.63 4.55 6.73
N ARG A 87 9.97 4.75 7.99
CA ARG A 87 8.97 4.73 9.07
C ARG A 87 7.96 5.87 8.99
N GLU A 88 8.43 7.07 8.76
CA GLU A 88 7.56 8.23 8.69
C GLU A 88 6.60 8.14 7.52
N ASN A 89 7.14 7.77 6.37
CA ASN A 89 6.30 7.63 5.19
C ASN A 89 5.44 6.38 5.32
N CYS A 90 5.97 5.38 6.02
CA CYS A 90 5.23 4.13 6.25
C CYS A 90 3.95 4.45 7.00
N ASP A 91 4.07 5.21 8.09
CA ASP A 91 2.89 5.59 8.88
C ASP A 91 1.99 6.47 8.04
N MET A 92 2.59 7.43 7.33
CA MET A 92 1.85 8.32 6.46
C MET A 92 1.02 7.49 5.47
N ILE A 93 1.65 6.47 4.91
CA ILE A 93 0.95 5.58 3.98
C ILE A 93 -0.13 4.83 4.73
N THR A 94 0.27 4.12 5.78
CA THR A 94 -0.66 3.32 6.60
C THR A 94 -1.87 4.12 7.04
N ASN A 95 -1.64 5.31 7.58
CA ASN A 95 -2.73 6.17 8.03
C ASN A 95 -3.67 6.49 6.89
N GLU A 96 -3.11 7.13 5.86
CA GLU A 96 -3.88 7.50 4.68
C GLU A 96 -4.56 6.26 4.07
N LEU A 97 -3.75 5.22 3.88
CA LEU A 97 -4.21 3.97 3.31
C LEU A 97 -5.36 3.39 4.11
N ARG A 98 -5.12 3.06 5.38
CA ARG A 98 -6.12 2.46 6.24
C ARG A 98 -7.36 3.33 6.36
N ASN A 99 -7.18 4.63 6.52
CA ASN A 99 -8.31 5.55 6.65
C ASN A 99 -9.10 5.61 5.35
N ALA A 100 -8.40 5.65 4.23
CA ALA A 100 -9.04 5.69 2.92
C ALA A 100 -9.69 4.34 2.62
N ILE A 101 -9.03 3.26 3.03
CA ILE A 101 -9.57 1.92 2.81
C ILE A 101 -10.91 1.80 3.54
N GLN A 102 -10.94 2.33 4.77
CA GLN A 102 -12.16 2.31 5.58
C GLN A 102 -13.27 3.05 4.86
N ARG A 103 -12.93 4.22 4.31
CA ARG A 103 -13.89 5.04 3.57
C ARG A 103 -14.53 4.22 2.45
N GLN A 104 -13.74 3.34 1.83
CA GLN A 104 -14.23 2.49 0.75
C GLN A 104 -15.09 1.37 1.32
N ARG A 105 -14.78 0.96 2.54
CA ARG A 105 -15.52 -0.10 3.22
C ARG A 105 -16.92 0.38 3.57
N GLU A 106 -17.02 1.60 4.08
CA GLU A 106 -18.30 2.19 4.42
C GLU A 106 -19.17 2.31 3.17
N GLY A 107 -18.51 2.43 2.02
CA GLY A 107 -19.20 2.54 0.76
C GLY A 107 -19.50 1.19 0.14
N SER A 108 -19.11 0.12 0.83
CA SER A 108 -19.35 -1.24 0.35
C SER A 108 -20.71 -1.75 0.84
N GLN A 109 -21.60 -0.82 1.14
CA GLN A 109 -22.93 -1.16 1.63
C GLN A 109 -23.84 -1.57 0.48
N SER A 110 -24.00 -2.88 0.30
CA SER A 110 -24.83 -3.41 -0.75
C SER A 110 -26.31 -3.32 -0.38
N LYS A 111 -26.96 -2.26 -0.85
CA LYS A 111 -28.37 -2.03 -0.58
C LYS A 111 -28.85 -0.90 -1.48
N MET A 4 -6.73 11.42 6.70
CA MET A 4 -7.60 12.55 6.31
C MET A 4 -8.12 12.36 4.90
N GLY A 5 -7.21 12.23 3.94
CA GLY A 5 -7.58 12.03 2.57
C GLY A 5 -7.02 10.73 2.04
N ASP A 6 -6.80 10.66 0.74
CA ASP A 6 -6.26 9.45 0.15
C ASP A 6 -5.30 9.77 -0.99
N ARG A 7 -4.13 10.30 -0.62
CA ARG A 7 -3.05 10.59 -1.55
C ARG A 7 -1.75 10.81 -0.77
N VAL A 8 -0.88 9.83 -0.84
CA VAL A 8 0.41 9.87 -0.15
C VAL A 8 1.44 9.11 -0.94
N GLU A 9 2.64 9.65 -0.95
CA GLU A 9 3.75 9.07 -1.64
C GLU A 9 4.84 8.63 -0.67
N ALA A 10 5.34 7.42 -0.89
CA ALA A 10 6.39 6.80 -0.05
C ALA A 10 6.99 5.65 -0.82
N LEU A 11 8.23 5.75 -1.24
CA LEU A 11 8.80 4.67 -2.00
C LEU A 11 9.13 3.48 -1.11
N ALA A 12 8.97 2.29 -1.66
CA ALA A 12 9.22 1.06 -0.95
C ALA A 12 9.64 -0.03 -1.92
N ILE A 13 10.19 -1.10 -1.40
CA ILE A 13 10.64 -2.22 -2.20
C ILE A 13 9.55 -3.27 -2.33
N PHE A 14 9.05 -3.45 -3.54
CA PHE A 14 8.04 -4.45 -3.82
C PHE A 14 8.63 -5.49 -4.76
N ARG A 15 8.64 -6.75 -4.34
CA ARG A 15 9.20 -7.84 -5.14
C ARG A 15 10.65 -7.54 -5.55
N LYS A 16 11.38 -6.89 -4.63
CA LYS A 16 12.78 -6.51 -4.82
C LYS A 16 12.92 -5.33 -5.78
N LYS A 17 11.87 -4.55 -5.88
CA LYS A 17 11.86 -3.36 -6.71
C LYS A 17 11.65 -2.14 -5.83
N GLN A 18 12.48 -1.14 -5.96
CA GLN A 18 12.35 0.04 -5.15
C GLN A 18 11.64 1.10 -5.96
N GLY A 19 10.41 1.33 -5.62
CA GLY A 19 9.63 2.30 -6.34
C GLY A 19 8.73 3.09 -5.43
N VAL A 20 8.02 4.04 -6.00
CA VAL A 20 7.16 4.90 -5.23
C VAL A 20 5.83 4.23 -4.91
N LEU A 21 5.47 4.25 -3.64
CA LEU A 21 4.20 3.70 -3.20
C LEU A 21 3.23 4.88 -3.03
N SER A 22 2.23 4.95 -3.88
CA SER A 22 1.28 6.04 -3.84
C SER A 22 -0.13 5.54 -3.49
N ILE A 23 -0.90 6.38 -2.83
CA ILE A 23 -2.26 6.03 -2.41
C ILE A 23 -3.29 6.99 -3.00
N ASP A 24 -4.05 6.55 -4.00
CA ASP A 24 -5.08 7.43 -4.58
C ASP A 24 -6.34 6.61 -4.86
N SER A 25 -7.14 6.35 -3.80
CA SER A 25 -8.40 5.54 -3.84
C SER A 25 -8.08 4.09 -4.14
N ARG A 26 -6.87 3.93 -4.60
CA ARG A 26 -6.30 2.68 -4.95
C ARG A 26 -4.88 2.68 -4.47
N LEU A 27 -4.50 1.62 -3.80
CA LEU A 27 -3.16 1.49 -3.32
C LEU A 27 -2.30 1.13 -4.52
N LYS A 28 -1.54 2.12 -5.00
CA LYS A 28 -0.72 1.94 -6.19
C LYS A 28 0.77 2.07 -5.93
N TRP A 29 1.48 0.98 -6.10
CA TRP A 29 2.92 1.02 -5.96
C TRP A 29 3.52 0.86 -7.34
N THR A 30 4.62 1.55 -7.57
CA THR A 30 5.27 1.50 -8.87
C THR A 30 6.77 1.32 -8.72
N GLY A 31 7.36 0.47 -9.56
CA GLY A 31 8.78 0.24 -9.50
C GLY A 31 9.62 1.42 -9.96
N GLU A 32 10.92 1.28 -9.83
CA GLU A 32 11.86 2.33 -10.20
C GLU A 32 11.79 2.64 -11.70
N GLY A 33 11.27 3.81 -12.03
CA GLY A 33 11.16 4.23 -13.42
C GLY A 33 10.28 3.31 -14.24
N LYS A 34 9.14 2.94 -13.69
CA LYS A 34 8.21 2.07 -14.39
C LYS A 34 7.01 2.89 -14.86
N THR A 35 6.63 2.70 -16.12
CA THR A 35 5.51 3.42 -16.70
C THR A 35 4.17 2.78 -16.36
N THR A 36 4.20 1.80 -15.47
CA THR A 36 2.99 1.11 -15.06
C THR A 36 3.08 0.67 -13.59
N PRO A 37 1.99 0.85 -12.83
CA PRO A 37 1.95 0.47 -11.43
C PRO A 37 2.04 -1.04 -11.25
N SER A 38 2.99 -1.48 -10.45
CA SER A 38 3.18 -2.90 -10.20
C SER A 38 2.18 -3.40 -9.16
N VAL A 39 1.67 -2.47 -8.36
CA VAL A 39 0.68 -2.79 -7.35
C VAL A 39 -0.48 -1.83 -7.48
N ASP A 40 -1.47 -2.18 -8.26
CA ASP A 40 -2.64 -1.33 -8.40
C ASP A 40 -3.85 -2.07 -7.89
N ILE A 41 -4.17 -1.85 -6.62
CA ILE A 41 -5.29 -2.53 -6.00
C ILE A 41 -6.19 -1.51 -5.29
N ALA A 42 -7.48 -1.56 -5.59
CA ALA A 42 -8.43 -0.64 -4.98
C ALA A 42 -8.69 -1.01 -3.53
N PHE A 43 -9.27 -0.09 -2.78
CA PHE A 43 -9.55 -0.32 -1.36
C PHE A 43 -10.59 -1.41 -1.12
N ASP A 44 -11.34 -1.75 -2.16
CA ASP A 44 -12.34 -2.80 -2.08
C ASP A 44 -11.64 -4.14 -2.22
N ALA A 45 -10.36 -4.05 -2.55
CA ALA A 45 -9.52 -5.21 -2.73
C ALA A 45 -8.43 -5.20 -1.65
N ILE A 46 -8.67 -4.44 -0.60
CA ILE A 46 -7.76 -4.36 0.53
C ILE A 46 -8.56 -4.71 1.76
N SER A 47 -8.33 -5.90 2.26
CA SER A 47 -9.07 -6.40 3.38
C SER A 47 -8.48 -5.88 4.68
N ASN A 48 -7.16 -5.70 4.69
CA ASN A 48 -6.43 -5.21 5.86
C ASN A 48 -4.95 -5.14 5.51
N LEU A 49 -4.13 -4.59 6.41
CA LEU A 49 -2.70 -4.50 6.16
C LEU A 49 -1.93 -4.48 7.48
N GLN A 50 -0.63 -4.75 7.40
CA GLN A 50 0.23 -4.74 8.57
C GLN A 50 1.49 -3.93 8.28
N THR A 51 1.92 -3.14 9.24
CA THR A 51 3.11 -2.31 9.08
C THR A 51 4.20 -2.74 10.06
N THR A 52 5.43 -2.40 9.75
CA THR A 52 6.55 -2.76 10.62
C THR A 52 6.52 -2.03 11.95
N PRO A 53 7.09 -2.63 13.01
CA PRO A 53 7.18 -1.99 14.30
C PRO A 53 8.36 -1.01 14.32
N ALA A 54 8.26 0.04 15.13
CA ALA A 54 9.30 1.06 15.21
C ALA A 54 10.59 0.50 15.82
N SER A 55 10.50 -0.67 16.44
CA SER A 55 11.66 -1.30 17.07
C SER A 55 12.35 -2.28 16.12
N ASN A 56 12.06 -2.17 14.82
CA ASN A 56 12.65 -3.07 13.84
C ASN A 56 13.30 -2.28 12.71
N PRO A 57 14.64 -2.39 12.58
CA PRO A 57 15.38 -1.72 11.52
C PRO A 57 15.13 -2.39 10.16
N LYS A 58 13.88 -2.37 9.74
CA LYS A 58 13.42 -2.96 8.49
C LYS A 58 11.98 -2.52 8.26
N VAL A 59 11.78 -1.23 8.05
CA VAL A 59 10.44 -0.68 7.87
C VAL A 59 9.79 -1.15 6.59
N MET A 60 8.57 -1.65 6.71
CA MET A 60 7.81 -2.12 5.56
C MET A 60 6.31 -1.91 5.75
N ILE A 61 5.56 -2.23 4.71
CA ILE A 61 4.09 -2.16 4.70
C ILE A 61 3.57 -3.42 3.99
N ARG A 62 2.80 -4.22 4.70
CA ARG A 62 2.21 -5.43 4.13
C ARG A 62 0.74 -5.23 3.91
N VAL A 63 0.24 -5.58 2.75
CA VAL A 63 -1.17 -5.39 2.47
C VAL A 63 -1.85 -6.71 2.11
N PHE A 64 -3.00 -6.95 2.72
CA PHE A 64 -3.78 -8.14 2.46
C PHE A 64 -4.89 -7.79 1.48
N ILE A 65 -4.80 -8.35 0.30
CA ILE A 65 -5.73 -8.05 -0.78
C ILE A 65 -6.94 -8.97 -0.81
N VAL A 66 -8.11 -8.36 -0.88
CA VAL A 66 -9.36 -9.10 -1.01
C VAL A 66 -9.47 -9.44 -2.48
N VAL A 67 -10.28 -10.38 -2.86
CA VAL A 67 -10.32 -10.72 -4.25
C VAL A 67 -11.16 -9.78 -5.06
N LYS A 68 -10.52 -8.94 -5.81
CA LYS A 68 -11.24 -8.11 -6.73
C LYS A 68 -11.64 -9.06 -7.86
N GLU A 69 -12.90 -9.05 -8.25
CA GLU A 69 -13.41 -9.98 -9.27
C GLU A 69 -12.39 -10.29 -10.36
N GLY A 70 -12.24 -11.59 -10.63
CA GLY A 70 -11.29 -12.05 -11.62
C GLY A 70 -9.87 -12.03 -11.10
N GLU A 71 -9.66 -12.62 -9.92
CA GLU A 71 -8.33 -12.67 -9.30
C GLU A 71 -8.34 -13.65 -8.13
N ASP A 72 -7.37 -13.47 -7.23
CA ASP A 72 -7.24 -14.31 -6.04
C ASP A 72 -6.73 -13.46 -4.87
N PRO A 73 -7.11 -13.79 -3.62
CA PRO A 73 -6.67 -13.04 -2.44
C PRO A 73 -5.16 -13.19 -2.26
N THR A 74 -4.45 -12.08 -2.15
CA THR A 74 -3.00 -12.12 -2.01
C THR A 74 -2.48 -11.06 -1.05
N SER A 75 -1.28 -11.24 -0.52
CA SER A 75 -0.69 -10.26 0.37
C SER A 75 0.60 -9.73 -0.25
N LEU A 76 0.71 -8.41 -0.35
CA LEU A 76 1.87 -7.77 -0.94
C LEU A 76 2.72 -7.13 0.13
N VAL A 77 4.01 -6.94 -0.14
CA VAL A 77 4.90 -6.31 0.81
C VAL A 77 5.71 -5.20 0.16
N PHE A 78 5.66 -4.04 0.78
CA PHE A 78 6.40 -2.88 0.32
C PHE A 78 7.42 -2.51 1.40
N HIS A 79 8.67 -2.86 1.16
CA HIS A 79 9.72 -2.60 2.14
C HIS A 79 10.25 -1.18 2.02
N PHE A 80 10.04 -0.38 3.06
CA PHE A 80 10.53 0.98 3.08
C PHE A 80 11.93 0.99 3.69
N THR A 81 12.43 -0.21 3.97
CA THR A 81 13.74 -0.41 4.56
C THR A 81 14.85 0.30 3.78
N GLY A 82 14.64 0.49 2.48
CA GLY A 82 15.62 1.15 1.65
C GLY A 82 15.21 2.58 1.35
N THR A 83 14.34 3.12 2.20
CA THR A 83 13.84 4.46 2.06
C THR A 83 14.27 5.33 3.24
N PRO A 84 14.81 6.53 2.96
CA PRO A 84 15.26 7.46 4.00
C PRO A 84 14.19 7.76 5.04
N ASN A 85 12.97 8.04 4.57
CA ASN A 85 11.85 8.35 5.44
C ASN A 85 10.88 7.18 5.51
N ALA A 86 11.44 5.98 5.60
CA ALA A 86 10.70 4.72 5.67
C ALA A 86 9.54 4.75 6.66
N ARG A 87 9.83 5.00 7.94
CA ARG A 87 8.80 4.98 8.98
C ARG A 87 7.81 6.13 8.85
N GLU A 88 8.33 7.31 8.62
CA GLU A 88 7.50 8.51 8.52
C GLU A 88 6.57 8.40 7.33
N ASN A 89 7.09 7.94 6.22
CA ASN A 89 6.28 7.78 5.03
C ASN A 89 5.40 6.55 5.17
N CYS A 90 5.90 5.55 5.90
CA CYS A 90 5.15 4.32 6.14
C CYS A 90 3.87 4.67 6.86
N ASP A 91 3.98 5.49 7.92
CA ASP A 91 2.80 5.90 8.67
C ASP A 91 1.93 6.78 7.80
N MET A 92 2.57 7.73 7.11
CA MET A 92 1.87 8.62 6.21
C MET A 92 1.02 7.82 5.22
N ILE A 93 1.63 6.78 4.64
CA ILE A 93 0.95 5.90 3.71
C ILE A 93 -0.19 5.20 4.44
N THR A 94 0.18 4.39 5.43
CA THR A 94 -0.77 3.59 6.21
C THR A 94 -1.92 4.42 6.77
N ASN A 95 -1.65 5.61 7.27
CA ASN A 95 -2.68 6.45 7.84
C ASN A 95 -3.74 6.79 6.79
N GLU A 96 -3.33 7.44 5.72
CA GLU A 96 -4.25 7.82 4.67
C GLU A 96 -4.77 6.57 3.96
N LEU A 97 -3.89 5.59 3.80
CA LEU A 97 -4.23 4.33 3.15
C LEU A 97 -5.34 3.65 3.93
N ARG A 98 -5.06 3.29 5.18
CA ARG A 98 -6.05 2.60 6.02
C ARG A 98 -7.34 3.41 6.16
N ASN A 99 -7.20 4.70 6.44
CA ASN A 99 -8.37 5.58 6.58
C ASN A 99 -9.23 5.53 5.33
N ALA A 100 -8.58 5.64 4.17
CA ALA A 100 -9.28 5.61 2.90
C ALA A 100 -9.80 4.21 2.59
N ILE A 101 -9.02 3.19 2.94
CA ILE A 101 -9.42 1.81 2.71
C ILE A 101 -10.73 1.54 3.44
N GLN A 102 -10.75 1.91 4.72
CA GLN A 102 -11.93 1.72 5.55
C GLN A 102 -13.10 2.54 5.02
N ARG A 103 -12.79 3.74 4.53
CA ARG A 103 -13.82 4.60 3.97
C ARG A 103 -14.51 3.94 2.78
N GLN A 104 -13.72 3.19 2.01
CA GLN A 104 -14.23 2.49 0.84
C GLN A 104 -14.88 1.16 1.24
N ARG A 105 -14.21 0.45 2.15
CA ARG A 105 -14.68 -0.85 2.63
C ARG A 105 -15.94 -0.71 3.49
N GLU A 106 -15.78 -0.08 4.65
CA GLU A 106 -16.87 0.11 5.59
C GLU A 106 -18.04 0.87 4.96
N GLY A 107 -17.72 1.88 4.16
CA GLY A 107 -18.74 2.66 3.50
C GLY A 107 -19.38 1.96 2.33
N SER A 108 -18.85 0.77 1.98
CA SER A 108 -19.36 -0.02 0.87
C SER A 108 -19.39 0.81 -0.42
N GLN A 109 -18.41 1.69 -0.55
CA GLN A 109 -18.31 2.57 -1.70
C GLN A 109 -17.39 1.98 -2.74
N SER A 110 -17.71 0.79 -3.23
CA SER A 110 -16.91 0.12 -4.25
C SER A 110 -16.99 0.86 -5.59
N LYS A 111 -16.10 1.82 -5.77
CA LYS A 111 -16.05 2.62 -6.98
C LYS A 111 -14.68 3.28 -7.08
N MET A 4 -10.72 9.24 -1.15
CA MET A 4 -10.69 10.40 -2.08
C MET A 4 -9.88 11.54 -1.45
N GLY A 5 -8.75 11.85 -2.05
CA GLY A 5 -7.90 12.90 -1.51
C GLY A 5 -6.90 12.33 -0.54
N ASP A 6 -6.85 11.01 -0.48
CA ASP A 6 -5.98 10.26 0.41
C ASP A 6 -4.62 10.03 -0.26
N ARG A 7 -4.22 10.98 -1.09
CA ARG A 7 -2.97 10.91 -1.84
C ARG A 7 -1.74 11.00 -0.94
N VAL A 8 -0.99 9.92 -0.89
CA VAL A 8 0.24 9.84 -0.10
C VAL A 8 1.26 9.04 -0.85
N GLU A 9 2.50 9.49 -0.79
CA GLU A 9 3.59 8.85 -1.47
C GLU A 9 4.72 8.46 -0.52
N ALA A 10 5.27 7.29 -0.76
CA ALA A 10 6.36 6.71 0.02
C ALA A 10 6.98 5.58 -0.77
N LEU A 11 8.20 5.73 -1.23
CA LEU A 11 8.79 4.66 -2.02
C LEU A 11 9.11 3.46 -1.14
N ALA A 12 8.98 2.29 -1.73
CA ALA A 12 9.22 1.04 -1.04
C ALA A 12 9.67 -0.03 -2.02
N ILE A 13 10.22 -1.10 -1.50
CA ILE A 13 10.71 -2.20 -2.32
C ILE A 13 9.63 -3.28 -2.46
N PHE A 14 9.24 -3.52 -3.69
CA PHE A 14 8.28 -4.55 -4.01
C PHE A 14 8.96 -5.54 -4.94
N ARG A 15 9.30 -6.72 -4.41
CA ARG A 15 9.99 -7.75 -5.18
C ARG A 15 11.30 -7.19 -5.77
N LYS A 16 12.16 -6.70 -4.87
CA LYS A 16 13.45 -6.11 -5.23
C LYS A 16 13.34 -4.84 -6.06
N LYS A 17 12.14 -4.39 -6.32
CA LYS A 17 11.94 -3.16 -7.05
C LYS A 17 11.69 -2.05 -6.05
N GLN A 18 12.47 -0.99 -6.11
CA GLN A 18 12.28 0.11 -5.17
C GLN A 18 11.67 1.26 -5.92
N GLY A 19 10.40 1.47 -5.69
CA GLY A 19 9.70 2.51 -6.36
C GLY A 19 8.76 3.23 -5.44
N VAL A 20 8.03 4.18 -6.01
CA VAL A 20 7.12 5.00 -5.22
C VAL A 20 5.81 4.27 -4.92
N LEU A 21 5.42 4.28 -3.65
CA LEU A 21 4.16 3.70 -3.23
C LEU A 21 3.17 4.85 -3.08
N SER A 22 2.18 4.90 -3.95
CA SER A 22 1.21 5.98 -3.92
C SER A 22 -0.19 5.48 -3.54
N ILE A 23 -0.94 6.34 -2.86
CA ILE A 23 -2.28 5.99 -2.41
C ILE A 23 -3.33 6.95 -2.99
N ASP A 24 -4.10 6.50 -3.97
CA ASP A 24 -5.16 7.35 -4.52
C ASP A 24 -6.41 6.52 -4.77
N SER A 25 -7.17 6.24 -3.68
CA SER A 25 -8.42 5.45 -3.68
C SER A 25 -8.12 3.98 -4.02
N ARG A 26 -6.97 3.82 -4.61
CA ARG A 26 -6.47 2.56 -4.99
C ARG A 26 -5.00 2.53 -4.62
N LEU A 27 -4.58 1.49 -3.93
CA LEU A 27 -3.19 1.36 -3.53
C LEU A 27 -2.35 1.03 -4.75
N LYS A 28 -1.58 2.01 -5.22
CA LYS A 28 -0.76 1.83 -6.40
C LYS A 28 0.72 2.02 -6.11
N TRP A 29 1.48 0.95 -6.26
CA TRP A 29 2.92 1.01 -6.07
C TRP A 29 3.58 0.85 -7.42
N THR A 30 4.66 1.56 -7.62
CA THR A 30 5.39 1.51 -8.88
C THR A 30 6.87 1.40 -8.64
N GLY A 31 7.55 0.57 -9.42
CA GLY A 31 8.98 0.38 -9.23
C GLY A 31 9.81 0.96 -10.36
N GLU A 32 11.08 1.24 -10.08
CA GLU A 32 11.98 1.79 -11.08
C GLU A 32 12.15 0.80 -12.24
N GLY A 33 12.13 1.35 -13.45
CA GLY A 33 12.25 0.52 -14.63
C GLY A 33 10.90 0.17 -15.20
N LYS A 34 9.86 0.42 -14.40
CA LYS A 34 8.50 0.14 -14.82
C LYS A 34 7.69 1.43 -14.87
N THR A 35 7.35 1.86 -16.07
CA THR A 35 6.56 3.07 -16.27
C THR A 35 5.14 2.87 -15.75
N THR A 36 4.72 1.62 -15.70
CA THR A 36 3.40 1.27 -15.22
C THR A 36 3.49 0.72 -13.80
N PRO A 37 2.45 0.93 -12.98
CA PRO A 37 2.42 0.44 -11.59
C PRO A 37 2.58 -1.08 -11.52
N SER A 38 3.08 -1.55 -10.40
CA SER A 38 3.27 -2.98 -10.20
C SER A 38 2.25 -3.51 -9.19
N VAL A 39 1.83 -2.65 -8.28
CA VAL A 39 0.84 -3.00 -7.29
C VAL A 39 -0.35 -2.07 -7.42
N ASP A 40 -1.33 -2.46 -8.21
CA ASP A 40 -2.51 -1.63 -8.37
C ASP A 40 -3.70 -2.39 -7.84
N ILE A 41 -4.01 -2.17 -6.58
CA ILE A 41 -5.13 -2.84 -5.95
C ILE A 41 -6.01 -1.82 -5.23
N ALA A 42 -7.26 -1.77 -5.63
CA ALA A 42 -8.21 -0.83 -5.05
C ALA A 42 -8.55 -1.22 -3.62
N PHE A 43 -9.11 -0.28 -2.87
CA PHE A 43 -9.46 -0.53 -1.46
C PHE A 43 -10.54 -1.59 -1.30
N ASP A 44 -11.23 -1.91 -2.38
CA ASP A 44 -12.26 -2.92 -2.36
C ASP A 44 -11.59 -4.28 -2.43
N ALA A 45 -10.30 -4.24 -2.74
CA ALA A 45 -9.47 -5.41 -2.85
C ALA A 45 -8.39 -5.36 -1.78
N ILE A 46 -8.62 -4.53 -0.78
CA ILE A 46 -7.71 -4.44 0.35
C ILE A 46 -8.52 -4.65 1.59
N SER A 47 -8.23 -5.74 2.25
CA SER A 47 -8.98 -6.11 3.42
C SER A 47 -8.36 -5.50 4.67
N ASN A 48 -7.03 -5.37 4.66
CA ASN A 48 -6.28 -4.81 5.78
C ASN A 48 -4.79 -4.81 5.45
N LEU A 49 -3.98 -4.22 6.32
CA LEU A 49 -2.54 -4.19 6.09
C LEU A 49 -1.79 -4.20 7.42
N GLN A 50 -0.51 -4.58 7.38
CA GLN A 50 0.32 -4.61 8.58
C GLN A 50 1.65 -3.91 8.31
N THR A 51 2.05 -3.05 9.23
CA THR A 51 3.29 -2.28 9.09
C THR A 51 4.35 -2.74 10.08
N THR A 52 5.60 -2.45 9.77
CA THR A 52 6.69 -2.80 10.66
C THR A 52 6.59 -2.07 11.99
N PRO A 53 7.13 -2.65 13.07
CA PRO A 53 7.14 -1.98 14.36
C PRO A 53 8.10 -0.80 14.31
N ALA A 54 7.85 0.23 15.12
CA ALA A 54 8.71 1.41 15.13
C ALA A 54 10.16 1.06 15.47
N SER A 55 10.33 0.04 16.31
CA SER A 55 11.65 -0.42 16.71
C SER A 55 12.20 -1.43 15.72
N ASN A 56 12.15 -1.09 14.44
CA ASN A 56 12.64 -1.99 13.40
C ASN A 56 13.25 -1.19 12.24
N PRO A 57 14.56 -1.36 12.01
CA PRO A 57 15.26 -0.66 10.91
C PRO A 57 14.71 -1.09 9.56
N LYS A 58 14.30 -2.34 9.47
CA LYS A 58 13.74 -2.90 8.25
C LYS A 58 12.26 -2.54 8.17
N VAL A 59 11.99 -1.25 7.99
CA VAL A 59 10.62 -0.73 7.90
C VAL A 59 9.93 -1.19 6.63
N MET A 60 8.72 -1.71 6.77
CA MET A 60 7.97 -2.19 5.63
C MET A 60 6.46 -1.99 5.81
N ILE A 61 5.71 -2.31 4.76
CA ILE A 61 4.24 -2.24 4.74
C ILE A 61 3.70 -3.49 4.04
N ARG A 62 2.90 -4.27 4.75
CA ARG A 62 2.30 -5.49 4.18
C ARG A 62 0.83 -5.22 3.91
N VAL A 63 0.32 -5.69 2.79
CA VAL A 63 -1.07 -5.47 2.45
C VAL A 63 -1.80 -6.79 2.17
N PHE A 64 -2.97 -6.94 2.78
CA PHE A 64 -3.79 -8.12 2.60
C PHE A 64 -4.89 -7.78 1.59
N ILE A 65 -4.82 -8.45 0.46
CA ILE A 65 -5.73 -8.19 -0.65
C ILE A 65 -6.98 -9.08 -0.64
N VAL A 66 -8.13 -8.42 -0.76
CA VAL A 66 -9.40 -9.11 -0.88
C VAL A 66 -9.54 -9.41 -2.35
N VAL A 67 -10.38 -10.32 -2.75
CA VAL A 67 -10.43 -10.63 -4.15
C VAL A 67 -11.24 -9.62 -4.93
N LYS A 68 -10.55 -8.93 -5.79
CA LYS A 68 -11.20 -8.04 -6.70
C LYS A 68 -11.80 -8.96 -7.76
N GLU A 69 -12.98 -8.69 -8.25
CA GLU A 69 -13.57 -9.58 -9.24
C GLU A 69 -12.63 -9.73 -10.44
N GLY A 70 -12.12 -10.94 -10.64
CA GLY A 70 -11.19 -11.19 -11.72
C GLY A 70 -9.76 -11.12 -11.22
N GLU A 71 -9.60 -11.36 -9.93
CA GLU A 71 -8.31 -11.32 -9.28
C GLU A 71 -8.24 -12.48 -8.28
N ASP A 72 -7.25 -12.46 -7.40
CA ASP A 72 -7.09 -13.49 -6.38
C ASP A 72 -6.66 -12.86 -5.06
N PRO A 73 -7.10 -13.43 -3.92
CA PRO A 73 -6.73 -12.91 -2.61
C PRO A 73 -5.23 -13.14 -2.38
N THR A 74 -4.49 -12.09 -2.04
CA THR A 74 -3.05 -12.21 -1.84
C THR A 74 -2.54 -11.21 -0.81
N SER A 75 -1.27 -11.31 -0.47
CA SER A 75 -0.65 -10.39 0.46
C SER A 75 0.65 -9.86 -0.15
N LEU A 76 0.79 -8.56 -0.21
CA LEU A 76 1.98 -7.94 -0.80
C LEU A 76 2.83 -7.27 0.25
N VAL A 77 4.10 -7.06 -0.06
CA VAL A 77 5.00 -6.42 0.89
C VAL A 77 5.79 -5.31 0.22
N PHE A 78 5.74 -4.14 0.83
CA PHE A 78 6.47 -2.99 0.35
C PHE A 78 7.53 -2.63 1.38
N HIS A 79 8.78 -2.92 1.08
CA HIS A 79 9.86 -2.66 2.02
C HIS A 79 10.32 -1.20 1.94
N PHE A 80 10.12 -0.46 3.01
CA PHE A 80 10.57 0.93 3.05
C PHE A 80 11.98 0.97 3.62
N THR A 81 12.51 -0.22 3.89
CA THR A 81 13.83 -0.39 4.46
C THR A 81 14.91 0.36 3.67
N GLY A 82 14.67 0.56 2.38
CA GLY A 82 15.62 1.26 1.54
C GLY A 82 15.18 2.69 1.27
N THR A 83 14.31 3.19 2.13
CA THR A 83 13.77 4.53 2.02
C THR A 83 14.20 5.38 3.21
N PRO A 84 14.68 6.61 2.95
CA PRO A 84 15.13 7.53 4.01
C PRO A 84 14.06 7.71 5.08
N ASN A 85 12.85 8.09 4.67
CA ASN A 85 11.76 8.30 5.60
C ASN A 85 10.81 7.10 5.60
N ALA A 86 11.41 5.92 5.62
CA ALA A 86 10.68 4.64 5.62
C ALA A 86 9.56 4.60 6.63
N ARG A 87 9.88 4.79 7.90
CA ARG A 87 8.89 4.70 8.97
C ARG A 87 7.90 5.86 8.96
N GLU A 88 8.38 7.06 8.69
CA GLU A 88 7.51 8.23 8.68
C GLU A 88 6.53 8.14 7.54
N ASN A 89 7.03 7.76 6.37
CA ASN A 89 6.17 7.63 5.21
C ASN A 89 5.35 6.36 5.33
N CYS A 90 5.89 5.37 6.03
CA CYS A 90 5.18 4.12 6.25
C CYS A 90 3.89 4.42 6.98
N ASP A 91 3.98 5.24 8.04
CA ASP A 91 2.80 5.62 8.79
C ASP A 91 1.92 6.53 7.93
N MET A 92 2.55 7.49 7.27
CA MET A 92 1.83 8.42 6.40
C MET A 92 1.01 7.63 5.38
N ILE A 93 1.64 6.65 4.73
CA ILE A 93 0.98 5.81 3.76
C ILE A 93 -0.13 5.04 4.44
N THR A 94 0.23 4.25 5.43
CA THR A 94 -0.70 3.40 6.16
C THR A 94 -1.86 4.17 6.78
N ASN A 95 -1.60 5.32 7.37
CA ASN A 95 -2.66 6.09 7.98
C ASN A 95 -3.72 6.43 6.95
N GLU A 96 -3.28 6.96 5.82
CA GLU A 96 -4.22 7.30 4.76
C GLU A 96 -4.71 6.03 4.09
N LEU A 97 -3.79 5.13 3.79
CA LEU A 97 -4.10 3.87 3.14
C LEU A 97 -5.12 3.08 3.94
N ARG A 98 -4.76 2.70 5.17
CA ARG A 98 -5.64 1.91 6.02
C ARG A 98 -6.97 2.61 6.26
N ASN A 99 -6.93 3.91 6.51
CA ASN A 99 -8.16 4.66 6.73
C ASN A 99 -8.99 4.73 5.45
N ALA A 100 -8.33 5.07 4.35
CA ALA A 100 -9.00 5.18 3.06
C ALA A 100 -9.52 3.83 2.60
N ILE A 101 -8.78 2.77 2.89
CA ILE A 101 -9.19 1.43 2.54
C ILE A 101 -10.58 1.18 3.10
N GLN A 102 -10.75 1.54 4.38
CA GLN A 102 -12.03 1.37 5.04
C GLN A 102 -13.03 2.40 4.55
N ARG A 103 -12.53 3.58 4.13
CA ARG A 103 -13.40 4.63 3.61
C ARG A 103 -14.16 4.08 2.39
N GLN A 104 -13.45 3.30 1.58
CA GLN A 104 -14.05 2.68 0.39
C GLN A 104 -14.81 1.42 0.79
N ARG A 105 -14.22 0.67 1.73
CA ARG A 105 -14.82 -0.58 2.21
C ARG A 105 -16.18 -0.33 2.81
N GLU A 106 -16.25 0.51 3.84
CA GLU A 106 -17.50 0.82 4.53
C GLU A 106 -18.53 1.41 3.57
N GLY A 107 -18.05 2.17 2.59
CA GLY A 107 -18.94 2.79 1.64
C GLY A 107 -19.42 1.83 0.57
N SER A 108 -18.82 0.64 0.51
CA SER A 108 -19.19 -0.35 -0.48
C SER A 108 -18.88 -1.77 0.01
N GLN A 109 -19.59 -2.21 1.06
CA GLN A 109 -19.39 -3.54 1.60
C GLN A 109 -20.17 -4.58 0.78
N SER A 110 -20.75 -4.13 -0.31
CA SER A 110 -21.51 -5.00 -1.19
C SER A 110 -20.55 -5.69 -2.16
N LYS A 111 -19.28 -5.67 -1.80
CA LYS A 111 -18.24 -6.26 -2.60
C LYS A 111 -17.07 -6.61 -1.69
N MET A 4 -2.50 13.39 1.71
CA MET A 4 -3.30 14.58 1.37
C MET A 4 -4.77 14.21 1.16
N GLY A 5 -5.30 13.37 2.04
CA GLY A 5 -6.68 12.95 1.93
C GLY A 5 -6.81 11.61 1.23
N ASP A 6 -6.57 11.63 -0.07
CA ASP A 6 -6.64 10.42 -0.88
C ASP A 6 -5.42 10.35 -1.79
N ARG A 7 -4.27 10.75 -1.25
CA ARG A 7 -3.02 10.72 -2.01
C ARG A 7 -1.81 10.84 -1.09
N VAL A 8 -0.95 9.83 -1.12
CA VAL A 8 0.29 9.81 -0.36
C VAL A 8 1.32 9.02 -1.11
N GLU A 9 2.51 9.58 -1.17
CA GLU A 9 3.61 8.97 -1.87
C GLU A 9 4.71 8.54 -0.88
N ALA A 10 5.20 7.33 -1.08
CA ALA A 10 6.24 6.71 -0.26
C ALA A 10 6.85 5.58 -1.04
N LEU A 11 8.09 5.69 -1.46
CA LEU A 11 8.66 4.62 -2.24
C LEU A 11 8.98 3.42 -1.36
N ALA A 12 8.80 2.25 -1.94
CA ALA A 12 9.02 1.00 -1.24
C ALA A 12 9.54 -0.07 -2.19
N ILE A 13 10.06 -1.14 -1.63
CA ILE A 13 10.59 -2.25 -2.39
C ILE A 13 9.56 -3.35 -2.57
N PHE A 14 9.16 -3.57 -3.81
CA PHE A 14 8.23 -4.61 -4.13
C PHE A 14 8.95 -5.64 -4.99
N ARG A 15 9.30 -6.77 -4.40
CA ARG A 15 10.03 -7.83 -5.10
C ARG A 15 11.31 -7.27 -5.73
N LYS A 16 12.14 -6.68 -4.88
CA LYS A 16 13.41 -6.07 -5.25
C LYS A 16 13.27 -4.85 -6.16
N LYS A 17 12.05 -4.41 -6.40
CA LYS A 17 11.85 -3.21 -7.19
C LYS A 17 11.65 -2.07 -6.21
N GLN A 18 12.35 -0.98 -6.44
CA GLN A 18 12.23 0.17 -5.58
C GLN A 18 11.52 1.26 -6.34
N GLY A 19 10.28 1.44 -6.00
CA GLY A 19 9.49 2.42 -6.66
C GLY A 19 8.60 3.15 -5.72
N VAL A 20 7.77 4.01 -6.26
CA VAL A 20 6.91 4.84 -5.44
C VAL A 20 5.59 4.16 -5.10
N LEU A 21 5.22 4.17 -3.83
CA LEU A 21 3.96 3.62 -3.37
C LEU A 21 3.01 4.81 -3.21
N SER A 22 1.90 4.80 -3.93
CA SER A 22 0.96 5.92 -3.88
C SER A 22 -0.46 5.47 -3.53
N ILE A 23 -1.10 6.20 -2.63
CA ILE A 23 -2.45 5.89 -2.18
C ILE A 23 -3.46 6.85 -2.77
N ASP A 24 -4.21 6.42 -3.78
CA ASP A 24 -5.23 7.28 -4.41
C ASP A 24 -6.48 6.46 -4.68
N SER A 25 -7.29 6.22 -3.63
CA SER A 25 -8.55 5.44 -3.68
C SER A 25 -8.23 3.97 -3.94
N ARG A 26 -7.05 3.79 -4.41
CA ARG A 26 -6.50 2.52 -4.71
C ARG A 26 -5.05 2.53 -4.29
N LEU A 27 -4.62 1.46 -3.68
CA LEU A 27 -3.25 1.34 -3.26
C LEU A 27 -2.43 0.96 -4.48
N LYS A 28 -1.69 1.92 -5.02
CA LYS A 28 -0.92 1.69 -6.23
C LYS A 28 0.56 1.94 -6.03
N TRP A 29 1.34 0.88 -6.19
CA TRP A 29 2.77 0.98 -6.09
C TRP A 29 3.35 0.84 -7.48
N THR A 30 4.47 1.48 -7.73
CA THR A 30 5.10 1.43 -9.03
C THR A 30 6.59 1.16 -8.94
N GLY A 31 7.10 0.29 -9.81
CA GLY A 31 8.52 -0.04 -9.80
C GLY A 31 9.42 1.11 -10.24
N GLU A 32 10.72 0.89 -10.16
CA GLU A 32 11.71 1.91 -10.52
C GLU A 32 11.66 2.20 -12.03
N GLY A 33 11.15 3.37 -12.37
CA GLY A 33 11.07 3.78 -13.76
C GLY A 33 10.07 2.95 -14.55
N LYS A 34 8.85 2.86 -14.05
CA LYS A 34 7.79 2.12 -14.72
C LYS A 34 6.63 3.03 -15.06
N THR A 35 6.13 2.92 -16.28
CA THR A 35 5.01 3.73 -16.73
C THR A 35 3.67 3.11 -16.35
N THR A 36 3.74 2.02 -15.60
CA THR A 36 2.55 1.31 -15.15
C THR A 36 2.72 0.83 -13.72
N PRO A 37 1.68 0.95 -12.89
CA PRO A 37 1.72 0.51 -11.50
C PRO A 37 1.83 -1.01 -11.38
N SER A 38 2.80 -1.45 -10.59
CA SER A 38 3.02 -2.87 -10.38
C SER A 38 2.01 -3.42 -9.37
N VAL A 39 1.56 -2.57 -8.46
CA VAL A 39 0.59 -2.96 -7.46
C VAL A 39 -0.58 -1.99 -7.49
N ASP A 40 -1.61 -2.29 -8.27
CA ASP A 40 -2.78 -1.41 -8.31
C ASP A 40 -3.97 -2.19 -7.78
N ILE A 41 -4.23 -2.02 -6.50
CA ILE A 41 -5.32 -2.70 -5.85
C ILE A 41 -6.20 -1.70 -5.12
N ALA A 42 -7.45 -1.58 -5.55
CA ALA A 42 -8.39 -0.66 -4.93
C ALA A 42 -8.70 -1.12 -3.51
N PHE A 43 -9.28 -0.23 -2.72
CA PHE A 43 -9.57 -0.55 -1.32
C PHE A 43 -10.63 -1.64 -1.15
N ASP A 44 -11.31 -1.99 -2.21
CA ASP A 44 -12.33 -3.04 -2.15
C ASP A 44 -11.63 -4.38 -2.17
N ALA A 45 -10.36 -4.33 -2.58
CA ALA A 45 -9.52 -5.49 -2.67
C ALA A 45 -8.46 -5.42 -1.58
N ILE A 46 -8.71 -4.61 -0.58
CA ILE A 46 -7.79 -4.50 0.55
C ILE A 46 -8.59 -4.77 1.79
N SER A 47 -8.39 -5.95 2.32
CA SER A 47 -9.13 -6.39 3.47
C SER A 47 -8.53 -5.83 4.75
N ASN A 48 -7.20 -5.70 4.74
CA ASN A 48 -6.45 -5.19 5.89
C ASN A 48 -4.97 -5.08 5.51
N LEU A 49 -4.14 -4.51 6.37
CA LEU A 49 -2.72 -4.38 6.09
C LEU A 49 -1.92 -4.45 7.38
N GLN A 50 -0.62 -4.74 7.27
CA GLN A 50 0.25 -4.80 8.45
C GLN A 50 1.58 -4.09 8.16
N THR A 51 1.95 -3.17 9.03
CA THR A 51 3.18 -2.42 8.87
C THR A 51 4.22 -2.89 9.88
N THR A 52 5.50 -2.62 9.59
CA THR A 52 6.57 -2.99 10.51
C THR A 52 6.32 -2.44 11.91
N PRO A 53 6.83 -3.11 12.96
CA PRO A 53 6.63 -2.67 14.36
C PRO A 53 7.44 -1.43 14.73
N ALA A 54 8.01 -0.75 13.72
CA ALA A 54 8.81 0.47 13.90
C ALA A 54 10.14 0.18 14.58
N SER A 55 10.08 -0.37 15.79
CA SER A 55 11.28 -0.69 16.54
C SER A 55 11.88 -2.02 16.08
N ASN A 56 12.26 -2.06 14.81
CA ASN A 56 12.85 -3.25 14.23
C ASN A 56 13.73 -2.84 13.06
N PRO A 57 14.88 -3.52 12.86
CA PRO A 57 15.79 -3.22 11.76
C PRO A 57 15.18 -3.59 10.40
N LYS A 58 14.09 -2.90 10.06
CA LYS A 58 13.35 -3.08 8.82
C LYS A 58 12.05 -2.31 8.89
N VAL A 59 11.70 -1.64 7.81
CA VAL A 59 10.46 -0.87 7.74
C VAL A 59 9.70 -1.27 6.48
N MET A 60 8.48 -1.77 6.64
CA MET A 60 7.71 -2.19 5.49
C MET A 60 6.20 -2.00 5.69
N ILE A 61 5.46 -2.27 4.62
CA ILE A 61 4.00 -2.21 4.60
C ILE A 61 3.47 -3.46 3.89
N ARG A 62 2.70 -4.27 4.60
CA ARG A 62 2.12 -5.48 4.05
C ARG A 62 0.65 -5.26 3.80
N VAL A 63 0.13 -5.78 2.70
CA VAL A 63 -1.28 -5.60 2.39
C VAL A 63 -1.97 -6.93 2.14
N PHE A 64 -3.14 -7.08 2.74
CA PHE A 64 -3.94 -8.28 2.57
C PHE A 64 -5.04 -7.96 1.56
N ILE A 65 -4.94 -8.58 0.41
CA ILE A 65 -5.83 -8.32 -0.70
C ILE A 65 -7.07 -9.22 -0.73
N VAL A 66 -8.22 -8.56 -0.82
CA VAL A 66 -9.50 -9.25 -0.97
C VAL A 66 -9.61 -9.50 -2.46
N VAL A 67 -10.46 -10.39 -2.91
CA VAL A 67 -10.47 -10.62 -4.33
C VAL A 67 -11.21 -9.58 -5.10
N LYS A 68 -10.46 -8.87 -5.89
CA LYS A 68 -11.01 -7.91 -6.80
C LYS A 68 -11.34 -8.74 -8.03
N GLU A 69 -12.59 -8.72 -8.47
CA GLU A 69 -13.01 -9.53 -9.60
C GLU A 69 -11.98 -9.48 -10.73
N GLY A 70 -11.36 -10.63 -10.98
CA GLY A 70 -10.36 -10.72 -12.03
C GLY A 70 -9.06 -11.33 -11.53
N GLU A 71 -8.91 -11.45 -10.22
CA GLU A 71 -7.69 -12.03 -9.64
C GLU A 71 -8.05 -12.96 -8.48
N ASP A 72 -7.13 -13.13 -7.56
CA ASP A 72 -7.34 -13.99 -6.39
C ASP A 72 -6.85 -13.28 -5.13
N PRO A 73 -7.32 -13.70 -3.95
CA PRO A 73 -6.90 -13.08 -2.69
C PRO A 73 -5.40 -13.30 -2.47
N THR A 74 -4.66 -12.23 -2.23
CA THR A 74 -3.22 -12.34 -2.06
C THR A 74 -2.71 -11.33 -1.02
N SER A 75 -1.43 -11.40 -0.69
CA SER A 75 -0.83 -10.47 0.24
C SER A 75 0.46 -9.92 -0.37
N LEU A 76 0.57 -8.61 -0.43
CA LEU A 76 1.74 -7.97 -1.02
C LEU A 76 2.56 -7.27 0.04
N VAL A 77 3.85 -7.10 -0.21
CA VAL A 77 4.71 -6.44 0.75
C VAL A 77 5.57 -5.36 0.10
N PHE A 78 5.50 -4.17 0.67
CA PHE A 78 6.28 -3.05 0.19
C PHE A 78 7.32 -2.71 1.24
N HIS A 79 8.58 -2.98 0.94
CA HIS A 79 9.65 -2.74 1.89
C HIS A 79 10.17 -1.31 1.80
N PHE A 80 9.97 -0.54 2.84
CA PHE A 80 10.45 0.83 2.89
C PHE A 80 11.84 0.84 3.49
N THR A 81 12.35 -0.34 3.76
CA THR A 81 13.66 -0.53 4.36
C THR A 81 14.77 0.14 3.52
N GLY A 82 14.50 0.35 2.25
CA GLY A 82 15.48 1.00 1.38
C GLY A 82 15.06 2.44 1.09
N THR A 83 14.22 2.98 1.96
CA THR A 83 13.70 4.33 1.82
C THR A 83 14.15 5.19 3.00
N PRO A 84 14.69 6.39 2.73
CA PRO A 84 15.15 7.31 3.79
C PRO A 84 14.03 7.68 4.77
N ASN A 85 12.85 7.93 4.22
CA ASN A 85 11.67 8.31 5.02
C ASN A 85 10.74 7.10 5.19
N ALA A 86 11.34 5.92 5.28
CA ALA A 86 10.62 4.65 5.40
C ALA A 86 9.49 4.63 6.41
N ARG A 87 9.77 4.89 7.68
CA ARG A 87 8.74 4.81 8.72
C ARG A 87 7.75 5.96 8.64
N GLU A 88 8.28 7.13 8.38
CA GLU A 88 7.49 8.34 8.31
C GLU A 88 6.52 8.25 7.14
N ASN A 89 7.03 7.80 6.00
CA ASN A 89 6.21 7.65 4.82
C ASN A 89 5.31 6.42 4.99
N CYS A 90 5.84 5.42 5.70
CA CYS A 90 5.09 4.20 5.95
C CYS A 90 3.80 4.52 6.69
N ASP A 91 3.88 5.31 7.76
CA ASP A 91 2.66 5.65 8.49
C ASP A 91 1.83 6.61 7.66
N MET A 92 2.51 7.49 6.92
CA MET A 92 1.80 8.44 6.05
C MET A 92 0.94 7.67 5.07
N ILE A 93 1.55 6.66 4.42
CA ILE A 93 0.85 5.80 3.49
C ILE A 93 -0.28 5.11 4.23
N THR A 94 0.09 4.34 5.24
CA THR A 94 -0.85 3.57 6.04
C THR A 94 -1.94 4.43 6.66
N ASN A 95 -1.65 5.68 6.97
CA ASN A 95 -2.66 6.54 7.57
C ASN A 95 -3.79 6.77 6.59
N GLU A 96 -3.47 7.34 5.45
CA GLU A 96 -4.47 7.59 4.43
C GLU A 96 -4.98 6.27 3.90
N LEU A 97 -4.07 5.31 3.74
CA LEU A 97 -4.41 3.99 3.24
C LEU A 97 -5.40 3.28 4.17
N ARG A 98 -4.98 3.02 5.40
CA ARG A 98 -5.82 2.30 6.36
C ARG A 98 -7.16 3.00 6.60
N ASN A 99 -7.13 4.33 6.67
CA ASN A 99 -8.36 5.09 6.89
C ASN A 99 -9.26 5.05 5.67
N ALA A 100 -8.68 5.28 4.49
CA ALA A 100 -9.44 5.27 3.25
C ALA A 100 -9.90 3.87 2.89
N ILE A 101 -9.07 2.86 3.16
CA ILE A 101 -9.41 1.47 2.87
C ILE A 101 -10.70 1.10 3.58
N GLN A 102 -10.75 1.36 4.88
CA GLN A 102 -11.92 1.05 5.69
C GLN A 102 -13.13 1.83 5.20
N ARG A 103 -12.92 3.12 4.92
CA ARG A 103 -13.98 3.98 4.41
C ARG A 103 -14.56 3.43 3.12
N GLN A 104 -13.71 2.80 2.33
CA GLN A 104 -14.12 2.23 1.06
C GLN A 104 -14.73 0.84 1.25
N ARG A 105 -14.12 0.06 2.14
CA ARG A 105 -14.58 -1.30 2.40
C ARG A 105 -15.97 -1.30 3.00
N GLU A 106 -16.19 -0.45 4.01
CA GLU A 106 -17.48 -0.36 4.67
C GLU A 106 -18.50 0.32 3.76
N GLY A 107 -18.02 0.82 2.63
CA GLY A 107 -18.88 1.48 1.67
C GLY A 107 -19.06 0.61 0.43
N SER A 108 -18.54 -0.62 0.52
CA SER A 108 -18.60 -1.60 -0.55
C SER A 108 -17.72 -1.23 -1.75
N GLN A 109 -18.01 -0.08 -2.37
CA GLN A 109 -17.28 0.40 -3.54
C GLN A 109 -17.56 -0.46 -4.77
N SER A 110 -17.14 -1.71 -4.70
CA SER A 110 -17.35 -2.66 -5.79
C SER A 110 -17.50 -4.08 -5.24
N LYS A 111 -17.82 -4.18 -3.95
CA LYS A 111 -18.01 -5.46 -3.31
C LYS A 111 -19.40 -5.56 -2.72
N MET A 4 -6.29 12.46 3.63
CA MET A 4 -7.72 12.26 3.92
C MET A 4 -8.53 12.16 2.62
N GLY A 5 -8.15 11.21 1.78
CA GLY A 5 -8.82 11.04 0.51
C GLY A 5 -8.06 11.77 -0.57
N ASP A 6 -6.79 11.99 -0.32
CA ASP A 6 -5.91 12.69 -1.23
C ASP A 6 -4.85 11.76 -1.79
N ARG A 7 -3.63 12.23 -1.87
CA ARG A 7 -2.53 11.45 -2.40
C ARG A 7 -1.35 11.39 -1.42
N VAL A 8 -0.75 10.21 -1.30
CA VAL A 8 0.41 10.02 -0.43
C VAL A 8 1.42 9.14 -1.13
N GLU A 9 2.64 9.61 -1.14
CA GLU A 9 3.72 8.90 -1.77
C GLU A 9 4.82 8.52 -0.78
N ALA A 10 5.26 7.29 -0.89
CA ALA A 10 6.30 6.70 -0.04
C ALA A 10 6.95 5.59 -0.81
N LEU A 11 8.19 5.72 -1.23
CA LEU A 11 8.78 4.65 -2.00
C LEU A 11 9.17 3.48 -1.09
N ALA A 12 8.97 2.29 -1.62
CA ALA A 12 9.24 1.06 -0.91
C ALA A 12 9.71 -0.01 -1.88
N ILE A 13 10.29 -1.06 -1.33
CA ILE A 13 10.80 -2.16 -2.12
C ILE A 13 9.76 -3.27 -2.26
N PHE A 14 9.22 -3.43 -3.45
CA PHE A 14 8.27 -4.47 -3.73
C PHE A 14 8.90 -5.44 -4.71
N ARG A 15 9.13 -6.67 -4.26
CA ARG A 15 9.76 -7.70 -5.08
C ARG A 15 11.11 -7.21 -5.61
N LYS A 16 11.95 -6.73 -4.67
CA LYS A 16 13.28 -6.22 -4.97
C LYS A 16 13.28 -4.95 -5.80
N LYS A 17 12.11 -4.41 -6.06
CA LYS A 17 12.01 -3.17 -6.81
C LYS A 17 11.74 -2.04 -5.85
N GLN A 18 12.52 -0.99 -5.92
CA GLN A 18 12.33 0.14 -5.05
C GLN A 18 11.65 1.22 -5.84
N GLY A 19 10.38 1.40 -5.57
CA GLY A 19 9.62 2.39 -6.28
C GLY A 19 8.68 3.12 -5.38
N VAL A 20 7.92 4.04 -5.95
CA VAL A 20 7.03 4.87 -5.19
C VAL A 20 5.71 4.15 -4.85
N LEU A 21 5.36 4.17 -3.58
CA LEU A 21 4.10 3.59 -3.11
C LEU A 21 3.12 4.75 -2.96
N SER A 22 2.09 4.79 -3.80
CA SER A 22 1.14 5.88 -3.75
C SER A 22 -0.26 5.45 -3.31
N ILE A 23 -0.91 6.30 -2.52
CA ILE A 23 -2.25 6.02 -2.00
C ILE A 23 -3.29 6.98 -2.56
N ASP A 24 -3.99 6.58 -3.61
CA ASP A 24 -5.03 7.43 -4.19
C ASP A 24 -6.25 6.57 -4.54
N SER A 25 -7.06 6.25 -3.51
CA SER A 25 -8.31 5.42 -3.62
C SER A 25 -7.97 3.97 -3.93
N ARG A 26 -6.82 3.84 -4.52
CA ARG A 26 -6.26 2.60 -4.90
C ARG A 26 -4.83 2.57 -4.44
N LEU A 27 -4.51 1.59 -3.63
CA LEU A 27 -3.15 1.43 -3.17
C LEU A 27 -2.32 1.00 -4.36
N LYS A 28 -1.54 1.94 -4.89
CA LYS A 28 -0.76 1.69 -6.07
C LYS A 28 0.72 1.90 -5.85
N TRP A 29 1.48 0.82 -5.95
CA TRP A 29 2.92 0.90 -5.82
C TRP A 29 3.51 0.76 -7.21
N THR A 30 4.61 1.42 -7.45
CA THR A 30 5.26 1.37 -8.75
C THR A 30 6.76 1.20 -8.61
N GLY A 31 7.34 0.31 -9.41
CA GLY A 31 8.77 0.07 -9.33
C GLY A 31 9.52 0.71 -10.48
N GLU A 32 10.84 0.73 -10.36
CA GLU A 32 11.69 1.32 -11.39
C GLU A 32 11.60 0.50 -12.67
N GLY A 33 11.64 1.20 -13.80
CA GLY A 33 11.57 0.52 -15.08
C GLY A 33 10.15 0.21 -15.48
N LYS A 34 9.20 0.61 -14.64
CA LYS A 34 7.80 0.37 -14.91
C LYS A 34 7.07 1.68 -15.16
N THR A 35 6.58 1.85 -16.38
CA THR A 35 5.85 3.04 -16.76
C THR A 35 4.41 2.97 -16.23
N THR A 36 4.13 1.85 -15.57
CA THR A 36 2.83 1.59 -14.99
C THR A 36 3.01 1.03 -13.59
N PRO A 37 2.01 1.18 -12.71
CA PRO A 37 2.09 0.65 -11.35
C PRO A 37 2.25 -0.86 -11.34
N SER A 38 2.88 -1.38 -10.29
CA SER A 38 3.08 -2.81 -10.16
C SER A 38 2.07 -3.38 -9.16
N VAL A 39 1.66 -2.55 -8.21
CA VAL A 39 0.69 -2.94 -7.22
C VAL A 39 -0.52 -2.02 -7.31
N ASP A 40 -1.51 -2.39 -8.10
CA ASP A 40 -2.72 -1.58 -8.22
C ASP A 40 -3.89 -2.33 -7.61
N ILE A 41 -4.15 -2.03 -6.35
CA ILE A 41 -5.23 -2.67 -5.63
C ILE A 41 -6.12 -1.64 -4.95
N ALA A 42 -7.40 -1.65 -5.28
CA ALA A 42 -8.33 -0.71 -4.68
C ALA A 42 -8.62 -1.10 -3.24
N PHE A 43 -9.20 -0.18 -2.47
CA PHE A 43 -9.48 -0.46 -1.06
C PHE A 43 -10.50 -1.57 -0.84
N ASP A 44 -11.24 -1.94 -1.88
CA ASP A 44 -12.22 -3.02 -1.77
C ASP A 44 -11.49 -4.34 -1.86
N ALA A 45 -10.24 -4.24 -2.30
CA ALA A 45 -9.37 -5.38 -2.45
C ALA A 45 -8.30 -5.35 -1.38
N ILE A 46 -8.56 -4.57 -0.32
CA ILE A 46 -7.67 -4.50 0.81
C ILE A 46 -8.47 -4.91 2.02
N SER A 47 -8.22 -6.11 2.47
CA SER A 47 -8.96 -6.67 3.58
C SER A 47 -8.36 -6.24 4.92
N ASN A 48 -7.05 -6.04 4.91
CA ASN A 48 -6.30 -5.65 6.10
C ASN A 48 -4.84 -5.51 5.71
N LEU A 49 -4.00 -5.03 6.61
CA LEU A 49 -2.58 -4.89 6.32
C LEU A 49 -1.76 -4.89 7.60
N GLN A 50 -0.46 -5.14 7.47
CA GLN A 50 0.45 -5.15 8.61
C GLN A 50 1.70 -4.33 8.29
N THR A 51 1.91 -3.28 9.05
CA THR A 51 3.06 -2.41 8.86
C THR A 51 4.07 -2.60 9.95
N THR A 52 5.33 -2.23 9.70
CA THR A 52 6.37 -2.36 10.71
C THR A 52 5.98 -1.62 11.99
N PRO A 53 6.35 -2.17 13.17
CA PRO A 53 6.01 -1.57 14.48
C PRO A 53 6.87 -0.35 14.83
N ALA A 54 7.13 0.51 13.84
CA ALA A 54 7.93 1.73 14.00
C ALA A 54 9.39 1.43 14.37
N SER A 55 9.60 0.92 15.58
CA SER A 55 10.93 0.58 16.06
C SER A 55 11.45 -0.70 15.39
N ASN A 56 11.76 -0.58 14.11
CA ASN A 56 12.26 -1.71 13.35
C ASN A 56 13.20 -1.22 12.26
N PRO A 57 14.44 -1.75 12.21
CA PRO A 57 15.42 -1.37 11.19
C PRO A 57 14.89 -1.60 9.78
N LYS A 58 14.19 -2.72 9.62
CA LYS A 58 13.61 -3.06 8.34
C LYS A 58 12.16 -2.59 8.29
N VAL A 59 11.98 -1.29 8.06
CA VAL A 59 10.66 -0.67 7.98
C VAL A 59 9.93 -1.15 6.74
N MET A 60 8.70 -1.63 6.91
CA MET A 60 7.94 -2.13 5.78
C MET A 60 6.44 -1.92 5.92
N ILE A 61 5.71 -2.27 4.85
CA ILE A 61 4.25 -2.19 4.79
C ILE A 61 3.73 -3.43 4.07
N ARG A 62 2.93 -4.24 4.76
CA ARG A 62 2.35 -5.44 4.16
C ARG A 62 0.87 -5.23 3.96
N VAL A 63 0.33 -5.69 2.87
CA VAL A 63 -1.09 -5.53 2.61
C VAL A 63 -1.75 -6.87 2.28
N PHE A 64 -2.92 -7.10 2.84
CA PHE A 64 -3.68 -8.30 2.60
C PHE A 64 -4.80 -7.95 1.63
N ILE A 65 -4.71 -8.53 0.45
CA ILE A 65 -5.63 -8.24 -0.64
C ILE A 65 -6.85 -9.15 -0.71
N VAL A 66 -8.02 -8.52 -0.81
CA VAL A 66 -9.28 -9.19 -1.01
C VAL A 66 -9.38 -9.32 -2.51
N VAL A 67 -10.22 -10.17 -3.06
CA VAL A 67 -10.20 -10.26 -4.49
C VAL A 67 -10.93 -9.14 -5.17
N LYS A 68 -10.19 -8.44 -5.97
CA LYS A 68 -10.71 -7.42 -6.82
C LYS A 68 -11.11 -8.18 -8.06
N GLU A 69 -12.26 -7.89 -8.62
CA GLU A 69 -12.72 -8.65 -9.78
C GLU A 69 -11.69 -8.61 -10.90
N GLY A 70 -11.11 -9.76 -11.19
CA GLY A 70 -10.11 -9.86 -12.25
C GLY A 70 -8.83 -10.52 -11.79
N GLU A 71 -8.66 -10.71 -10.48
CA GLU A 71 -7.45 -11.34 -9.95
C GLU A 71 -7.79 -12.33 -8.85
N ASP A 72 -6.85 -12.53 -7.93
CA ASP A 72 -7.04 -13.45 -6.80
C ASP A 72 -6.57 -12.79 -5.50
N PRO A 73 -7.02 -13.31 -4.34
CA PRO A 73 -6.62 -12.77 -3.04
C PRO A 73 -5.13 -13.02 -2.78
N THR A 74 -4.38 -11.97 -2.46
CA THR A 74 -2.95 -12.11 -2.24
C THR A 74 -2.46 -11.16 -1.15
N SER A 75 -1.19 -11.27 -0.77
CA SER A 75 -0.61 -10.38 0.22
C SER A 75 0.69 -9.83 -0.34
N LEU A 76 0.84 -8.51 -0.33
CA LEU A 76 2.02 -7.88 -0.87
C LEU A 76 2.84 -7.20 0.21
N VAL A 77 4.14 -7.06 -0.03
CA VAL A 77 5.01 -6.41 0.95
C VAL A 77 5.85 -5.33 0.30
N PHE A 78 5.80 -4.15 0.89
CA PHE A 78 6.58 -3.02 0.42
C PHE A 78 7.59 -2.66 1.49
N HIS A 79 8.85 -2.94 1.23
CA HIS A 79 9.89 -2.67 2.20
C HIS A 79 10.41 -1.24 2.08
N PHE A 80 10.18 -0.45 3.10
CA PHE A 80 10.65 0.93 3.12
C PHE A 80 12.06 0.96 3.70
N THR A 81 12.55 -0.24 4.00
CA THR A 81 13.88 -0.43 4.57
C THR A 81 14.98 0.27 3.76
N GLY A 82 14.76 0.39 2.46
CA GLY A 82 15.74 1.05 1.60
C GLY A 82 15.32 2.47 1.28
N THR A 83 14.48 3.02 2.14
CA THR A 83 13.98 4.37 1.96
C THR A 83 14.41 5.27 3.13
N PRO A 84 14.98 6.44 2.83
CA PRO A 84 15.41 7.39 3.87
C PRO A 84 14.26 7.75 4.82
N ASN A 85 13.10 7.96 4.22
CA ASN A 85 11.89 8.30 4.97
C ASN A 85 10.94 7.10 5.00
N ALA A 86 11.45 6.00 5.52
CA ALA A 86 10.73 4.73 5.61
C ALA A 86 9.59 4.76 6.62
N ARG A 87 9.90 5.02 7.88
CA ARG A 87 8.88 4.99 8.94
C ARG A 87 7.93 6.18 8.85
N GLU A 88 8.48 7.32 8.47
CA GLU A 88 7.70 8.54 8.38
C GLU A 88 6.70 8.44 7.26
N ASN A 89 7.13 7.91 6.13
CA ASN A 89 6.23 7.74 5.01
C ASN A 89 5.39 6.50 5.22
N CYS A 90 5.95 5.53 5.95
CA CYS A 90 5.22 4.31 6.25
C CYS A 90 3.96 4.67 7.01
N ASP A 91 4.09 5.50 8.04
CA ASP A 91 2.92 5.92 8.82
C ASP A 91 2.01 6.75 7.93
N MET A 92 2.61 7.66 7.18
CA MET A 92 1.86 8.52 6.26
C MET A 92 1.03 7.65 5.32
N ILE A 93 1.63 6.57 4.83
CA ILE A 93 0.93 5.64 3.96
C ILE A 93 -0.13 4.90 4.76
N THR A 94 0.30 4.21 5.81
CA THR A 94 -0.59 3.42 6.66
C THR A 94 -1.81 4.20 7.13
N ASN A 95 -1.59 5.40 7.66
CA ASN A 95 -2.68 6.22 8.16
C ASN A 95 -3.65 6.57 7.05
N GLU A 96 -3.13 7.15 5.98
CA GLU A 96 -3.95 7.52 4.84
C GLU A 96 -4.60 6.29 4.21
N LEU A 97 -3.77 5.26 4.03
CA LEU A 97 -4.20 4.00 3.45
C LEU A 97 -5.34 3.39 4.25
N ARG A 98 -5.07 3.07 5.51
CA ARG A 98 -6.06 2.44 6.37
C ARG A 98 -7.32 3.29 6.53
N ASN A 99 -7.15 4.59 6.73
CA ASN A 99 -8.30 5.49 6.88
C ASN A 99 -9.13 5.54 5.60
N ALA A 100 -8.46 5.55 4.46
CA ALA A 100 -9.16 5.60 3.19
C ALA A 100 -9.70 4.23 2.80
N ILE A 101 -8.99 3.16 3.20
CA ILE A 101 -9.44 1.81 2.92
C ILE A 101 -10.82 1.61 3.52
N GLN A 102 -10.94 1.96 4.80
CA GLN A 102 -12.20 1.86 5.51
C GLN A 102 -13.25 2.73 4.86
N ARG A 103 -12.81 3.88 4.34
CA ARG A 103 -13.71 4.82 3.67
C ARG A 103 -14.40 4.16 2.49
N GLN A 104 -13.67 3.32 1.77
CA GLN A 104 -14.24 2.61 0.63
C GLN A 104 -15.00 1.38 1.13
N ARG A 105 -14.53 0.82 2.24
CA ARG A 105 -15.15 -0.36 2.84
C ARG A 105 -16.57 -0.05 3.32
N GLU A 106 -16.87 1.24 3.43
CA GLU A 106 -18.20 1.68 3.86
C GLU A 106 -19.24 1.42 2.77
N GLY A 107 -18.75 1.14 1.56
CA GLY A 107 -19.65 0.86 0.45
C GLY A 107 -18.97 1.05 -0.89
N SER A 108 -18.15 0.06 -1.27
CA SER A 108 -17.43 0.12 -2.54
C SER A 108 -18.30 -0.40 -3.69
N GLN A 109 -18.64 -1.68 -3.62
CA GLN A 109 -19.45 -2.31 -4.66
C GLN A 109 -20.11 -3.58 -4.12
N SER A 110 -19.69 -4.73 -4.60
CA SER A 110 -20.23 -6.00 -4.15
C SER A 110 -19.53 -6.40 -2.85
N LYS A 111 -18.65 -5.51 -2.39
CA LYS A 111 -17.88 -5.69 -1.18
C LYS A 111 -17.37 -4.33 -0.74
N MET A 4 -7.42 10.20 -4.58
CA MET A 4 -8.06 11.52 -4.71
C MET A 4 -8.12 12.21 -3.36
N GLY A 5 -7.10 12.99 -3.05
CA GLY A 5 -7.04 13.68 -1.76
C GLY A 5 -6.24 12.87 -0.77
N ASP A 6 -6.37 11.56 -0.87
CA ASP A 6 -5.65 10.62 -0.02
C ASP A 6 -4.28 10.31 -0.62
N ARG A 7 -3.90 11.16 -1.57
CA ARG A 7 -2.66 11.01 -2.31
C ARG A 7 -1.42 11.12 -1.42
N VAL A 8 -0.97 9.97 -0.92
CA VAL A 8 0.21 9.90 -0.08
C VAL A 8 1.26 9.08 -0.79
N GLU A 9 2.51 9.46 -0.62
CA GLU A 9 3.58 8.77 -1.30
C GLU A 9 4.68 8.36 -0.33
N ALA A 10 5.34 7.26 -0.67
CA ALA A 10 6.42 6.68 0.11
C ALA A 10 7.04 5.57 -0.70
N LEU A 11 8.26 5.72 -1.17
CA LEU A 11 8.83 4.66 -1.97
C LEU A 11 9.13 3.46 -1.09
N ALA A 12 8.98 2.29 -1.67
CA ALA A 12 9.20 1.05 -0.98
C ALA A 12 9.66 -0.02 -1.96
N ILE A 13 10.18 -1.11 -1.43
CA ILE A 13 10.65 -2.21 -2.24
C ILE A 13 9.57 -3.27 -2.37
N PHE A 14 9.07 -3.46 -3.57
CA PHE A 14 8.07 -4.46 -3.83
C PHE A 14 8.67 -5.58 -4.68
N ARG A 15 8.76 -6.77 -4.11
CA ARG A 15 9.32 -7.92 -4.80
C ARG A 15 10.71 -7.62 -5.39
N LYS A 16 11.52 -6.90 -4.60
CA LYS A 16 12.88 -6.49 -4.97
C LYS A 16 12.88 -5.36 -5.98
N LYS A 17 11.90 -4.50 -5.89
CA LYS A 17 11.80 -3.34 -6.76
C LYS A 17 11.62 -2.11 -5.89
N GLN A 18 12.48 -1.11 -6.03
CA GLN A 18 12.38 0.08 -5.22
C GLN A 18 11.64 1.14 -6.01
N GLY A 19 10.43 1.42 -5.62
CA GLY A 19 9.66 2.40 -6.31
C GLY A 19 8.76 3.17 -5.40
N VAL A 20 8.02 4.10 -5.96
CA VAL A 20 7.16 4.96 -5.16
C VAL A 20 5.82 4.28 -4.85
N LEU A 21 5.44 4.30 -3.58
CA LEU A 21 4.16 3.76 -3.16
C LEU A 21 3.20 4.93 -3.00
N SER A 22 2.20 5.00 -3.88
CA SER A 22 1.24 6.10 -3.84
C SER A 22 -0.16 5.60 -3.47
N ILE A 23 -0.96 6.48 -2.88
CA ILE A 23 -2.31 6.12 -2.44
C ILE A 23 -3.37 7.06 -3.02
N ASP A 24 -4.14 6.60 -3.99
CA ASP A 24 -5.22 7.41 -4.55
C ASP A 24 -6.46 6.56 -4.80
N SER A 25 -7.22 6.29 -3.72
CA SER A 25 -8.47 5.46 -3.72
C SER A 25 -8.15 4.01 -4.07
N ARG A 26 -6.94 3.86 -4.52
CA ARG A 26 -6.37 2.63 -4.91
C ARG A 26 -4.94 2.62 -4.45
N LEU A 27 -4.54 1.55 -3.81
CA LEU A 27 -3.18 1.42 -3.35
C LEU A 27 -2.33 1.11 -4.56
N LYS A 28 -1.58 2.10 -5.03
CA LYS A 28 -0.77 1.95 -6.23
C LYS A 28 0.72 2.14 -5.96
N TRP A 29 1.47 1.08 -6.16
CA TRP A 29 2.91 1.13 -6.00
C TRP A 29 3.54 0.96 -7.37
N THR A 30 4.65 1.63 -7.58
CA THR A 30 5.35 1.57 -8.85
C THR A 30 6.83 1.34 -8.63
N GLY A 31 7.45 0.48 -9.45
CA GLY A 31 8.87 0.20 -9.29
C GLY A 31 9.76 1.07 -10.14
N GLU A 32 11.06 0.91 -9.98
CA GLU A 32 12.04 1.67 -10.72
C GLU A 32 12.12 1.18 -12.17
N GLY A 33 12.07 2.11 -13.10
CA GLY A 33 12.12 1.77 -14.50
C GLY A 33 10.76 1.40 -15.05
N LYS A 34 9.79 1.24 -14.16
CA LYS A 34 8.44 0.88 -14.54
C LYS A 34 7.62 2.12 -14.84
N THR A 35 7.26 2.28 -16.11
CA THR A 35 6.46 3.42 -16.54
C THR A 35 5.00 3.25 -16.13
N THR A 36 4.69 2.05 -15.65
CA THR A 36 3.36 1.72 -15.20
C THR A 36 3.41 1.13 -13.79
N PRO A 37 2.35 1.33 -12.99
CA PRO A 37 2.30 0.81 -11.62
C PRO A 37 2.45 -0.71 -11.58
N SER A 38 2.97 -1.23 -10.48
CA SER A 38 3.15 -2.66 -10.31
C SER A 38 2.15 -3.20 -9.30
N VAL A 39 1.73 -2.36 -8.38
CA VAL A 39 0.74 -2.74 -7.39
C VAL A 39 -0.45 -1.82 -7.52
N ASP A 40 -1.43 -2.20 -8.31
CA ASP A 40 -2.62 -1.39 -8.45
C ASP A 40 -3.80 -2.17 -7.93
N ILE A 41 -4.11 -1.94 -6.66
CA ILE A 41 -5.21 -2.64 -6.02
C ILE A 41 -6.12 -1.64 -5.31
N ALA A 42 -7.40 -1.70 -5.61
CA ALA A 42 -8.37 -0.80 -5.01
C ALA A 42 -8.63 -1.15 -3.56
N PHE A 43 -9.21 -0.21 -2.82
CA PHE A 43 -9.49 -0.41 -1.41
C PHE A 43 -10.55 -1.48 -1.16
N ASP A 44 -11.30 -1.81 -2.20
CA ASP A 44 -12.32 -2.82 -2.11
C ASP A 44 -11.65 -4.18 -2.24
N ALA A 45 -10.37 -4.12 -2.60
CA ALA A 45 -9.54 -5.28 -2.76
C ALA A 45 -8.46 -5.29 -1.68
N ILE A 46 -8.69 -4.55 -0.62
CA ILE A 46 -7.76 -4.51 0.50
C ILE A 46 -8.56 -4.86 1.74
N SER A 47 -8.34 -6.06 2.20
CA SER A 47 -9.07 -6.57 3.32
C SER A 47 -8.48 -6.07 4.63
N ASN A 48 -7.16 -5.93 4.65
CA ASN A 48 -6.42 -5.47 5.82
C ASN A 48 -4.94 -5.46 5.50
N LEU A 49 -4.11 -4.96 6.40
CA LEU A 49 -2.68 -4.92 6.17
C LEU A 49 -1.91 -4.87 7.47
N GLN A 50 -0.61 -5.12 7.39
CA GLN A 50 0.27 -5.09 8.55
C GLN A 50 1.50 -4.26 8.22
N THR A 51 1.93 -3.43 9.14
CA THR A 51 3.09 -2.56 8.93
C THR A 51 4.15 -2.82 9.99
N THR A 52 5.38 -2.45 9.68
CA THR A 52 6.48 -2.65 10.62
C THR A 52 6.28 -1.83 11.90
N PRO A 53 6.84 -2.29 13.02
CA PRO A 53 6.77 -1.54 14.28
C PRO A 53 7.78 -0.39 14.25
N ALA A 54 7.57 0.61 15.09
CA ALA A 54 8.48 1.76 15.15
C ALA A 54 9.90 1.33 15.50
N SER A 55 10.02 0.31 16.34
CA SER A 55 11.31 -0.20 16.76
C SER A 55 11.84 -1.23 15.76
N ASN A 56 11.88 -0.85 14.49
CA ASN A 56 12.36 -1.74 13.45
C ASN A 56 13.01 -0.96 12.32
N PRO A 57 14.33 -1.16 12.11
CA PRO A 57 15.06 -0.49 11.03
C PRO A 57 14.57 -0.94 9.66
N LYS A 58 14.15 -2.19 9.60
CA LYS A 58 13.63 -2.77 8.37
C LYS A 58 12.15 -2.45 8.24
N VAL A 59 11.86 -1.17 8.02
CA VAL A 59 10.49 -0.67 7.89
C VAL A 59 9.83 -1.19 6.63
N MET A 60 8.62 -1.71 6.76
CA MET A 60 7.88 -2.21 5.62
C MET A 60 6.37 -2.02 5.77
N ILE A 61 5.64 -2.37 4.71
CA ILE A 61 4.19 -2.32 4.68
C ILE A 61 3.68 -3.59 3.96
N ARG A 62 2.89 -4.39 4.67
CA ARG A 62 2.34 -5.62 4.13
C ARG A 62 0.85 -5.46 3.91
N VAL A 63 0.37 -5.67 2.70
CA VAL A 63 -1.04 -5.50 2.42
C VAL A 63 -1.70 -6.82 2.04
N PHE A 64 -2.87 -7.07 2.60
CA PHE A 64 -3.63 -8.28 2.31
C PHE A 64 -4.77 -7.92 1.37
N ILE A 65 -4.71 -8.44 0.16
CA ILE A 65 -5.66 -8.12 -0.87
C ILE A 65 -6.86 -9.07 -0.92
N VAL A 66 -8.05 -8.48 -1.00
CA VAL A 66 -9.29 -9.22 -1.13
C VAL A 66 -9.42 -9.50 -2.61
N VAL A 67 -10.23 -10.44 -3.01
CA VAL A 67 -10.30 -10.71 -4.42
C VAL A 67 -11.18 -9.73 -5.15
N LYS A 68 -10.55 -8.86 -5.90
CA LYS A 68 -11.32 -7.99 -6.74
C LYS A 68 -11.73 -8.88 -7.90
N GLU A 69 -13.01 -8.86 -8.26
CA GLU A 69 -13.54 -9.73 -9.31
C GLU A 69 -12.56 -10.00 -10.45
N GLY A 70 -12.40 -11.27 -10.78
CA GLY A 70 -11.47 -11.68 -11.82
C GLY A 70 -10.03 -11.67 -11.34
N GLU A 71 -9.77 -12.30 -10.19
CA GLU A 71 -8.43 -12.35 -9.61
C GLU A 71 -8.38 -13.38 -8.49
N ASP A 72 -7.38 -13.23 -7.62
CA ASP A 72 -7.20 -14.11 -6.47
C ASP A 72 -6.66 -13.30 -5.29
N PRO A 73 -7.01 -13.69 -4.05
CA PRO A 73 -6.55 -12.98 -2.84
C PRO A 73 -5.03 -13.10 -2.70
N THR A 74 -4.33 -11.98 -2.56
CA THR A 74 -2.88 -12.01 -2.46
C THR A 74 -2.37 -11.00 -1.44
N SER A 75 -1.21 -11.27 -0.86
CA SER A 75 -0.60 -10.36 0.10
C SER A 75 0.67 -9.78 -0.52
N LEU A 76 0.80 -8.47 -0.47
CA LEU A 76 1.96 -7.79 -1.05
C LEU A 76 2.81 -7.15 0.02
N VAL A 77 4.10 -6.98 -0.24
CA VAL A 77 4.99 -6.36 0.72
C VAL A 77 5.79 -5.24 0.10
N PHE A 78 5.73 -4.09 0.74
CA PHE A 78 6.46 -2.91 0.30
C PHE A 78 7.48 -2.56 1.38
N HIS A 79 8.76 -2.82 1.10
CA HIS A 79 9.81 -2.56 2.06
C HIS A 79 10.28 -1.11 2.00
N PHE A 80 10.06 -0.36 3.06
CA PHE A 80 10.50 1.03 3.11
C PHE A 80 11.90 1.08 3.70
N THR A 81 12.43 -0.11 3.96
CA THR A 81 13.76 -0.27 4.55
C THR A 81 14.84 0.48 3.78
N GLY A 82 14.64 0.65 2.47
CA GLY A 82 15.61 1.36 1.66
C GLY A 82 15.15 2.77 1.36
N THR A 83 14.30 3.29 2.23
CA THR A 83 13.76 4.63 2.07
C THR A 83 14.17 5.52 3.24
N PRO A 84 14.63 6.76 2.95
CA PRO A 84 15.05 7.71 3.99
C PRO A 84 13.95 7.96 5.01
N ASN A 85 12.73 8.13 4.51
CA ASN A 85 11.56 8.37 5.35
C ASN A 85 10.69 7.12 5.41
N ALA A 86 11.33 6.00 5.70
CA ALA A 86 10.67 4.70 5.78
C ALA A 86 9.54 4.65 6.79
N ARG A 87 9.84 4.94 8.06
CA ARG A 87 8.82 4.85 9.12
C ARG A 87 7.84 6.01 9.06
N GLU A 88 8.34 7.17 8.71
CA GLU A 88 7.54 8.37 8.66
C GLU A 88 6.53 8.29 7.54
N ASN A 89 7.00 7.92 6.36
CA ASN A 89 6.10 7.79 5.22
C ASN A 89 5.28 6.53 5.36
N CYS A 90 5.84 5.53 6.04
CA CYS A 90 5.12 4.28 6.26
C CYS A 90 3.85 4.60 7.02
N ASP A 91 3.96 5.41 8.08
CA ASP A 91 2.79 5.78 8.86
C ASP A 91 1.86 6.63 8.00
N MET A 92 2.45 7.62 7.32
CA MET A 92 1.68 8.50 6.44
C MET A 92 0.88 7.67 5.44
N ILE A 93 1.54 6.67 4.85
CA ILE A 93 0.89 5.77 3.91
C ILE A 93 -0.16 4.95 4.65
N THR A 94 0.28 4.19 5.64
CA THR A 94 -0.60 3.31 6.42
C THR A 94 -1.82 4.02 6.96
N ASN A 95 -1.63 5.18 7.57
CA ASN A 95 -2.74 5.93 8.14
C ASN A 95 -3.77 6.25 7.08
N GLU A 96 -3.32 6.91 6.01
CA GLU A 96 -4.22 7.26 4.93
C GLU A 96 -4.74 6.01 4.26
N LEU A 97 -3.83 5.10 3.94
CA LEU A 97 -4.16 3.84 3.28
C LEU A 97 -5.25 3.11 4.06
N ARG A 98 -4.96 2.73 5.29
CA ARG A 98 -5.90 2.00 6.13
C ARG A 98 -7.22 2.75 6.28
N ASN A 99 -7.15 4.02 6.62
CA ASN A 99 -8.35 4.83 6.80
C ASN A 99 -9.11 4.99 5.49
N ALA A 100 -8.39 5.15 4.38
CA ALA A 100 -9.01 5.31 3.08
C ALA A 100 -9.58 3.99 2.60
N ILE A 101 -8.87 2.90 2.88
CA ILE A 101 -9.32 1.58 2.50
C ILE A 101 -10.70 1.33 3.10
N GLN A 102 -10.79 1.57 4.40
CA GLN A 102 -12.02 1.38 5.14
C GLN A 102 -13.05 2.43 4.80
N ARG A 103 -12.61 3.66 4.56
CA ARG A 103 -13.57 4.70 4.25
C ARG A 103 -14.27 4.41 2.92
N GLN A 104 -13.65 3.54 2.11
CA GLN A 104 -14.23 3.14 0.84
C GLN A 104 -15.20 2.00 1.07
N ARG A 105 -14.74 0.97 1.77
CA ARG A 105 -15.55 -0.21 2.05
C ARG A 105 -16.68 0.12 3.01
N GLU A 106 -16.31 0.50 4.22
CA GLU A 106 -17.24 0.84 5.27
C GLU A 106 -18.07 2.07 4.92
N GLY A 107 -17.54 2.90 4.04
CA GLY A 107 -18.23 4.10 3.63
C GLY A 107 -19.33 3.85 2.61
N SER A 108 -19.15 2.81 1.80
CA SER A 108 -20.13 2.47 0.77
C SER A 108 -21.30 1.66 1.34
N GLN A 109 -21.95 2.19 2.37
CA GLN A 109 -23.07 1.52 2.99
C GLN A 109 -24.38 2.10 2.49
N SER A 110 -24.38 2.54 1.24
CA SER A 110 -25.56 3.09 0.61
C SER A 110 -26.41 1.96 0.04
N LYS A 111 -26.22 0.77 0.61
CA LYS A 111 -26.93 -0.43 0.20
C LYS A 111 -26.71 -1.50 1.27
N MET A 4 -5.51 12.73 4.28
CA MET A 4 -6.92 12.82 4.75
C MET A 4 -7.86 12.25 3.70
N GLY A 5 -7.62 12.63 2.47
CA GLY A 5 -8.41 12.19 1.34
C GLY A 5 -7.76 12.72 0.09
N ASP A 6 -6.45 12.78 0.17
CA ASP A 6 -5.60 13.32 -0.86
C ASP A 6 -4.64 12.26 -1.38
N ARG A 7 -3.48 12.71 -1.86
CA ARG A 7 -2.47 11.81 -2.41
C ARG A 7 -1.30 11.65 -1.45
N VAL A 8 -0.85 10.41 -1.28
CA VAL A 8 0.30 10.12 -0.42
C VAL A 8 1.26 9.22 -1.14
N GLU A 9 2.50 9.66 -1.18
CA GLU A 9 3.55 8.93 -1.86
C GLU A 9 4.71 8.60 -0.91
N ALA A 10 5.17 7.36 -1.00
CA ALA A 10 6.27 6.84 -0.20
C ALA A 10 6.88 5.68 -0.95
N LEU A 11 8.11 5.82 -1.43
CA LEU A 11 8.68 4.73 -2.20
C LEU A 11 9.06 3.58 -1.28
N ALA A 12 8.82 2.38 -1.77
CA ALA A 12 9.09 1.17 -1.04
C ALA A 12 9.56 0.07 -1.99
N ILE A 13 10.12 -0.97 -1.43
CA ILE A 13 10.62 -2.09 -2.21
C ILE A 13 9.60 -3.21 -2.32
N PHE A 14 9.06 -3.39 -3.51
CA PHE A 14 8.11 -4.45 -3.79
C PHE A 14 8.75 -5.42 -4.78
N ARG A 15 8.86 -6.68 -4.38
CA ARG A 15 9.48 -7.70 -5.23
C ARG A 15 10.88 -7.25 -5.67
N LYS A 16 11.64 -6.73 -4.70
CA LYS A 16 12.99 -6.24 -4.92
C LYS A 16 13.05 -5.01 -5.83
N LYS A 17 11.90 -4.42 -6.11
CA LYS A 17 11.84 -3.20 -6.90
C LYS A 17 11.63 -2.04 -5.95
N GLN A 18 12.37 -0.98 -6.14
CA GLN A 18 12.23 0.18 -5.28
C GLN A 18 11.54 1.25 -6.06
N GLY A 19 10.30 1.46 -5.74
CA GLY A 19 9.52 2.44 -6.45
C GLY A 19 8.58 3.18 -5.54
N VAL A 20 7.84 4.09 -6.13
CA VAL A 20 6.93 4.94 -5.37
C VAL A 20 5.63 4.24 -5.01
N LEU A 21 5.30 4.25 -3.73
CA LEU A 21 4.05 3.69 -3.24
C LEU A 21 3.08 4.85 -3.05
N SER A 22 2.04 4.89 -3.86
CA SER A 22 1.08 5.99 -3.78
C SER A 22 -0.31 5.52 -3.34
N ILE A 23 -1.03 6.40 -2.64
CA ILE A 23 -2.36 6.09 -2.12
C ILE A 23 -3.41 7.09 -2.59
N ASP A 24 -4.14 6.77 -3.65
CA ASP A 24 -5.19 7.66 -4.12
C ASP A 24 -6.45 6.85 -4.47
N SER A 25 -7.20 6.45 -3.43
CA SER A 25 -8.46 5.66 -3.53
C SER A 25 -8.13 4.22 -3.92
N ARG A 26 -6.96 4.08 -4.49
CA ARG A 26 -6.46 2.83 -4.91
C ARG A 26 -5.01 2.77 -4.50
N LEU A 27 -4.62 1.67 -3.87
CA LEU A 27 -3.26 1.49 -3.45
C LEU A 27 -2.42 1.14 -4.66
N LYS A 28 -1.64 2.11 -5.11
CA LYS A 28 -0.82 1.94 -6.30
C LYS A 28 0.67 2.07 -6.03
N TRP A 29 1.40 0.99 -6.19
CA TRP A 29 2.84 1.02 -6.03
C TRP A 29 3.46 0.82 -7.40
N THR A 30 4.59 1.43 -7.63
CA THR A 30 5.25 1.33 -8.92
C THR A 30 6.75 1.16 -8.76
N GLY A 31 7.33 0.20 -9.47
CA GLY A 31 8.76 -0.06 -9.40
C GLY A 31 9.60 1.07 -9.99
N GLU A 32 10.92 0.95 -9.81
CA GLU A 32 11.87 1.94 -10.29
C GLU A 32 11.76 2.15 -11.80
N GLY A 33 11.13 3.25 -12.20
CA GLY A 33 10.97 3.57 -13.62
C GLY A 33 10.27 2.46 -14.38
N LYS A 34 9.24 1.87 -13.78
CA LYS A 34 8.50 0.80 -14.42
C LYS A 34 7.31 1.36 -15.18
N THR A 35 7.03 2.64 -14.96
CA THR A 35 5.92 3.33 -15.61
C THR A 35 4.56 2.83 -15.10
N THR A 36 4.20 1.61 -15.49
CA THR A 36 2.94 1.03 -15.07
C THR A 36 3.01 0.55 -13.62
N PRO A 37 1.95 0.84 -12.83
CA PRO A 37 1.88 0.44 -11.43
C PRO A 37 2.00 -1.07 -11.26
N SER A 38 2.95 -1.50 -10.45
CA SER A 38 3.17 -2.91 -10.20
C SER A 38 2.17 -3.44 -9.17
N VAL A 39 1.66 -2.52 -8.35
CA VAL A 39 0.67 -2.87 -7.34
C VAL A 39 -0.50 -1.91 -7.45
N ASP A 40 -1.51 -2.25 -8.23
CA ASP A 40 -2.67 -1.40 -8.35
C ASP A 40 -3.87 -2.15 -7.84
N ILE A 41 -4.17 -1.93 -6.56
CA ILE A 41 -5.29 -2.61 -5.92
C ILE A 41 -6.18 -1.59 -5.21
N ALA A 42 -7.44 -1.55 -5.60
CA ALA A 42 -8.40 -0.63 -5.00
C ALA A 42 -8.70 -1.01 -3.56
N PHE A 43 -9.27 -0.08 -2.80
CA PHE A 43 -9.58 -0.33 -1.40
C PHE A 43 -10.66 -1.39 -1.20
N ASP A 44 -11.38 -1.71 -2.26
CA ASP A 44 -12.42 -2.73 -2.20
C ASP A 44 -11.76 -4.09 -2.39
N ALA A 45 -10.45 -4.03 -2.58
CA ALA A 45 -9.62 -5.20 -2.77
C ALA A 45 -8.53 -5.20 -1.72
N ILE A 46 -8.75 -4.43 -0.66
CA ILE A 46 -7.81 -4.38 0.46
C ILE A 46 -8.60 -4.67 1.70
N SER A 47 -8.30 -5.79 2.31
CA SER A 47 -9.03 -6.23 3.47
C SER A 47 -8.39 -5.71 4.76
N ASN A 48 -7.07 -5.51 4.71
CA ASN A 48 -6.31 -5.03 5.87
C ASN A 48 -4.84 -4.91 5.48
N LEU A 49 -4.02 -4.37 6.38
CA LEU A 49 -2.60 -4.23 6.10
C LEU A 49 -1.79 -4.26 7.41
N GLN A 50 -0.52 -4.59 7.31
CA GLN A 50 0.37 -4.64 8.47
C GLN A 50 1.64 -3.85 8.18
N THR A 51 2.21 -3.23 9.19
CA THR A 51 3.42 -2.44 9.03
C THR A 51 4.48 -2.90 10.01
N THR A 52 5.75 -2.59 9.73
CA THR A 52 6.84 -2.96 10.64
C THR A 52 6.56 -2.50 12.07
N PRO A 53 7.08 -3.24 13.07
CA PRO A 53 6.85 -2.92 14.50
C PRO A 53 7.58 -1.67 14.98
N ALA A 54 8.11 -0.87 14.04
CA ALA A 54 8.84 0.36 14.32
C ALA A 54 10.19 0.11 15.00
N SER A 55 10.17 -0.59 16.13
CA SER A 55 11.39 -0.89 16.86
C SER A 55 12.14 -2.05 16.23
N ASN A 56 12.50 -1.88 14.96
CA ASN A 56 13.22 -2.88 14.22
C ASN A 56 13.97 -2.22 13.07
N PRO A 57 15.22 -2.63 12.81
CA PRO A 57 16.00 -2.09 11.70
C PRO A 57 15.44 -2.56 10.35
N LYS A 58 14.15 -2.30 10.17
CA LYS A 58 13.40 -2.67 8.98
C LYS A 58 12.08 -1.91 9.00
N VAL A 59 11.73 -1.29 7.90
CA VAL A 59 10.48 -0.55 7.80
C VAL A 59 9.73 -0.98 6.57
N MET A 60 8.53 -1.52 6.75
CA MET A 60 7.77 -1.97 5.60
C MET A 60 6.26 -1.80 5.78
N ILE A 61 5.53 -2.10 4.71
CA ILE A 61 4.07 -2.06 4.68
C ILE A 61 3.58 -3.30 3.94
N ARG A 62 2.79 -4.12 4.62
CA ARG A 62 2.23 -5.32 4.04
C ARG A 62 0.74 -5.11 3.82
N VAL A 63 0.23 -5.54 2.68
CA VAL A 63 -1.18 -5.35 2.40
C VAL A 63 -1.87 -6.67 2.11
N PHE A 64 -3.02 -6.87 2.74
CA PHE A 64 -3.81 -8.06 2.55
C PHE A 64 -4.93 -7.72 1.58
N ILE A 65 -4.86 -8.33 0.40
CA ILE A 65 -5.78 -8.05 -0.67
C ILE A 65 -7.02 -8.95 -0.68
N VAL A 66 -8.19 -8.32 -0.74
CA VAL A 66 -9.45 -9.03 -0.86
C VAL A 66 -9.55 -9.36 -2.32
N VAL A 67 -10.38 -10.28 -2.72
CA VAL A 67 -10.40 -10.60 -4.12
C VAL A 67 -11.17 -9.61 -4.94
N LYS A 68 -10.46 -8.90 -5.77
CA LYS A 68 -11.12 -8.04 -6.70
C LYS A 68 -11.71 -9.00 -7.72
N GLU A 69 -12.80 -8.62 -8.35
CA GLU A 69 -13.45 -9.52 -9.30
C GLU A 69 -12.47 -10.07 -10.34
N GLY A 70 -12.41 -11.40 -10.42
CA GLY A 70 -11.53 -12.06 -11.36
C GLY A 70 -10.09 -12.06 -10.88
N GLU A 71 -9.84 -12.67 -9.73
CA GLU A 71 -8.50 -12.74 -9.14
C GLU A 71 -8.52 -13.68 -7.95
N ASP A 72 -7.54 -13.52 -7.06
CA ASP A 72 -7.44 -14.33 -5.85
C ASP A 72 -6.92 -13.46 -4.70
N PRO A 73 -7.31 -13.77 -3.45
CA PRO A 73 -6.86 -13.01 -2.29
C PRO A 73 -5.34 -13.18 -2.09
N THR A 74 -4.61 -12.09 -2.01
CA THR A 74 -3.16 -12.17 -1.87
C THR A 74 -2.63 -11.15 -0.85
N SER A 75 -1.35 -11.22 -0.55
CA SER A 75 -0.72 -10.28 0.36
C SER A 75 0.55 -9.74 -0.26
N LEU A 76 0.68 -8.43 -0.32
CA LEU A 76 1.86 -7.80 -0.92
C LEU A 76 2.70 -7.12 0.14
N VAL A 77 3.99 -6.96 -0.13
CA VAL A 77 4.88 -6.32 0.81
C VAL A 77 5.71 -5.22 0.15
N PHE A 78 5.69 -4.06 0.78
CA PHE A 78 6.44 -2.91 0.30
C PHE A 78 7.45 -2.53 1.37
N HIS A 79 8.71 -2.85 1.14
CA HIS A 79 9.75 -2.57 2.12
C HIS A 79 10.30 -1.15 1.96
N PHE A 80 10.08 -0.32 2.95
CA PHE A 80 10.57 1.05 2.93
C PHE A 80 11.99 1.08 3.50
N THR A 81 12.42 -0.08 4.01
CA THR A 81 13.74 -0.24 4.61
C THR A 81 14.86 0.43 3.80
N GLY A 82 14.78 0.32 2.48
CA GLY A 82 15.78 0.95 1.63
C GLY A 82 15.33 2.34 1.22
N THR A 83 14.84 3.10 2.19
CA THR A 83 14.34 4.44 1.97
C THR A 83 14.57 5.29 3.22
N PRO A 84 15.08 6.52 3.06
CA PRO A 84 15.34 7.43 4.18
C PRO A 84 14.10 7.68 5.04
N ASN A 85 13.04 8.18 4.39
CA ASN A 85 11.78 8.48 5.06
C ASN A 85 10.85 7.27 5.01
N ALA A 86 11.42 6.10 5.29
CA ALA A 86 10.71 4.83 5.28
C ALA A 86 9.56 4.79 6.27
N ARG A 87 9.85 4.98 7.55
CA ARG A 87 8.84 4.89 8.59
C ARG A 87 7.94 6.11 8.65
N GLU A 88 8.49 7.27 8.33
CA GLU A 88 7.73 8.50 8.36
C GLU A 88 6.67 8.47 7.27
N ASN A 89 7.08 8.05 6.08
CA ASN A 89 6.15 7.95 4.99
C ASN A 89 5.33 6.69 5.14
N CYS A 90 5.89 5.71 5.84
CA CYS A 90 5.20 4.45 6.10
C CYS A 90 3.93 4.76 6.87
N ASP A 91 4.03 5.57 7.92
CA ASP A 91 2.85 5.94 8.70
C ASP A 91 1.92 6.79 7.85
N MET A 92 2.50 7.75 7.14
CA MET A 92 1.73 8.63 6.26
C MET A 92 0.92 7.79 5.27
N ILE A 93 1.57 6.77 4.70
CA ILE A 93 0.91 5.86 3.78
C ILE A 93 -0.14 5.06 4.51
N THR A 94 0.30 4.33 5.54
CA THR A 94 -0.58 3.47 6.33
C THR A 94 -1.79 4.21 6.89
N ASN A 95 -1.59 5.36 7.51
CA ASN A 95 -2.68 6.11 8.09
C ASN A 95 -3.69 6.48 7.01
N GLU A 96 -3.20 7.04 5.92
CA GLU A 96 -4.06 7.41 4.82
C GLU A 96 -4.67 6.17 4.18
N LEU A 97 -3.82 5.19 3.90
CA LEU A 97 -4.21 3.94 3.28
C LEU A 97 -5.25 3.21 4.12
N ARG A 98 -4.86 2.81 5.32
CA ARG A 98 -5.74 2.06 6.22
C ARG A 98 -7.05 2.79 6.50
N ASN A 99 -6.99 4.10 6.67
CA ASN A 99 -8.19 4.89 6.93
C ASN A 99 -9.04 4.98 5.67
N ALA A 100 -8.38 5.16 4.53
CA ALA A 100 -9.07 5.25 3.25
C ALA A 100 -9.70 3.91 2.90
N ILE A 101 -8.96 2.85 3.13
CA ILE A 101 -9.44 1.51 2.86
C ILE A 101 -10.70 1.23 3.68
N GLN A 102 -10.67 1.63 4.94
CA GLN A 102 -11.79 1.42 5.84
C GLN A 102 -13.00 2.27 5.46
N ARG A 103 -12.77 3.54 5.15
CA ARG A 103 -13.88 4.42 4.79
C ARG A 103 -14.54 3.97 3.49
N GLN A 104 -13.80 3.24 2.66
CA GLN A 104 -14.36 2.72 1.42
C GLN A 104 -15.07 1.41 1.71
N ARG A 105 -14.69 0.78 2.82
CA ARG A 105 -15.28 -0.48 3.23
C ARG A 105 -16.66 -0.27 3.83
N GLU A 106 -16.76 0.72 4.73
CA GLU A 106 -18.02 1.05 5.36
C GLU A 106 -19.04 1.44 4.30
N GLY A 107 -18.56 2.17 3.30
CA GLY A 107 -19.41 2.57 2.19
C GLY A 107 -19.29 1.57 1.06
N SER A 108 -19.58 0.31 1.39
CA SER A 108 -19.49 -0.80 0.44
C SER A 108 -20.21 -0.50 -0.87
N GLN A 109 -19.42 -0.27 -1.91
CA GLN A 109 -19.95 0.02 -3.24
C GLN A 109 -20.30 -1.27 -3.95
N SER A 110 -21.23 -2.02 -3.35
CA SER A 110 -21.65 -3.32 -3.89
C SER A 110 -20.50 -4.33 -3.83
N LYS A 111 -19.48 -3.97 -3.07
CA LYS A 111 -18.29 -4.79 -2.90
C LYS A 111 -17.49 -4.26 -1.74
N MET A 4 -5.73 10.15 -1.03
CA MET A 4 -7.09 10.57 -1.45
C MET A 4 -7.05 12.02 -1.91
N GLY A 5 -7.14 12.22 -3.23
CA GLY A 5 -7.05 13.57 -3.77
C GLY A 5 -5.60 13.92 -3.96
N ASP A 6 -4.89 13.88 -2.86
CA ASP A 6 -3.45 14.10 -2.84
C ASP A 6 -2.83 12.78 -2.44
N ARG A 7 -2.33 12.04 -3.41
CA ARG A 7 -1.76 10.73 -3.16
C ARG A 7 -0.54 10.80 -2.26
N VAL A 8 -0.52 9.96 -1.25
CA VAL A 8 0.62 9.90 -0.36
C VAL A 8 1.64 9.00 -0.99
N GLU A 9 2.81 9.56 -1.15
CA GLU A 9 3.90 8.86 -1.76
C GLU A 9 4.96 8.48 -0.75
N ALA A 10 5.42 7.25 -0.87
CA ALA A 10 6.45 6.67 -0.01
C ALA A 10 7.05 5.51 -0.76
N LEU A 11 8.29 5.62 -1.18
CA LEU A 11 8.87 4.54 -1.93
C LEU A 11 9.22 3.37 -1.03
N ALA A 12 9.00 2.18 -1.55
CA ALA A 12 9.26 0.95 -0.84
C ALA A 12 9.68 -0.13 -1.81
N ILE A 13 10.25 -1.20 -1.29
CA ILE A 13 10.70 -2.31 -2.10
C ILE A 13 9.62 -3.36 -2.24
N PHE A 14 9.15 -3.55 -3.45
CA PHE A 14 8.18 -4.57 -3.75
C PHE A 14 8.79 -5.54 -4.74
N ARG A 15 8.97 -6.78 -4.33
CA ARG A 15 9.58 -7.80 -5.18
C ARG A 15 10.96 -7.33 -5.65
N LYS A 16 11.77 -6.87 -4.69
CA LYS A 16 13.12 -6.36 -4.94
C LYS A 16 13.15 -5.10 -5.79
N LYS A 17 12.01 -4.49 -6.00
CA LYS A 17 11.94 -3.26 -6.76
C LYS A 17 11.68 -2.12 -5.79
N GLN A 18 12.46 -1.07 -5.86
CA GLN A 18 12.27 0.05 -4.97
C GLN A 18 11.60 1.17 -5.74
N GLY A 19 10.33 1.36 -5.48
CA GLY A 19 9.61 2.39 -6.18
C GLY A 19 8.65 3.11 -5.27
N VAL A 20 7.99 4.11 -5.84
CA VAL A 20 7.06 4.95 -5.08
C VAL A 20 5.75 4.23 -4.79
N LEU A 21 5.35 4.25 -3.52
CA LEU A 21 4.09 3.69 -3.10
C LEU A 21 3.11 4.85 -2.95
N SER A 22 2.00 4.81 -3.67
CA SER A 22 1.03 5.92 -3.62
C SER A 22 -0.36 5.43 -3.19
N ILE A 23 -1.13 6.31 -2.53
CA ILE A 23 -2.47 5.94 -2.04
C ILE A 23 -3.62 6.84 -2.54
N ASP A 24 -4.29 6.43 -3.62
CA ASP A 24 -5.45 7.19 -4.14
C ASP A 24 -6.61 6.27 -4.59
N SER A 25 -7.41 5.81 -3.62
CA SER A 25 -8.60 4.94 -3.83
C SER A 25 -8.18 3.52 -4.15
N ARG A 26 -7.04 3.47 -4.76
CA ARG A 26 -6.43 2.25 -5.12
C ARG A 26 -4.99 2.31 -4.68
N LEU A 27 -4.61 1.32 -3.90
CA LEU A 27 -3.26 1.22 -3.41
C LEU A 27 -2.36 0.92 -4.60
N LYS A 28 -1.62 1.92 -5.03
CA LYS A 28 -0.77 1.80 -6.21
C LYS A 28 0.72 1.97 -5.88
N TRP A 29 1.48 0.92 -6.12
CA TRP A 29 2.92 0.99 -5.93
C TRP A 29 3.58 0.80 -7.28
N THR A 30 4.68 1.47 -7.49
CA THR A 30 5.40 1.40 -8.74
C THR A 30 6.90 1.41 -8.52
N GLY A 31 7.60 0.42 -9.08
CA GLY A 31 9.02 0.34 -8.90
C GLY A 31 9.79 0.96 -10.04
N GLU A 32 11.09 1.16 -9.82
CA GLU A 32 11.94 1.76 -10.83
C GLU A 32 12.00 0.88 -12.09
N GLY A 33 12.04 1.54 -13.25
CA GLY A 33 12.08 0.82 -14.50
C GLY A 33 10.71 0.39 -14.98
N LYS A 34 9.71 0.63 -14.15
CA LYS A 34 8.33 0.27 -14.48
C LYS A 34 7.52 1.52 -14.79
N THR A 35 7.09 1.64 -16.04
CA THR A 35 6.28 2.77 -16.46
C THR A 35 4.85 2.63 -15.96
N THR A 36 4.50 1.42 -15.58
CA THR A 36 3.18 1.12 -15.06
C THR A 36 3.27 0.60 -13.64
N PRO A 37 2.24 0.82 -12.81
CA PRO A 37 2.23 0.36 -11.42
C PRO A 37 2.39 -1.16 -11.32
N SER A 38 3.02 -1.62 -10.26
CA SER A 38 3.23 -3.04 -10.04
C SER A 38 2.24 -3.55 -9.01
N VAL A 39 1.74 -2.65 -8.19
CA VAL A 39 0.75 -2.97 -7.18
C VAL A 39 -0.42 -2.04 -7.35
N ASP A 40 -1.39 -2.44 -8.13
CA ASP A 40 -2.57 -1.62 -8.32
C ASP A 40 -3.78 -2.39 -7.83
N ILE A 41 -4.13 -2.17 -6.57
CA ILE A 41 -5.26 -2.86 -5.97
C ILE A 41 -6.19 -1.86 -5.29
N ALA A 42 -7.50 -2.05 -5.44
CA ALA A 42 -8.46 -1.15 -4.83
C ALA A 42 -8.69 -1.52 -3.37
N PHE A 43 -9.29 -0.61 -2.61
CA PHE A 43 -9.54 -0.85 -1.19
C PHE A 43 -10.60 -1.93 -0.94
N ASP A 44 -11.30 -2.32 -1.99
CA ASP A 44 -12.32 -3.35 -1.90
C ASP A 44 -11.61 -4.68 -1.99
N ALA A 45 -10.35 -4.59 -2.36
CA ALA A 45 -9.48 -5.73 -2.50
C ALA A 45 -8.42 -5.67 -1.42
N ILE A 46 -8.68 -4.91 -0.37
CA ILE A 46 -7.75 -4.82 0.74
C ILE A 46 -8.50 -5.24 1.98
N SER A 47 -8.21 -6.45 2.41
CA SER A 47 -8.89 -7.02 3.53
C SER A 47 -8.30 -6.50 4.84
N ASN A 48 -6.99 -6.26 4.82
CA ASN A 48 -6.26 -5.76 5.98
C ASN A 48 -4.80 -5.61 5.61
N LEU A 49 -4.00 -5.04 6.50
CA LEU A 49 -2.58 -4.88 6.23
C LEU A 49 -1.78 -4.87 7.52
N GLN A 50 -0.50 -5.21 7.42
CA GLN A 50 0.38 -5.21 8.58
C GLN A 50 1.63 -4.38 8.29
N THR A 51 1.88 -3.40 9.13
CA THR A 51 3.01 -2.52 8.97
C THR A 51 4.05 -2.77 10.05
N THR A 52 5.30 -2.37 9.79
CA THR A 52 6.36 -2.56 10.77
C THR A 52 5.99 -1.96 12.13
N PRO A 53 6.41 -2.60 13.23
CA PRO A 53 6.09 -2.14 14.60
C PRO A 53 6.91 -0.93 15.05
N ALA A 54 7.22 -0.04 14.10
CA ALA A 54 7.99 1.19 14.36
C ALA A 54 9.44 0.90 14.76
N SER A 55 9.62 0.22 15.89
CA SER A 55 10.95 -0.11 16.38
C SER A 55 11.56 -1.27 15.60
N ASN A 56 11.86 -1.02 14.34
CA ASN A 56 12.46 -2.02 13.47
C ASN A 56 13.11 -1.34 12.27
N PRO A 57 14.44 -1.46 12.13
CA PRO A 57 15.18 -0.85 11.01
C PRO A 57 14.60 -1.25 9.66
N LYS A 58 14.09 -2.47 9.59
CA LYS A 58 13.48 -2.99 8.37
C LYS A 58 12.03 -2.53 8.29
N VAL A 59 11.84 -1.23 8.10
CA VAL A 59 10.51 -0.63 8.02
C VAL A 59 9.79 -1.10 6.76
N MET A 60 8.58 -1.62 6.91
CA MET A 60 7.84 -2.10 5.77
C MET A 60 6.32 -1.91 5.92
N ILE A 61 5.60 -2.25 4.85
CA ILE A 61 4.14 -2.20 4.81
C ILE A 61 3.65 -3.46 4.06
N ARG A 62 2.85 -4.28 4.73
CA ARG A 62 2.32 -5.49 4.13
C ARG A 62 0.82 -5.34 3.95
N VAL A 63 0.32 -5.66 2.78
CA VAL A 63 -1.11 -5.54 2.52
C VAL A 63 -1.69 -6.87 2.07
N PHE A 64 -2.83 -7.23 2.64
CA PHE A 64 -3.51 -8.46 2.30
C PHE A 64 -4.66 -8.14 1.35
N ILE A 65 -4.54 -8.63 0.13
CA ILE A 65 -5.53 -8.34 -0.90
C ILE A 65 -6.65 -9.37 -0.96
N VAL A 66 -7.88 -8.87 -0.95
CA VAL A 66 -9.08 -9.69 -1.06
C VAL A 66 -9.32 -9.81 -2.55
N VAL A 67 -10.06 -10.80 -3.01
CA VAL A 67 -10.26 -10.84 -4.44
C VAL A 67 -11.41 -10.00 -4.85
N LYS A 68 -11.11 -8.90 -5.43
CA LYS A 68 -12.13 -8.08 -5.98
C LYS A 68 -12.14 -8.50 -7.43
N GLU A 69 -13.25 -9.03 -7.91
CA GLU A 69 -13.33 -9.53 -9.28
C GLU A 69 -12.48 -8.69 -10.23
N GLY A 70 -11.44 -9.32 -10.74
CA GLY A 70 -10.51 -8.64 -11.62
C GLY A 70 -9.10 -8.63 -11.06
N GLU A 71 -8.95 -8.91 -9.76
CA GLU A 71 -7.63 -8.93 -9.14
C GLU A 71 -7.58 -10.01 -8.07
N ASP A 72 -6.81 -11.07 -8.36
CA ASP A 72 -6.65 -12.23 -7.48
C ASP A 72 -6.20 -11.83 -6.07
N PRO A 73 -6.42 -12.72 -5.07
CA PRO A 73 -6.04 -12.45 -3.69
C PRO A 73 -4.53 -12.62 -3.52
N THR A 74 -3.88 -11.60 -3.00
CA THR A 74 -2.43 -11.66 -2.82
C THR A 74 -1.95 -10.74 -1.70
N SER A 75 -1.07 -11.23 -0.84
CA SER A 75 -0.51 -10.38 0.19
C SER A 75 0.77 -9.77 -0.36
N LEU A 76 0.88 -8.46 -0.31
CA LEU A 76 2.04 -7.77 -0.86
C LEU A 76 2.87 -7.14 0.23
N VAL A 77 4.16 -7.05 0.01
CA VAL A 77 5.05 -6.44 0.98
C VAL A 77 5.87 -5.33 0.35
N PHE A 78 5.71 -4.13 0.90
CA PHE A 78 6.44 -2.98 0.43
C PHE A 78 7.45 -2.61 1.51
N HIS A 79 8.71 -2.95 1.28
CA HIS A 79 9.76 -2.68 2.26
C HIS A 79 10.29 -1.26 2.13
N PHE A 80 10.07 -0.45 3.15
CA PHE A 80 10.57 0.92 3.15
C PHE A 80 11.98 0.91 3.72
N THR A 81 12.45 -0.28 4.05
CA THR A 81 13.77 -0.50 4.62
C THR A 81 14.88 0.20 3.84
N GLY A 82 14.70 0.33 2.53
CA GLY A 82 15.69 0.99 1.71
C GLY A 82 15.30 2.42 1.39
N THR A 83 14.47 2.98 2.26
CA THR A 83 13.98 4.33 2.10
C THR A 83 14.40 5.19 3.28
N PRO A 84 14.98 6.37 3.03
CA PRO A 84 15.42 7.28 4.08
C PRO A 84 14.28 7.61 5.06
N ASN A 85 13.12 7.93 4.51
CA ASN A 85 11.95 8.26 5.32
C ASN A 85 10.97 7.10 5.34
N ALA A 86 11.52 5.91 5.54
CA ALA A 86 10.75 4.67 5.59
C ALA A 86 9.60 4.68 6.58
N ARG A 87 9.91 4.91 7.85
CA ARG A 87 8.91 4.85 8.91
C ARG A 87 7.91 6.01 8.89
N GLU A 88 8.38 7.22 8.66
CA GLU A 88 7.49 8.38 8.65
C GLU A 88 6.53 8.29 7.47
N ASN A 89 7.06 7.91 6.31
CA ASN A 89 6.22 7.76 5.15
C ASN A 89 5.39 6.49 5.26
N CYS A 90 5.92 5.52 5.98
CA CYS A 90 5.21 4.27 6.21
C CYS A 90 3.91 4.57 6.93
N ASP A 91 3.98 5.35 8.00
CA ASP A 91 2.78 5.72 8.74
C ASP A 91 1.90 6.61 7.87
N MET A 92 2.53 7.56 7.19
CA MET A 92 1.81 8.46 6.30
C MET A 92 1.00 7.66 5.28
N ILE A 93 1.62 6.60 4.76
CA ILE A 93 0.94 5.71 3.82
C ILE A 93 -0.15 4.94 4.54
N THR A 94 0.24 4.23 5.60
CA THR A 94 -0.68 3.42 6.40
C THR A 94 -1.89 4.22 6.86
N ASN A 95 -1.66 5.44 7.32
CA ASN A 95 -2.75 6.28 7.78
C ASN A 95 -3.72 6.56 6.65
N GLU A 96 -3.20 7.09 5.55
CA GLU A 96 -4.03 7.39 4.39
C GLU A 96 -4.65 6.10 3.85
N LEU A 97 -3.81 5.09 3.71
CA LEU A 97 -4.22 3.79 3.20
C LEU A 97 -5.35 3.19 4.03
N ARG A 98 -5.06 2.92 5.31
CA ARG A 98 -6.04 2.30 6.20
C ARG A 98 -7.30 3.14 6.30
N ASN A 99 -7.14 4.46 6.41
CA ASN A 99 -8.30 5.36 6.50
C ASN A 99 -9.11 5.30 5.22
N ALA A 100 -8.43 5.44 4.09
CA ALA A 100 -9.09 5.41 2.79
C ALA A 100 -9.73 4.06 2.52
N ILE A 101 -9.04 2.98 2.94
CA ILE A 101 -9.58 1.64 2.77
C ILE A 101 -10.92 1.55 3.51
N GLN A 102 -10.93 2.08 4.73
CA GLN A 102 -12.13 2.09 5.55
C GLN A 102 -13.17 3.03 4.96
N ARG A 103 -12.72 4.06 4.25
CA ARG A 103 -13.61 5.03 3.62
C ARG A 103 -14.44 4.36 2.54
N GLN A 104 -13.88 3.36 1.87
CA GLN A 104 -14.63 2.62 0.86
C GLN A 104 -15.44 1.51 1.51
N ARG A 105 -14.95 1.05 2.65
CA ARG A 105 -15.57 -0.02 3.42
C ARG A 105 -16.75 0.44 4.29
N GLU A 106 -16.93 1.76 4.39
CA GLU A 106 -18.00 2.36 5.23
C GLU A 106 -19.30 1.53 5.22
N GLY A 107 -19.91 1.42 4.06
CA GLY A 107 -21.14 0.65 3.93
C GLY A 107 -21.06 -0.27 2.73
N SER A 108 -20.24 0.12 1.76
CA SER A 108 -20.04 -0.66 0.56
C SER A 108 -19.12 -1.85 0.83
N GLN A 109 -19.57 -2.72 1.74
CA GLN A 109 -18.80 -3.90 2.11
C GLN A 109 -18.73 -4.89 0.96
N SER A 110 -17.63 -4.81 0.21
CA SER A 110 -17.40 -5.68 -0.92
C SER A 110 -16.95 -7.06 -0.44
N LYS A 111 -17.84 -8.03 -0.51
CA LYS A 111 -17.57 -9.39 -0.09
C LYS A 111 -18.69 -10.29 -0.58
N MET A 4 -5.41 10.51 -8.25
CA MET A 4 -6.77 11.04 -7.96
C MET A 4 -6.67 12.39 -7.27
N GLY A 5 -6.17 12.41 -6.04
CA GLY A 5 -6.03 13.65 -5.33
C GLY A 5 -4.64 13.81 -4.78
N ASP A 6 -4.52 14.04 -3.49
CA ASP A 6 -3.22 14.18 -2.88
C ASP A 6 -2.74 12.82 -2.39
N ARG A 7 -2.25 12.05 -3.35
CA ARG A 7 -1.75 10.71 -3.09
C ARG A 7 -0.57 10.73 -2.13
N VAL A 8 -0.54 9.82 -1.19
CA VAL A 8 0.59 9.73 -0.28
C VAL A 8 1.67 8.94 -0.94
N GLU A 9 2.83 9.54 -1.03
CA GLU A 9 3.95 8.93 -1.67
C GLU A 9 5.03 8.50 -0.67
N ALA A 10 5.51 7.30 -0.86
CA ALA A 10 6.55 6.70 -0.02
C ALA A 10 7.13 5.54 -0.80
N LEU A 11 8.37 5.66 -1.24
CA LEU A 11 8.93 4.58 -2.02
C LEU A 11 9.26 3.39 -1.14
N ALA A 12 9.07 2.22 -1.70
CA ALA A 12 9.31 0.97 -1.01
C ALA A 12 9.72 -0.11 -2.00
N ILE A 13 10.27 -1.18 -1.48
CA ILE A 13 10.71 -2.30 -2.30
C ILE A 13 9.63 -3.35 -2.41
N PHE A 14 9.12 -3.53 -3.62
CA PHE A 14 8.13 -4.53 -3.89
C PHE A 14 8.76 -5.59 -4.78
N ARG A 15 8.98 -6.79 -4.23
CA ARG A 15 9.61 -7.87 -4.97
C ARG A 15 10.94 -7.41 -5.58
N LYS A 16 11.82 -6.92 -4.71
CA LYS A 16 13.12 -6.40 -5.10
C LYS A 16 13.06 -5.26 -6.11
N LYS A 17 11.97 -4.52 -6.05
CA LYS A 17 11.79 -3.35 -6.89
C LYS A 17 11.60 -2.16 -5.97
N GLN A 18 12.41 -1.14 -6.08
CA GLN A 18 12.27 0.00 -5.21
C GLN A 18 11.66 1.14 -6.00
N GLY A 19 10.40 1.37 -5.74
CA GLY A 19 9.69 2.41 -6.42
C GLY A 19 8.79 3.16 -5.50
N VAL A 20 8.02 4.07 -6.04
CA VAL A 20 7.16 4.92 -5.23
C VAL A 20 5.82 4.25 -4.91
N LEU A 21 5.44 4.28 -3.64
CA LEU A 21 4.15 3.75 -3.20
C LEU A 21 3.21 4.94 -3.04
N SER A 22 2.15 4.98 -3.84
CA SER A 22 1.22 6.10 -3.80
C SER A 22 -0.19 5.64 -3.38
N ILE A 23 -0.95 6.53 -2.74
CA ILE A 23 -2.29 6.19 -2.25
C ILE A 23 -3.40 7.12 -2.78
N ASP A 24 -4.18 6.65 -3.75
CA ASP A 24 -5.32 7.43 -4.29
C ASP A 24 -6.54 6.55 -4.54
N SER A 25 -7.28 6.22 -3.46
CA SER A 25 -8.53 5.41 -3.47
C SER A 25 -8.21 3.96 -3.83
N ARG A 26 -7.10 3.82 -4.48
CA ARG A 26 -6.59 2.57 -4.89
C ARG A 26 -5.11 2.56 -4.54
N LEU A 27 -4.69 1.54 -3.82
CA LEU A 27 -3.31 1.43 -3.41
C LEU A 27 -2.45 1.12 -4.63
N LYS A 28 -1.65 2.10 -5.05
CA LYS A 28 -0.83 1.94 -6.24
C LYS A 28 0.67 2.13 -5.96
N TRP A 29 1.42 1.07 -6.14
CA TRP A 29 2.87 1.13 -5.98
C TRP A 29 3.50 0.97 -7.36
N THR A 30 4.58 1.65 -7.59
CA THR A 30 5.25 1.60 -8.87
C THR A 30 6.73 1.31 -8.70
N GLY A 31 7.29 0.49 -9.56
CA GLY A 31 8.70 0.15 -9.49
C GLY A 31 9.60 1.19 -10.12
N GLU A 32 10.89 0.94 -10.09
CA GLU A 32 11.87 1.85 -10.66
C GLU A 32 11.99 1.63 -12.16
N GLY A 33 11.89 0.36 -12.57
CA GLY A 33 11.97 0.03 -13.97
C GLY A 33 10.61 -0.23 -14.56
N LYS A 34 9.60 0.47 -14.03
CA LYS A 34 8.24 0.32 -14.51
C LYS A 34 7.61 1.67 -14.78
N THR A 35 7.25 1.90 -16.04
CA THR A 35 6.62 3.14 -16.45
C THR A 35 5.14 3.14 -16.05
N THR A 36 4.72 2.04 -15.46
CA THR A 36 3.35 1.85 -15.02
C THR A 36 3.36 1.25 -13.61
N PRO A 37 2.27 1.40 -12.86
CA PRO A 37 2.17 0.84 -11.51
C PRO A 37 2.38 -0.68 -11.51
N SER A 38 2.95 -1.19 -10.44
CA SER A 38 3.18 -2.61 -10.30
C SER A 38 2.20 -3.21 -9.30
N VAL A 39 1.78 -2.39 -8.35
CA VAL A 39 0.81 -2.80 -7.35
C VAL A 39 -0.38 -1.89 -7.42
N ASP A 40 -1.36 -2.25 -8.21
CA ASP A 40 -2.56 -1.44 -8.32
C ASP A 40 -3.73 -2.24 -7.77
N ILE A 41 -4.01 -2.05 -6.49
CA ILE A 41 -5.08 -2.76 -5.85
C ILE A 41 -5.97 -1.79 -5.10
N ALA A 42 -7.24 -1.79 -5.45
CA ALA A 42 -8.21 -0.90 -4.84
C ALA A 42 -8.47 -1.26 -3.39
N PHE A 43 -9.08 -0.34 -2.64
CA PHE A 43 -9.38 -0.57 -1.23
C PHE A 43 -10.42 -1.66 -1.02
N ASP A 44 -11.17 -1.95 -2.08
CA ASP A 44 -12.19 -2.99 -2.03
C ASP A 44 -11.50 -4.33 -2.25
N ALA A 45 -10.21 -4.23 -2.55
CA ALA A 45 -9.36 -5.38 -2.76
C ALA A 45 -8.27 -5.40 -1.68
N ILE A 46 -8.51 -4.66 -0.61
CA ILE A 46 -7.58 -4.62 0.51
C ILE A 46 -8.37 -4.98 1.75
N SER A 47 -8.16 -6.17 2.22
CA SER A 47 -8.89 -6.68 3.35
C SER A 47 -8.30 -6.16 4.65
N ASN A 48 -6.98 -6.03 4.67
CA ASN A 48 -6.25 -5.57 5.85
C ASN A 48 -4.77 -5.48 5.50
N LEU A 49 -3.93 -4.97 6.39
CA LEU A 49 -2.51 -4.87 6.13
C LEU A 49 -1.70 -4.88 7.43
N GLN A 50 -0.39 -5.10 7.30
CA GLN A 50 0.50 -5.11 8.45
C GLN A 50 1.75 -4.27 8.14
N THR A 51 2.14 -3.44 9.08
CA THR A 51 3.29 -2.57 8.90
C THR A 51 4.35 -2.83 9.95
N THR A 52 5.59 -2.44 9.67
CA THR A 52 6.68 -2.61 10.63
C THR A 52 6.32 -1.98 11.99
N PRO A 53 6.75 -2.60 13.09
CA PRO A 53 6.45 -2.12 14.46
C PRO A 53 7.25 -0.88 14.87
N ALA A 54 7.31 0.11 13.97
CA ALA A 54 8.02 1.37 14.21
C ALA A 54 9.52 1.17 14.39
N SER A 55 9.91 0.69 15.57
CA SER A 55 11.30 0.45 15.91
C SER A 55 11.84 -0.79 15.18
N ASN A 56 12.04 -0.66 13.88
CA ASN A 56 12.55 -1.75 13.08
C ASN A 56 13.41 -1.20 11.95
N PRO A 57 14.66 -1.68 11.83
CA PRO A 57 15.56 -1.24 10.77
C PRO A 57 14.97 -1.52 9.39
N LYS A 58 14.43 -2.71 9.24
CA LYS A 58 13.81 -3.12 7.99
C LYS A 58 12.35 -2.68 7.98
N VAL A 59 12.15 -1.39 7.73
CA VAL A 59 10.81 -0.79 7.69
C VAL A 59 10.03 -1.30 6.50
N MET A 60 8.80 -1.73 6.71
CA MET A 60 8.00 -2.24 5.61
C MET A 60 6.50 -1.98 5.76
N ILE A 61 5.75 -2.36 4.72
CA ILE A 61 4.30 -2.28 4.66
C ILE A 61 3.79 -3.52 3.91
N ARG A 62 2.98 -4.33 4.58
CA ARG A 62 2.42 -5.54 3.99
C ARG A 62 0.94 -5.35 3.78
N VAL A 63 0.42 -5.72 2.63
CA VAL A 63 -1.00 -5.56 2.37
C VAL A 63 -1.65 -6.88 2.02
N PHE A 64 -2.81 -7.14 2.62
CA PHE A 64 -3.57 -8.35 2.36
C PHE A 64 -4.69 -7.99 1.41
N ILE A 65 -4.63 -8.57 0.22
CA ILE A 65 -5.58 -8.28 -0.84
C ILE A 65 -6.79 -9.20 -0.87
N VAL A 66 -7.96 -8.59 -0.97
CA VAL A 66 -9.22 -9.30 -1.10
C VAL A 66 -9.34 -9.58 -2.58
N VAL A 67 -10.17 -10.51 -3.00
CA VAL A 67 -10.21 -10.78 -4.41
C VAL A 67 -11.00 -9.78 -5.19
N LYS A 68 -10.32 -9.04 -6.00
CA LYS A 68 -10.97 -8.16 -6.91
C LYS A 68 -11.53 -9.09 -7.98
N GLU A 69 -12.64 -8.77 -8.60
CA GLU A 69 -13.20 -9.70 -9.56
C GLU A 69 -12.28 -9.92 -10.77
N GLY A 70 -11.76 -11.13 -10.88
CA GLY A 70 -10.89 -11.47 -12.00
C GLY A 70 -9.54 -12.00 -11.59
N GLU A 71 -9.20 -11.88 -10.31
CA GLU A 71 -7.91 -12.35 -9.82
C GLU A 71 -8.09 -13.26 -8.61
N ASP A 72 -7.09 -13.28 -7.74
CA ASP A 72 -7.13 -14.10 -6.52
C ASP A 72 -6.63 -13.30 -5.32
N PRO A 73 -7.00 -13.70 -4.09
CA PRO A 73 -6.56 -13.03 -2.87
C PRO A 73 -5.05 -13.22 -2.67
N THR A 74 -4.32 -12.12 -2.50
CA THR A 74 -2.88 -12.21 -2.33
C THR A 74 -2.38 -11.24 -1.25
N SER A 75 -1.10 -11.32 -0.94
CA SER A 75 -0.50 -10.41 0.02
C SER A 75 0.77 -9.83 -0.57
N LEU A 76 0.91 -8.52 -0.52
CA LEU A 76 2.07 -7.84 -1.09
C LEU A 76 2.90 -7.19 -0.01
N VAL A 77 4.19 -7.04 -0.26
CA VAL A 77 5.07 -6.41 0.71
C VAL A 77 5.89 -5.29 0.08
N PHE A 78 5.82 -4.14 0.71
CA PHE A 78 6.56 -2.97 0.26
C PHE A 78 7.58 -2.62 1.33
N HIS A 79 8.84 -2.91 1.07
CA HIS A 79 9.89 -2.64 2.03
C HIS A 79 10.40 -1.21 1.93
N PHE A 80 10.18 -0.43 2.97
CA PHE A 80 10.65 0.95 2.99
C PHE A 80 12.06 0.96 3.56
N THR A 81 12.58 -0.25 3.77
CA THR A 81 13.91 -0.48 4.32
C THR A 81 14.99 0.34 3.59
N GLY A 82 14.80 0.55 2.30
CA GLY A 82 15.76 1.32 1.53
C GLY A 82 15.26 2.72 1.26
N THR A 83 14.50 3.25 2.22
CA THR A 83 13.92 4.57 2.11
C THR A 83 14.28 5.40 3.34
N PRO A 84 14.77 6.64 3.13
CA PRO A 84 15.14 7.53 4.23
C PRO A 84 14.02 7.69 5.26
N ASN A 85 12.84 8.07 4.77
CA ASN A 85 11.69 8.26 5.65
C ASN A 85 10.79 7.03 5.60
N ALA A 86 11.42 5.87 5.77
CA ALA A 86 10.75 4.57 5.74
C ALA A 86 9.58 4.47 6.71
N ARG A 87 9.83 4.64 8.01
CA ARG A 87 8.77 4.51 9.02
C ARG A 87 7.83 5.70 8.99
N GLU A 88 8.39 6.85 8.74
CA GLU A 88 7.65 8.09 8.71
C GLU A 88 6.65 8.07 7.57
N ASN A 89 7.12 7.72 6.39
CA ASN A 89 6.25 7.65 5.24
C ASN A 89 5.40 6.39 5.34
N CYS A 90 5.92 5.37 6.02
CA CYS A 90 5.19 4.13 6.21
C CYS A 90 3.91 4.44 6.97
N ASP A 91 4.01 5.21 8.06
CA ASP A 91 2.82 5.57 8.83
C ASP A 91 1.95 6.48 8.00
N MET A 92 2.56 7.44 7.31
CA MET A 92 1.82 8.37 6.46
C MET A 92 1.01 7.58 5.44
N ILE A 93 1.65 6.59 4.81
CA ILE A 93 0.99 5.73 3.85
C ILE A 93 -0.11 4.96 4.55
N THR A 94 0.28 4.13 5.52
CA THR A 94 -0.63 3.28 6.27
C THR A 94 -1.81 4.04 6.87
N ASN A 95 -1.57 5.22 7.43
CA ASN A 95 -2.63 5.98 8.04
C ASN A 95 -3.69 6.36 7.01
N GLU A 96 -3.29 7.09 5.98
CA GLU A 96 -4.22 7.50 4.94
C GLU A 96 -4.73 6.29 4.17
N LEU A 97 -3.86 5.31 3.98
CA LEU A 97 -4.21 4.08 3.28
C LEU A 97 -5.33 3.39 4.06
N ARG A 98 -5.03 3.02 5.30
CA ARG A 98 -5.99 2.34 6.16
C ARG A 98 -7.26 3.16 6.31
N ASN A 99 -7.11 4.46 6.54
CA ASN A 99 -8.26 5.36 6.69
C ASN A 99 -9.15 5.29 5.45
N ALA A 100 -8.53 5.48 4.29
CA ALA A 100 -9.25 5.46 3.03
C ALA A 100 -9.76 4.06 2.70
N ILE A 101 -9.00 3.03 3.09
CA ILE A 101 -9.42 1.65 2.83
C ILE A 101 -10.72 1.36 3.59
N GLN A 102 -10.77 1.76 4.85
CA GLN A 102 -11.96 1.55 5.67
C GLN A 102 -13.10 2.45 5.18
N ARG A 103 -12.75 3.65 4.72
CA ARG A 103 -13.75 4.56 4.19
C ARG A 103 -14.46 3.92 3.00
N GLN A 104 -13.75 3.01 2.33
CA GLN A 104 -14.29 2.30 1.19
C GLN A 104 -15.34 1.29 1.63
N ARG A 105 -15.30 0.92 2.90
CA ARG A 105 -16.26 -0.04 3.44
C ARG A 105 -17.61 0.63 3.65
N GLU A 106 -17.64 1.58 4.58
CA GLU A 106 -18.85 2.32 4.92
C GLU A 106 -19.30 3.20 3.75
N GLY A 107 -18.32 3.82 3.10
CA GLY A 107 -18.63 4.68 1.98
C GLY A 107 -18.18 4.07 0.68
N SER A 108 -18.71 2.89 0.39
CA SER A 108 -18.37 2.14 -0.82
C SER A 108 -18.62 2.96 -2.08
N GLN A 109 -19.64 3.82 -2.04
CA GLN A 109 -19.97 4.68 -3.17
C GLN A 109 -18.94 5.79 -3.30
N SER A 110 -18.93 6.69 -2.32
CA SER A 110 -18.01 7.81 -2.29
C SER A 110 -17.88 8.29 -0.85
N LYS A 111 -18.99 8.66 -0.26
CA LYS A 111 -19.04 9.13 1.11
C LYS A 111 -19.56 8.02 1.99
N MET A 4 -7.51 10.83 -4.38
CA MET A 4 -8.02 12.22 -4.48
C MET A 4 -8.08 12.83 -3.10
N GLY A 5 -7.09 13.64 -2.75
CA GLY A 5 -7.04 14.23 -1.43
C GLY A 5 -6.31 13.32 -0.47
N ASP A 6 -6.64 12.04 -0.56
CA ASP A 6 -6.03 10.99 0.25
C ASP A 6 -4.76 10.49 -0.43
N ARG A 7 -4.19 11.36 -1.24
CA ARG A 7 -2.99 11.06 -2.01
C ARG A 7 -1.73 11.16 -1.14
N VAL A 8 -1.00 10.06 -1.03
CA VAL A 8 0.25 10.02 -0.27
C VAL A 8 1.27 9.20 -1.03
N GLU A 9 2.52 9.62 -0.94
CA GLU A 9 3.58 8.95 -1.62
C GLU A 9 4.69 8.52 -0.65
N ALA A 10 5.27 7.37 -0.94
CA ALA A 10 6.35 6.79 -0.15
C ALA A 10 6.98 5.68 -0.95
N LEU A 11 8.20 5.84 -1.39
CA LEU A 11 8.79 4.77 -2.17
C LEU A 11 9.16 3.60 -1.28
N ALA A 12 8.86 2.41 -1.76
CA ALA A 12 9.12 1.18 -1.04
C ALA A 12 9.59 0.10 -1.98
N ILE A 13 10.14 -0.94 -1.42
CA ILE A 13 10.64 -2.07 -2.19
C ILE A 13 9.58 -3.15 -2.33
N PHE A 14 9.02 -3.28 -3.51
CA PHE A 14 8.04 -4.30 -3.77
C PHE A 14 8.69 -5.46 -4.52
N ARG A 15 8.87 -6.58 -3.83
CA ARG A 15 9.49 -7.76 -4.43
C ARG A 15 10.84 -7.43 -5.08
N LYS A 16 11.68 -6.71 -4.33
CA LYS A 16 13.02 -6.30 -4.77
C LYS A 16 12.97 -5.17 -5.80
N LYS A 17 11.90 -4.40 -5.77
CA LYS A 17 11.76 -3.26 -6.66
C LYS A 17 11.57 -2.02 -5.80
N GLN A 18 12.44 -1.03 -5.93
CA GLN A 18 12.28 0.16 -5.13
C GLN A 18 11.60 1.22 -5.97
N GLY A 19 10.34 1.45 -5.68
CA GLY A 19 9.59 2.41 -6.42
C GLY A 19 8.68 3.20 -5.53
N VAL A 20 7.94 4.12 -6.12
CA VAL A 20 7.07 4.98 -5.34
C VAL A 20 5.74 4.31 -5.01
N LEU A 21 5.35 4.34 -3.75
CA LEU A 21 4.08 3.80 -3.30
C LEU A 21 3.12 4.97 -3.17
N SER A 22 2.10 5.03 -4.02
CA SER A 22 1.14 6.12 -4.00
C SER A 22 -0.25 5.62 -3.58
N ILE A 23 -1.03 6.50 -2.95
CA ILE A 23 -2.36 6.14 -2.48
C ILE A 23 -3.45 7.08 -3.01
N ASP A 24 -4.22 6.63 -3.99
CA ASP A 24 -5.33 7.45 -4.50
C ASP A 24 -6.55 6.57 -4.76
N SER A 25 -7.28 6.24 -3.68
CA SER A 25 -8.50 5.39 -3.70
C SER A 25 -8.15 3.95 -4.06
N ARG A 26 -7.02 3.84 -4.65
CA ARG A 26 -6.45 2.62 -5.08
C ARG A 26 -5.01 2.61 -4.65
N LEU A 27 -4.62 1.58 -3.94
CA LEU A 27 -3.25 1.45 -3.49
C LEU A 27 -2.40 1.12 -4.70
N LYS A 28 -1.65 2.12 -5.17
CA LYS A 28 -0.83 1.95 -6.37
C LYS A 28 0.65 2.12 -6.08
N TRP A 29 1.40 1.04 -6.25
CA TRP A 29 2.84 1.11 -6.08
C TRP A 29 3.46 0.97 -7.46
N THR A 30 4.54 1.67 -7.68
CA THR A 30 5.21 1.65 -8.96
C THR A 30 6.69 1.41 -8.82
N GLY A 31 7.26 0.63 -9.73
CA GLY A 31 8.69 0.34 -9.68
C GLY A 31 9.53 1.47 -10.22
N GLU A 32 10.84 1.28 -10.23
CA GLU A 32 11.76 2.30 -10.72
C GLU A 32 12.01 2.11 -12.21
N GLY A 33 12.22 0.87 -12.62
CA GLY A 33 12.44 0.57 -14.03
C GLY A 33 11.15 0.06 -14.64
N LYS A 34 10.06 0.51 -14.07
CA LYS A 34 8.74 0.13 -14.51
C LYS A 34 7.87 1.39 -14.66
N THR A 35 7.71 1.84 -15.90
CA THR A 35 6.94 3.04 -16.21
C THR A 35 5.43 2.80 -16.15
N THR A 36 4.99 2.10 -15.11
CA THR A 36 3.58 1.79 -14.90
C THR A 36 3.40 1.17 -13.52
N PRO A 37 2.24 1.36 -12.88
CA PRO A 37 1.99 0.79 -11.55
C PRO A 37 2.19 -0.73 -11.55
N SER A 38 2.85 -1.24 -10.53
CA SER A 38 3.08 -2.66 -10.39
C SER A 38 2.10 -3.24 -9.39
N VAL A 39 1.69 -2.41 -8.44
CA VAL A 39 0.72 -2.81 -7.45
C VAL A 39 -0.47 -1.88 -7.54
N ASP A 40 -1.46 -2.25 -8.33
CA ASP A 40 -2.66 -1.43 -8.45
C ASP A 40 -3.83 -2.21 -7.90
N ILE A 41 -4.13 -2.00 -6.63
CA ILE A 41 -5.22 -2.69 -5.99
C ILE A 41 -6.11 -1.69 -5.27
N ALA A 42 -7.39 -1.72 -5.57
CA ALA A 42 -8.35 -0.82 -4.95
C ALA A 42 -8.59 -1.19 -3.49
N PHE A 43 -9.18 -0.26 -2.75
CA PHE A 43 -9.44 -0.51 -1.33
C PHE A 43 -10.52 -1.57 -1.12
N ASP A 44 -11.24 -1.89 -2.17
CA ASP A 44 -12.26 -2.90 -2.12
C ASP A 44 -11.59 -4.26 -2.21
N ALA A 45 -10.32 -4.21 -2.58
CA ALA A 45 -9.48 -5.38 -2.71
C ALA A 45 -8.40 -5.34 -1.63
N ILE A 46 -8.65 -4.57 -0.58
CA ILE A 46 -7.73 -4.50 0.54
C ILE A 46 -8.51 -4.87 1.78
N SER A 47 -8.28 -6.08 2.23
CA SER A 47 -9.00 -6.61 3.35
C SER A 47 -8.40 -6.12 4.67
N ASN A 48 -7.09 -5.88 4.66
CA ASN A 48 -6.35 -5.43 5.84
C ASN A 48 -4.90 -5.21 5.47
N LEU A 49 -4.10 -4.66 6.39
CA LEU A 49 -2.69 -4.44 6.11
C LEU A 49 -1.89 -4.48 7.43
N GLN A 50 -0.60 -4.79 7.33
CA GLN A 50 0.27 -4.83 8.50
C GLN A 50 1.58 -4.12 8.21
N THR A 51 1.96 -3.21 9.09
CA THR A 51 3.18 -2.43 8.94
C THR A 51 4.23 -2.87 9.96
N THR A 52 5.49 -2.56 9.69
CA THR A 52 6.56 -2.90 10.63
C THR A 52 6.26 -2.39 12.04
N PRO A 53 6.81 -3.03 13.08
CA PRO A 53 6.56 -2.65 14.49
C PRO A 53 7.23 -1.34 14.92
N ALA A 54 7.56 -0.48 13.95
CA ALA A 54 8.20 0.82 14.20
C ALA A 54 9.61 0.68 14.77
N SER A 55 9.70 0.23 16.02
CA SER A 55 10.98 0.05 16.69
C SER A 55 11.67 -1.23 16.22
N ASN A 56 12.06 -1.24 14.96
CA ASN A 56 12.72 -2.40 14.36
C ASN A 56 13.64 -1.92 13.25
N PRO A 57 14.79 -2.58 13.04
CA PRO A 57 15.74 -2.22 11.97
C PRO A 57 15.19 -2.53 10.58
N LYS A 58 13.88 -2.58 10.47
CA LYS A 58 13.18 -2.85 9.23
C LYS A 58 11.88 -2.04 9.21
N VAL A 59 11.60 -1.39 8.08
CA VAL A 59 10.38 -0.59 7.95
C VAL A 59 9.66 -0.99 6.67
N MET A 60 8.46 -1.52 6.80
CA MET A 60 7.70 -1.95 5.64
C MET A 60 6.18 -1.78 5.81
N ILE A 61 5.46 -2.06 4.73
CA ILE A 61 4.00 -2.03 4.68
C ILE A 61 3.51 -3.30 3.96
N ARG A 62 2.73 -4.12 4.66
CA ARG A 62 2.18 -5.33 4.07
C ARG A 62 0.70 -5.13 3.82
N VAL A 63 0.21 -5.59 2.70
CA VAL A 63 -1.20 -5.42 2.38
C VAL A 63 -1.85 -6.75 2.07
N PHE A 64 -2.99 -7.00 2.69
CA PHE A 64 -3.76 -8.21 2.48
C PHE A 64 -4.86 -7.88 1.49
N ILE A 65 -4.77 -8.47 0.31
CA ILE A 65 -5.69 -8.20 -0.77
C ILE A 65 -6.90 -9.13 -0.81
N VAL A 66 -8.07 -8.51 -0.89
CA VAL A 66 -9.32 -9.24 -1.05
C VAL A 66 -9.40 -9.53 -2.52
N VAL A 67 -10.22 -10.46 -2.95
CA VAL A 67 -10.21 -10.75 -4.36
C VAL A 67 -11.01 -9.75 -5.14
N LYS A 68 -10.34 -9.04 -6.00
CA LYS A 68 -11.02 -8.18 -6.92
C LYS A 68 -11.64 -9.16 -7.93
N GLU A 69 -12.50 -8.73 -8.80
CA GLU A 69 -13.09 -9.68 -9.72
C GLU A 69 -12.05 -10.29 -10.65
N GLY A 70 -12.13 -11.61 -10.83
CA GLY A 70 -11.19 -12.32 -11.68
C GLY A 70 -9.77 -12.27 -11.16
N GLU A 71 -9.54 -12.88 -10.00
CA GLU A 71 -8.22 -12.91 -9.38
C GLU A 71 -8.25 -13.85 -8.18
N ASP A 72 -7.27 -13.69 -7.29
CA ASP A 72 -7.18 -14.50 -6.08
C ASP A 72 -6.69 -13.63 -4.92
N PRO A 73 -7.11 -13.94 -3.68
CA PRO A 73 -6.68 -13.18 -2.50
C PRO A 73 -5.17 -13.33 -2.29
N THR A 74 -4.45 -12.22 -2.19
CA THR A 74 -3.01 -12.27 -2.04
C THR A 74 -2.53 -11.25 -1.01
N SER A 75 -1.24 -11.28 -0.69
CA SER A 75 -0.65 -10.33 0.22
C SER A 75 0.62 -9.75 -0.40
N LEU A 76 0.69 -8.43 -0.44
CA LEU A 76 1.85 -7.76 -1.02
C LEU A 76 2.67 -7.09 0.05
N VAL A 77 3.96 -6.89 -0.20
CA VAL A 77 4.82 -6.24 0.77
C VAL A 77 5.66 -5.16 0.13
N PHE A 78 5.61 -3.98 0.74
CA PHE A 78 6.37 -2.84 0.28
C PHE A 78 7.38 -2.48 1.37
N HIS A 79 8.63 -2.84 1.15
CA HIS A 79 9.67 -2.59 2.13
C HIS A 79 10.23 -1.18 2.01
N PHE A 80 10.02 -0.37 3.01
CA PHE A 80 10.54 1.00 3.02
C PHE A 80 11.94 0.98 3.62
N THR A 81 12.41 -0.22 3.94
CA THR A 81 13.71 -0.41 4.55
C THR A 81 14.85 0.21 3.72
N GLY A 82 14.60 0.43 2.44
CA GLY A 82 15.60 1.03 1.59
C GLY A 82 15.23 2.47 1.26
N THR A 83 14.38 3.04 2.10
CA THR A 83 13.91 4.40 1.94
C THR A 83 14.34 5.27 3.12
N PRO A 84 14.87 6.47 2.84
CA PRO A 84 15.31 7.41 3.88
C PRO A 84 14.22 7.67 4.92
N ASN A 85 13.07 8.15 4.46
CA ASN A 85 11.95 8.44 5.33
C ASN A 85 10.96 7.29 5.34
N ALA A 86 11.52 6.08 5.41
CA ALA A 86 10.75 4.84 5.43
C ALA A 86 9.59 4.86 6.39
N ARG A 87 9.88 5.09 7.66
CA ARG A 87 8.85 5.06 8.70
C ARG A 87 7.91 6.26 8.64
N GLU A 88 8.45 7.44 8.31
CA GLU A 88 7.63 8.63 8.25
C GLU A 88 6.65 8.52 7.09
N ASN A 89 7.16 8.11 5.94
CA ASN A 89 6.31 7.93 4.79
C ASN A 89 5.42 6.73 4.99
N CYS A 90 5.96 5.72 5.67
CA CYS A 90 5.22 4.51 5.96
C CYS A 90 3.96 4.85 6.72
N ASP A 91 4.08 5.63 7.80
CA ASP A 91 2.91 6.01 8.58
C ASP A 91 1.97 6.86 7.74
N MET A 92 2.54 7.81 7.01
CA MET A 92 1.77 8.68 6.13
C MET A 92 0.93 7.83 5.19
N ILE A 93 1.57 6.84 4.57
CA ILE A 93 0.89 5.92 3.67
C ILE A 93 -0.12 5.10 4.47
N THR A 94 0.39 4.36 5.45
CA THR A 94 -0.43 3.49 6.28
C THR A 94 -1.70 4.15 6.79
N ASN A 95 -1.56 5.30 7.43
CA ASN A 95 -2.71 6.01 7.97
C ASN A 95 -3.71 6.36 6.89
N GLU A 96 -3.29 7.14 5.90
CA GLU A 96 -4.19 7.54 4.82
C GLU A 96 -4.70 6.32 4.06
N LEU A 97 -3.83 5.34 3.87
CA LEU A 97 -4.19 4.10 3.20
C LEU A 97 -5.30 3.44 4.01
N ARG A 98 -4.98 3.14 5.26
CA ARG A 98 -5.89 2.49 6.19
C ARG A 98 -7.20 3.27 6.31
N ASN A 99 -7.08 4.58 6.51
CA ASN A 99 -8.25 5.45 6.65
C ASN A 99 -9.11 5.41 5.40
N ALA A 100 -8.47 5.52 4.24
CA ALA A 100 -9.18 5.50 2.97
C ALA A 100 -9.73 4.11 2.67
N ILE A 101 -8.94 3.07 2.98
CA ILE A 101 -9.36 1.69 2.75
C ILE A 101 -10.66 1.41 3.51
N GLN A 102 -10.61 1.66 4.82
CA GLN A 102 -11.75 1.43 5.68
C GLN A 102 -12.91 2.32 5.28
N ARG A 103 -12.60 3.54 4.89
CA ARG A 103 -13.63 4.48 4.47
C ARG A 103 -14.36 3.95 3.25
N GLN A 104 -13.61 3.46 2.26
CA GLN A 104 -14.19 2.91 1.04
C GLN A 104 -15.01 1.68 1.38
N ARG A 105 -14.39 0.80 2.15
CA ARG A 105 -14.98 -0.45 2.57
C ARG A 105 -16.26 -0.26 3.36
N GLU A 106 -16.14 0.46 4.46
CA GLU A 106 -17.23 0.68 5.39
C GLU A 106 -18.21 1.78 4.98
N GLY A 107 -18.36 2.08 3.68
CA GLY A 107 -19.33 3.10 3.32
C GLY A 107 -19.09 3.83 1.99
N SER A 108 -17.86 4.28 1.75
CA SER A 108 -17.55 5.03 0.53
C SER A 108 -17.78 4.25 -0.76
N GLN A 109 -17.82 2.92 -0.65
CA GLN A 109 -18.05 2.03 -1.80
C GLN A 109 -16.87 2.00 -2.77
N SER A 110 -16.59 3.14 -3.40
CA SER A 110 -15.49 3.20 -4.36
C SER A 110 -14.67 4.48 -4.21
N LYS A 111 -14.86 5.20 -3.11
CA LYS A 111 -14.13 6.44 -2.87
C LYS A 111 -12.98 6.22 -1.89
N MET A 4 -2.53 13.40 1.75
CA MET A 4 -3.21 14.66 1.37
C MET A 4 -4.70 14.42 1.12
N GLY A 5 -5.33 13.63 1.99
CA GLY A 5 -6.75 13.34 1.84
C GLY A 5 -6.98 11.97 1.26
N ASP A 6 -6.52 11.77 0.03
CA ASP A 6 -6.64 10.50 -0.66
C ASP A 6 -5.46 10.33 -1.60
N ARG A 7 -4.29 10.76 -1.15
CA ARG A 7 -3.06 10.65 -1.92
C ARG A 7 -1.84 10.86 -1.06
N VAL A 8 -0.96 9.87 -1.05
CA VAL A 8 0.29 9.93 -0.30
C VAL A 8 1.34 9.14 -1.03
N GLU A 9 2.55 9.66 -1.01
CA GLU A 9 3.66 9.05 -1.67
C GLU A 9 4.69 8.53 -0.65
N ALA A 10 5.41 7.48 -1.02
CA ALA A 10 6.42 6.84 -0.19
C ALA A 10 7.04 5.70 -0.96
N LEU A 11 8.30 5.80 -1.33
CA LEU A 11 8.88 4.71 -2.11
C LEU A 11 9.22 3.53 -1.22
N ALA A 12 9.01 2.35 -1.77
CA ALA A 12 9.26 1.11 -1.08
C ALA A 12 9.69 0.02 -2.06
N ILE A 13 10.22 -1.06 -1.53
CA ILE A 13 10.67 -2.18 -2.33
C ILE A 13 9.59 -3.24 -2.48
N PHE A 14 9.14 -3.44 -3.70
CA PHE A 14 8.15 -4.46 -3.99
C PHE A 14 8.81 -5.50 -4.89
N ARG A 15 9.10 -6.68 -4.33
CA ARG A 15 9.76 -7.75 -5.09
C ARG A 15 11.10 -7.24 -5.66
N LYS A 16 11.96 -6.78 -4.76
CA LYS A 16 13.27 -6.24 -5.12
C LYS A 16 13.20 -5.06 -6.08
N LYS A 17 12.05 -4.42 -6.13
CA LYS A 17 11.88 -3.25 -6.95
C LYS A 17 11.65 -2.08 -6.02
N GLN A 18 12.48 -1.06 -6.10
CA GLN A 18 12.33 0.08 -5.23
C GLN A 18 11.75 1.22 -6.03
N GLY A 19 10.50 1.48 -5.77
CA GLY A 19 9.81 2.52 -6.46
C GLY A 19 8.87 3.26 -5.56
N VAL A 20 8.09 4.16 -6.13
CA VAL A 20 7.19 4.99 -5.34
C VAL A 20 5.85 4.30 -5.06
N LEU A 21 5.45 4.33 -3.79
CA LEU A 21 4.17 3.79 -3.38
C LEU A 21 3.21 4.98 -3.27
N SER A 22 2.05 4.90 -3.90
CA SER A 22 1.11 6.01 -3.88
C SER A 22 -0.33 5.55 -3.59
N ILE A 23 -0.97 6.23 -2.66
CA ILE A 23 -2.35 5.88 -2.27
C ILE A 23 -3.36 6.84 -2.87
N ASP A 24 -4.12 6.38 -3.87
CA ASP A 24 -5.15 7.22 -4.51
C ASP A 24 -6.39 6.38 -4.76
N SER A 25 -7.21 6.15 -3.71
CA SER A 25 -8.46 5.32 -3.76
C SER A 25 -8.12 3.85 -4.07
N ARG A 26 -6.93 3.72 -4.54
CA ARG A 26 -6.35 2.49 -4.93
C ARG A 26 -4.93 2.47 -4.41
N LEU A 27 -4.58 1.41 -3.72
CA LEU A 27 -3.24 1.28 -3.21
C LEU A 27 -2.34 0.95 -4.38
N LYS A 28 -1.58 1.94 -4.81
CA LYS A 28 -0.70 1.79 -5.95
C LYS A 28 0.75 1.86 -5.57
N TRP A 29 1.57 1.18 -6.33
CA TRP A 29 2.99 1.19 -6.17
C TRP A 29 3.63 1.03 -7.53
N THR A 30 4.76 1.67 -7.73
CA THR A 30 5.45 1.61 -9.00
C THR A 30 6.94 1.36 -8.80
N GLY A 31 7.51 0.49 -9.62
CA GLY A 31 8.93 0.19 -9.50
C GLY A 31 9.81 1.17 -10.24
N GLU A 32 11.11 1.01 -10.08
CA GLU A 32 12.07 1.88 -10.73
C GLU A 32 12.14 1.57 -12.24
N GLY A 33 11.89 2.59 -13.05
CA GLY A 33 11.91 2.41 -14.48
C GLY A 33 10.57 1.98 -15.03
N LYS A 34 9.63 1.72 -14.13
CA LYS A 34 8.30 1.30 -14.53
C LYS A 34 7.43 2.53 -14.83
N THR A 35 6.98 2.61 -16.08
CA THR A 35 6.12 3.72 -16.50
C THR A 35 4.69 3.50 -16.02
N THR A 36 4.40 2.29 -15.59
CA THR A 36 3.07 1.93 -15.11
C THR A 36 3.18 1.28 -13.73
N PRO A 37 2.16 1.45 -12.88
CA PRO A 37 2.16 0.87 -11.53
C PRO A 37 2.32 -0.65 -11.56
N SER A 38 2.91 -1.19 -10.51
CA SER A 38 3.11 -2.63 -10.40
C SER A 38 2.15 -3.22 -9.38
N VAL A 39 1.66 -2.37 -8.48
CA VAL A 39 0.71 -2.77 -7.47
C VAL A 39 -0.48 -1.85 -7.53
N ASP A 40 -1.50 -2.23 -8.28
CA ASP A 40 -2.70 -1.40 -8.36
C ASP A 40 -3.88 -2.20 -7.83
N ILE A 41 -4.16 -2.02 -6.54
CA ILE A 41 -5.25 -2.72 -5.90
C ILE A 41 -6.14 -1.74 -5.16
N ALA A 42 -7.39 -1.65 -5.57
CA ALA A 42 -8.34 -0.75 -4.92
C ALA A 42 -8.64 -1.21 -3.51
N PHE A 43 -9.21 -0.32 -2.71
CA PHE A 43 -9.52 -0.65 -1.31
C PHE A 43 -10.58 -1.75 -1.16
N ASP A 44 -11.21 -2.13 -2.25
CA ASP A 44 -12.21 -3.18 -2.23
C ASP A 44 -11.51 -4.52 -2.16
N ALA A 45 -10.24 -4.49 -2.54
CA ALA A 45 -9.39 -5.65 -2.55
C ALA A 45 -8.34 -5.53 -1.45
N ILE A 46 -8.63 -4.72 -0.46
CA ILE A 46 -7.74 -4.57 0.67
C ILE A 46 -8.53 -4.89 1.91
N SER A 47 -8.23 -6.04 2.46
CA SER A 47 -8.94 -6.54 3.61
C SER A 47 -8.31 -6.03 4.91
N ASN A 48 -7.00 -5.80 4.87
CA ASN A 48 -6.24 -5.32 6.02
C ASN A 48 -4.78 -5.15 5.62
N LEU A 49 -3.96 -4.60 6.50
CA LEU A 49 -2.54 -4.42 6.20
C LEU A 49 -1.72 -4.44 7.50
N GLN A 50 -0.42 -4.70 7.38
CA GLN A 50 0.47 -4.73 8.53
C GLN A 50 1.77 -4.00 8.23
N THR A 51 2.10 -3.03 9.05
CA THR A 51 3.32 -2.25 8.89
C THR A 51 4.38 -2.70 9.90
N THR A 52 5.65 -2.41 9.61
CA THR A 52 6.72 -2.77 10.53
C THR A 52 6.46 -2.24 11.94
N PRO A 53 6.86 -2.98 12.99
CA PRO A 53 6.63 -2.59 14.39
C PRO A 53 7.48 -1.41 14.87
N ALA A 54 8.01 -0.63 13.91
CA ALA A 54 8.83 0.55 14.19
C ALA A 54 10.17 0.20 14.83
N SER A 55 10.14 -0.35 16.03
CA SER A 55 11.35 -0.73 16.75
C SER A 55 11.88 -2.07 16.23
N ASN A 56 12.29 -2.09 14.97
CA ASN A 56 12.82 -3.28 14.35
C ASN A 56 13.73 -2.89 13.19
N PRO A 57 14.85 -3.60 13.00
CA PRO A 57 15.78 -3.32 11.90
C PRO A 57 15.17 -3.66 10.53
N LYS A 58 14.11 -2.95 10.19
CA LYS A 58 13.39 -3.10 8.93
C LYS A 58 12.14 -2.24 8.95
N VAL A 59 11.83 -1.63 7.82
CA VAL A 59 10.65 -0.78 7.68
C VAL A 59 9.84 -1.21 6.47
N MET A 60 8.62 -1.67 6.67
CA MET A 60 7.82 -2.09 5.54
C MET A 60 6.32 -1.86 5.74
N ILE A 61 5.58 -2.15 4.68
CA ILE A 61 4.11 -2.07 4.66
C ILE A 61 3.60 -3.33 3.96
N ARG A 62 2.83 -4.14 4.67
CA ARG A 62 2.26 -5.36 4.10
C ARG A 62 0.78 -5.16 3.88
N VAL A 63 0.26 -5.68 2.79
CA VAL A 63 -1.15 -5.52 2.50
C VAL A 63 -1.82 -6.84 2.22
N PHE A 64 -2.98 -7.05 2.82
CA PHE A 64 -3.76 -8.24 2.63
C PHE A 64 -4.87 -7.93 1.63
N ILE A 65 -4.78 -8.56 0.48
CA ILE A 65 -5.70 -8.31 -0.61
C ILE A 65 -6.92 -9.23 -0.60
N VAL A 66 -8.09 -8.62 -0.65
CA VAL A 66 -9.34 -9.35 -0.74
C VAL A 66 -9.51 -9.63 -2.22
N VAL A 67 -10.33 -10.57 -2.60
CA VAL A 67 -10.43 -10.83 -4.01
C VAL A 67 -11.34 -9.85 -4.70
N LYS A 68 -10.77 -8.96 -5.45
CA LYS A 68 -11.56 -8.09 -6.27
C LYS A 68 -11.96 -8.97 -7.43
N GLU A 69 -13.22 -8.96 -7.82
CA GLU A 69 -13.68 -9.83 -8.90
C GLU A 69 -12.72 -9.81 -10.10
N GLY A 70 -12.13 -10.96 -10.39
CA GLY A 70 -11.20 -11.07 -11.50
C GLY A 70 -9.75 -11.30 -11.06
N GLU A 71 -9.57 -11.87 -9.87
CA GLU A 71 -8.23 -12.14 -9.35
C GLU A 71 -8.29 -13.17 -8.22
N ASP A 72 -7.27 -13.18 -7.36
CA ASP A 72 -7.20 -14.09 -6.22
C ASP A 72 -6.71 -13.34 -4.99
N PRO A 73 -7.10 -13.78 -3.78
CA PRO A 73 -6.67 -13.13 -2.53
C PRO A 73 -5.16 -13.32 -2.32
N THR A 74 -4.45 -12.22 -2.11
CA THR A 74 -3.00 -12.29 -1.95
C THR A 74 -2.50 -11.26 -0.95
N SER A 75 -1.21 -11.29 -0.62
CA SER A 75 -0.63 -10.31 0.29
C SER A 75 0.63 -9.74 -0.35
N LEU A 76 0.69 -8.42 -0.44
CA LEU A 76 1.85 -7.76 -1.04
C LEU A 76 2.70 -7.09 0.03
N VAL A 77 3.98 -6.90 -0.27
CA VAL A 77 4.86 -6.27 0.69
C VAL A 77 5.67 -5.15 0.04
N PHE A 78 5.65 -4.01 0.69
CA PHE A 78 6.40 -2.85 0.24
C PHE A 78 7.43 -2.49 1.30
N HIS A 79 8.69 -2.80 1.04
CA HIS A 79 9.74 -2.54 2.02
C HIS A 79 10.28 -1.12 1.90
N PHE A 80 10.08 -0.33 2.92
CA PHE A 80 10.58 1.04 2.95
C PHE A 80 11.98 1.02 3.57
N THR A 81 12.44 -0.18 3.86
CA THR A 81 13.74 -0.40 4.49
C THR A 81 14.87 0.29 3.73
N GLY A 82 14.71 0.43 2.42
CA GLY A 82 15.71 1.09 1.61
C GLY A 82 15.32 2.52 1.30
N THR A 83 14.55 3.10 2.23
CA THR A 83 14.06 4.45 2.08
C THR A 83 14.40 5.26 3.34
N PRO A 84 14.97 6.48 3.17
CA PRO A 84 15.33 7.34 4.30
C PRO A 84 14.11 7.66 5.17
N ASN A 85 13.02 8.00 4.51
CA ASN A 85 11.76 8.32 5.17
C ASN A 85 10.83 7.12 5.11
N ALA A 86 11.34 5.99 5.60
CA ALA A 86 10.62 4.72 5.58
C ALA A 86 9.46 4.63 6.57
N ARG A 87 9.74 4.79 7.86
CA ARG A 87 8.69 4.64 8.89
C ARG A 87 7.71 5.79 8.86
N GLU A 88 8.22 6.97 8.60
CA GLU A 88 7.41 8.16 8.57
C GLU A 88 6.45 8.13 7.41
N ASN A 89 6.96 7.80 6.23
CA ASN A 89 6.10 7.72 5.06
C ASN A 89 5.29 6.44 5.12
N CYS A 90 5.79 5.46 5.86
CA CYS A 90 5.11 4.19 6.02
C CYS A 90 3.77 4.44 6.70
N ASP A 91 3.75 5.15 7.83
CA ASP A 91 2.48 5.40 8.49
C ASP A 91 1.74 6.49 7.76
N MET A 92 2.45 7.35 7.03
CA MET A 92 1.79 8.39 6.25
C MET A 92 0.95 7.71 5.19
N ILE A 93 1.58 6.75 4.50
CA ILE A 93 0.91 5.95 3.49
C ILE A 93 -0.23 5.20 4.14
N THR A 94 0.11 4.43 5.16
CA THR A 94 -0.85 3.62 5.88
C THR A 94 -1.95 4.46 6.52
N ASN A 95 -1.66 5.67 6.92
CA ASN A 95 -2.68 6.52 7.53
C ASN A 95 -3.80 6.77 6.55
N GLU A 96 -3.46 7.38 5.43
CA GLU A 96 -4.45 7.64 4.40
C GLU A 96 -4.96 6.33 3.84
N LEU A 97 -4.07 5.37 3.69
CA LEU A 97 -4.40 4.05 3.17
C LEU A 97 -5.40 3.33 4.08
N ARG A 98 -5.00 3.04 5.32
CA ARG A 98 -5.85 2.32 6.26
C ARG A 98 -7.16 3.05 6.53
N ASN A 99 -7.13 4.38 6.53
CA ASN A 99 -8.35 5.15 6.77
C ASN A 99 -9.24 5.14 5.52
N ALA A 100 -8.62 5.24 4.35
CA ALA A 100 -9.37 5.23 3.10
C ALA A 100 -9.87 3.83 2.77
N ILE A 101 -9.08 2.82 3.13
CA ILE A 101 -9.49 1.44 2.89
C ILE A 101 -10.80 1.16 3.60
N GLN A 102 -10.90 1.62 4.85
CA GLN A 102 -12.11 1.40 5.63
C GLN A 102 -13.28 2.19 5.06
N ARG A 103 -13.06 3.44 4.65
CA ARG A 103 -14.14 4.25 4.10
C ARG A 103 -14.68 3.63 2.81
N GLN A 104 -13.82 2.89 2.10
CA GLN A 104 -14.24 2.21 0.89
C GLN A 104 -14.87 0.87 1.25
N ARG A 105 -14.33 0.25 2.29
CA ARG A 105 -14.81 -1.04 2.78
C ARG A 105 -16.27 -0.95 3.19
N GLU A 106 -16.65 0.17 3.80
CA GLU A 106 -18.02 0.38 4.23
C GLU A 106 -19.00 0.16 3.08
N GLY A 107 -18.65 0.66 1.90
CA GLY A 107 -19.49 0.48 0.74
C GLY A 107 -19.23 -0.85 0.06
N SER A 108 -17.99 -1.30 0.12
CA SER A 108 -17.58 -2.56 -0.51
C SER A 108 -17.72 -3.72 0.48
N GLN A 109 -18.81 -3.71 1.25
CA GLN A 109 -19.11 -4.74 2.26
C GLN A 109 -18.16 -4.65 3.45
N SER A 110 -18.68 -4.14 4.55
CA SER A 110 -17.90 -3.97 5.77
C SER A 110 -18.61 -4.62 6.95
N LYS A 111 -19.63 -3.95 7.45
CA LYS A 111 -20.41 -4.41 8.59
C LYS A 111 -21.67 -3.57 8.70
N MET A 4 -9.09 9.36 -4.36
CA MET A 4 -9.49 10.54 -5.17
C MET A 4 -9.23 11.83 -4.40
N GLY A 5 -9.54 11.81 -3.10
CA GLY A 5 -9.29 12.97 -2.25
C GLY A 5 -8.21 12.63 -1.25
N ASP A 6 -7.66 11.46 -1.46
CA ASP A 6 -6.62 10.89 -0.64
C ASP A 6 -5.41 10.61 -1.53
N ARG A 7 -4.23 11.02 -1.08
CA ARG A 7 -3.01 10.81 -1.86
C ARG A 7 -1.77 10.90 -0.97
N VAL A 8 -0.93 9.86 -1.01
CA VAL A 8 0.32 9.80 -0.26
C VAL A 8 1.34 9.00 -1.03
N GLU A 9 2.58 9.47 -0.98
CA GLU A 9 3.67 8.84 -1.67
C GLU A 9 4.79 8.44 -0.70
N ALA A 10 5.28 7.22 -0.90
CA ALA A 10 6.34 6.62 -0.10
C ALA A 10 6.92 5.47 -0.88
N LEU A 11 8.16 5.58 -1.33
CA LEU A 11 8.71 4.50 -2.12
C LEU A 11 9.06 3.32 -1.23
N ALA A 12 8.91 2.13 -1.79
CA ALA A 12 9.18 0.91 -1.08
C ALA A 12 9.59 -0.18 -2.06
N ILE A 13 10.14 -1.24 -1.53
CA ILE A 13 10.58 -2.37 -2.33
C ILE A 13 9.49 -3.43 -2.42
N PHE A 14 8.89 -3.54 -3.58
CA PHE A 14 7.88 -4.54 -3.81
C PHE A 14 8.53 -5.72 -4.51
N ARG A 15 8.86 -6.75 -3.74
CA ARG A 15 9.50 -7.93 -4.27
C ARG A 15 10.73 -7.55 -5.12
N LYS A 16 11.74 -7.01 -4.43
CA LYS A 16 13.01 -6.58 -5.01
C LYS A 16 12.92 -5.38 -5.95
N LYS A 17 11.76 -4.76 -6.07
CA LYS A 17 11.64 -3.57 -6.88
C LYS A 17 11.43 -2.38 -5.98
N GLN A 18 12.28 -1.38 -6.09
CA GLN A 18 12.14 -0.22 -5.25
C GLN A 18 11.52 0.88 -6.07
N GLY A 19 10.26 1.13 -5.79
CA GLY A 19 9.53 2.14 -6.51
C GLY A 19 8.65 2.93 -5.59
N VAL A 20 7.86 3.82 -6.15
CA VAL A 20 7.01 4.69 -5.34
C VAL A 20 5.68 4.04 -5.01
N LEU A 21 5.32 4.08 -3.73
CA LEU A 21 4.05 3.55 -3.27
C LEU A 21 3.11 4.75 -3.12
N SER A 22 1.98 4.73 -3.82
CA SER A 22 1.05 5.85 -3.76
C SER A 22 -0.36 5.41 -3.36
N ILE A 23 -1.02 6.22 -2.54
CA ILE A 23 -2.37 5.93 -2.06
C ILE A 23 -3.40 6.88 -2.64
N ASP A 24 -4.16 6.43 -3.64
CA ASP A 24 -5.19 7.28 -4.25
C ASP A 24 -6.45 6.45 -4.50
N SER A 25 -7.24 6.21 -3.44
CA SER A 25 -8.50 5.42 -3.45
C SER A 25 -8.20 3.96 -3.80
N ARG A 26 -6.99 3.78 -4.23
CA ARG A 26 -6.46 2.53 -4.60
C ARG A 26 -5.01 2.51 -4.16
N LEU A 27 -4.60 1.43 -3.57
CA LEU A 27 -3.24 1.28 -3.14
C LEU A 27 -2.43 0.92 -4.38
N LYS A 28 -1.69 1.90 -4.89
CA LYS A 28 -0.93 1.70 -6.12
C LYS A 28 0.56 1.91 -5.92
N TRP A 29 1.31 0.85 -6.09
CA TRP A 29 2.75 0.92 -5.99
C TRP A 29 3.31 0.77 -7.40
N THR A 30 4.41 1.45 -7.65
CA THR A 30 5.02 1.42 -8.96
C THR A 30 6.51 1.11 -8.86
N GLY A 31 7.00 0.27 -9.78
CA GLY A 31 8.39 -0.11 -9.78
C GLY A 31 9.32 1.02 -10.22
N GLU A 32 10.61 0.75 -10.12
CA GLU A 32 11.63 1.72 -10.49
C GLU A 32 11.59 2.05 -11.98
N GLY A 33 11.25 3.29 -12.30
CA GLY A 33 11.19 3.74 -13.68
C GLY A 33 10.16 2.96 -14.48
N LYS A 34 9.02 2.68 -13.87
CA LYS A 34 7.96 1.95 -14.55
C LYS A 34 6.79 2.89 -14.83
N THR A 35 6.26 2.82 -16.04
CA THR A 35 5.14 3.67 -16.43
C THR A 35 3.83 3.13 -15.86
N THR A 36 3.72 1.81 -15.81
CA THR A 36 2.53 1.17 -15.29
C THR A 36 2.74 0.70 -13.85
N PRO A 37 1.75 0.95 -12.97
CA PRO A 37 1.82 0.54 -11.57
C PRO A 37 1.90 -0.97 -11.43
N SER A 38 2.78 -1.44 -10.57
CA SER A 38 2.96 -2.87 -10.35
C SER A 38 1.96 -3.39 -9.33
N VAL A 39 1.50 -2.52 -8.45
CA VAL A 39 0.52 -2.89 -7.44
C VAL A 39 -0.66 -1.94 -7.50
N ASP A 40 -1.68 -2.28 -8.28
CA ASP A 40 -2.87 -1.43 -8.34
C ASP A 40 -4.04 -2.20 -7.77
N ILE A 41 -4.28 -1.98 -6.48
CA ILE A 41 -5.34 -2.67 -5.79
C ILE A 41 -6.23 -1.67 -5.06
N ALA A 42 -7.49 -1.59 -5.46
CA ALA A 42 -8.43 -0.67 -4.83
C ALA A 42 -8.72 -1.13 -3.42
N PHE A 43 -9.30 -0.26 -2.61
CA PHE A 43 -9.59 -0.60 -1.21
C PHE A 43 -10.63 -1.71 -1.05
N ASP A 44 -11.30 -2.09 -2.12
CA ASP A 44 -12.28 -3.16 -2.08
C ASP A 44 -11.54 -4.48 -2.12
N ALA A 45 -10.29 -4.39 -2.50
CA ALA A 45 -9.42 -5.53 -2.61
C ALA A 45 -8.37 -5.47 -1.51
N ILE A 46 -8.64 -4.70 -0.49
CA ILE A 46 -7.75 -4.62 0.65
C ILE A 46 -8.54 -5.00 1.87
N SER A 47 -8.25 -6.17 2.38
CA SER A 47 -8.96 -6.71 3.50
C SER A 47 -8.35 -6.25 4.82
N ASN A 48 -7.03 -6.00 4.78
CA ASN A 48 -6.27 -5.56 5.95
C ASN A 48 -4.82 -5.38 5.57
N LEU A 49 -4.01 -4.85 6.47
CA LEU A 49 -2.60 -4.66 6.20
C LEU A 49 -1.79 -4.70 7.49
N GLN A 50 -0.50 -5.00 7.39
CA GLN A 50 0.38 -5.04 8.56
C GLN A 50 1.70 -4.34 8.26
N THR A 51 2.03 -3.36 9.07
CA THR A 51 3.25 -2.58 8.90
C THR A 51 4.31 -2.99 9.92
N THR A 52 5.56 -2.69 9.62
CA THR A 52 6.65 -3.01 10.53
C THR A 52 6.52 -2.24 11.85
N PRO A 53 7.12 -2.76 12.93
CA PRO A 53 7.10 -2.06 14.21
C PRO A 53 8.06 -0.87 14.17
N ALA A 54 7.77 0.16 14.96
CA ALA A 54 8.61 1.36 14.99
C ALA A 54 10.04 1.04 15.37
N SER A 55 10.22 0.05 16.24
CA SER A 55 11.53 -0.37 16.69
C SER A 55 12.15 -1.37 15.71
N ASN A 56 12.10 -1.05 14.42
CA ASN A 56 12.65 -1.92 13.40
C ASN A 56 13.19 -1.13 12.22
N PRO A 57 14.51 -1.20 11.95
CA PRO A 57 15.13 -0.50 10.84
C PRO A 57 14.60 -0.98 9.49
N LYS A 58 14.25 -2.27 9.44
CA LYS A 58 13.70 -2.88 8.24
C LYS A 58 12.21 -2.59 8.15
N VAL A 59 11.88 -1.33 7.88
CA VAL A 59 10.50 -0.86 7.78
C VAL A 59 9.83 -1.34 6.51
N MET A 60 8.61 -1.84 6.64
CA MET A 60 7.85 -2.31 5.50
C MET A 60 6.33 -2.09 5.69
N ILE A 61 5.59 -2.39 4.64
CA ILE A 61 4.12 -2.32 4.62
C ILE A 61 3.60 -3.59 3.94
N ARG A 62 2.83 -4.38 4.67
CA ARG A 62 2.26 -5.61 4.13
C ARG A 62 0.78 -5.40 3.89
N VAL A 63 0.28 -5.86 2.76
CA VAL A 63 -1.14 -5.69 2.48
C VAL A 63 -1.80 -7.01 2.13
N PHE A 64 -2.98 -7.22 2.71
CA PHE A 64 -3.76 -8.43 2.46
C PHE A 64 -4.87 -8.07 1.48
N ILE A 65 -4.78 -8.65 0.31
CA ILE A 65 -5.70 -8.35 -0.78
C ILE A 65 -6.91 -9.26 -0.84
N VAL A 66 -8.08 -8.63 -0.89
CA VAL A 66 -9.35 -9.31 -1.06
C VAL A 66 -9.48 -9.47 -2.55
N VAL A 67 -10.33 -10.32 -3.06
CA VAL A 67 -10.38 -10.43 -4.49
C VAL A 67 -11.17 -9.33 -5.12
N LYS A 68 -10.48 -8.54 -5.88
CA LYS A 68 -11.10 -7.52 -6.67
C LYS A 68 -11.67 -8.29 -7.84
N GLU A 69 -12.80 -7.87 -8.37
CA GLU A 69 -13.38 -8.63 -9.47
C GLU A 69 -12.40 -8.68 -10.64
N GLY A 70 -12.14 -9.89 -11.11
CA GLY A 70 -11.21 -10.09 -12.20
C GLY A 70 -9.78 -10.15 -11.70
N GLU A 71 -9.62 -10.57 -10.46
CA GLU A 71 -8.31 -10.68 -9.83
C GLU A 71 -8.27 -11.91 -8.91
N ASP A 72 -7.30 -11.95 -8.00
CA ASP A 72 -7.16 -13.05 -7.05
C ASP A 72 -6.74 -12.52 -5.69
N PRO A 73 -7.08 -13.24 -4.60
CA PRO A 73 -6.70 -12.84 -3.24
C PRO A 73 -5.20 -13.09 -3.00
N THR A 74 -4.47 -12.09 -2.57
CA THR A 74 -3.03 -12.24 -2.35
C THR A 74 -2.53 -11.28 -1.27
N SER A 75 -1.25 -11.41 -0.91
CA SER A 75 -0.65 -10.50 0.06
C SER A 75 0.61 -9.90 -0.55
N LEU A 76 0.70 -8.59 -0.52
CA LEU A 76 1.83 -7.90 -1.10
C LEU A 76 2.68 -7.25 -0.02
N VAL A 77 3.97 -7.08 -0.28
CA VAL A 77 4.86 -6.46 0.68
C VAL A 77 5.69 -5.37 0.03
N PHE A 78 5.68 -4.21 0.68
CA PHE A 78 6.44 -3.07 0.23
C PHE A 78 7.47 -2.71 1.30
N HIS A 79 8.73 -3.01 1.03
CA HIS A 79 9.79 -2.75 1.99
C HIS A 79 10.26 -1.31 1.91
N PHE A 80 10.05 -0.54 2.95
CA PHE A 80 10.50 0.84 2.99
C PHE A 80 11.90 0.89 3.56
N THR A 81 12.43 -0.29 3.83
CA THR A 81 13.75 -0.45 4.41
C THR A 81 14.83 0.28 3.61
N GLY A 82 14.61 0.42 2.31
CA GLY A 82 15.58 1.12 1.47
C GLY A 82 15.13 2.53 1.18
N THR A 83 14.30 3.07 2.06
CA THR A 83 13.77 4.40 1.93
C THR A 83 14.20 5.27 3.11
N PRO A 84 14.74 6.47 2.83
CA PRO A 84 15.19 7.40 3.88
C PRO A 84 14.09 7.70 4.88
N ASN A 85 12.88 7.91 4.39
CA ASN A 85 11.72 8.21 5.23
C ASN A 85 10.81 6.99 5.30
N ALA A 86 11.42 5.84 5.53
CA ALA A 86 10.71 4.55 5.60
C ALA A 86 9.57 4.54 6.60
N ARG A 87 9.86 4.79 7.88
CA ARG A 87 8.83 4.72 8.92
C ARG A 87 7.85 5.87 8.84
N GLU A 88 8.38 7.03 8.52
CA GLU A 88 7.59 8.24 8.46
C GLU A 88 6.61 8.17 7.31
N ASN A 89 7.11 7.77 6.15
CA ASN A 89 6.26 7.64 4.98
C ASN A 89 5.41 6.40 5.12
N CYS A 90 5.94 5.39 5.81
CA CYS A 90 5.21 4.16 6.05
C CYS A 90 3.92 4.47 6.79
N ASP A 91 4.00 5.23 7.89
CA ASP A 91 2.80 5.57 8.62
C ASP A 91 1.97 6.54 7.81
N MET A 92 2.62 7.45 7.09
CA MET A 92 1.90 8.39 6.25
C MET A 92 1.03 7.62 5.27
N ILE A 93 1.64 6.61 4.64
CA ILE A 93 0.94 5.74 3.71
C ILE A 93 -0.14 4.97 4.45
N THR A 94 0.30 4.18 5.43
CA THR A 94 -0.58 3.32 6.22
C THR A 94 -1.74 4.08 6.85
N ASN A 95 -1.46 5.22 7.47
CA ASN A 95 -2.51 5.99 8.11
C ASN A 95 -3.59 6.36 7.11
N GLU A 96 -3.21 7.04 6.03
CA GLU A 96 -4.19 7.42 5.02
C GLU A 96 -4.78 6.18 4.35
N LEU A 97 -3.91 5.21 4.09
CA LEU A 97 -4.30 3.95 3.48
C LEU A 97 -5.37 3.26 4.32
N ARG A 98 -5.02 2.92 5.56
CA ARG A 98 -5.92 2.22 6.46
C ARG A 98 -7.24 2.98 6.64
N ASN A 99 -7.18 4.31 6.71
CA ASN A 99 -8.38 5.12 6.88
C ASN A 99 -9.20 5.11 5.61
N ALA A 100 -8.55 5.32 4.49
CA ALA A 100 -9.20 5.35 3.20
C ALA A 100 -9.73 3.97 2.82
N ILE A 101 -9.00 2.91 3.21
CA ILE A 101 -9.43 1.55 2.94
C ILE A 101 -10.77 1.30 3.61
N GLN A 102 -10.83 1.60 4.90
CA GLN A 102 -12.04 1.42 5.69
C GLN A 102 -13.20 2.19 5.06
N ARG A 103 -12.90 3.36 4.53
CA ARG A 103 -13.90 4.21 3.88
C ARG A 103 -14.62 3.45 2.76
N GLN A 104 -13.86 2.76 1.92
CA GLN A 104 -14.45 2.00 0.82
C GLN A 104 -14.88 0.62 1.30
N ARG A 105 -14.15 0.09 2.28
CA ARG A 105 -14.42 -1.22 2.84
C ARG A 105 -15.80 -1.26 3.51
N GLU A 106 -16.15 -0.16 4.17
CA GLU A 106 -17.44 -0.07 4.84
C GLU A 106 -18.55 0.15 3.82
N GLY A 107 -18.20 0.77 2.70
CA GLY A 107 -19.16 0.99 1.65
C GLY A 107 -19.48 -0.30 0.94
N SER A 108 -18.44 -1.09 0.70
CA SER A 108 -18.56 -2.38 0.08
C SER A 108 -18.25 -3.46 1.11
N GLN A 109 -19.20 -3.68 2.00
CA GLN A 109 -19.07 -4.65 3.09
C GLN A 109 -18.62 -6.01 2.60
N SER A 110 -17.51 -6.48 3.17
CA SER A 110 -16.94 -7.78 2.84
C SER A 110 -16.11 -8.28 4.01
N LYS A 111 -16.45 -7.77 5.20
CA LYS A 111 -15.76 -8.12 6.43
C LYS A 111 -16.60 -7.66 7.61
N MET A 4 -8.80 9.49 -4.82
CA MET A 4 -8.06 10.37 -5.75
C MET A 4 -7.96 11.76 -5.14
N GLY A 5 -6.74 12.21 -4.93
CA GLY A 5 -6.52 13.51 -4.31
C GLY A 5 -6.05 13.31 -2.89
N ASP A 6 -6.57 12.24 -2.30
CA ASP A 6 -6.22 11.82 -0.95
C ASP A 6 -5.04 10.87 -1.05
N ARG A 7 -4.03 11.31 -1.81
CA ARG A 7 -2.86 10.51 -2.07
C ARG A 7 -1.72 10.75 -1.06
N VAL A 8 -0.84 9.77 -1.00
CA VAL A 8 0.35 9.81 -0.17
C VAL A 8 1.44 9.02 -0.86
N GLU A 9 2.61 9.60 -0.92
CA GLU A 9 3.72 8.98 -1.58
C GLU A 9 4.82 8.58 -0.59
N ALA A 10 5.32 7.36 -0.80
CA ALA A 10 6.36 6.76 0.02
C ALA A 10 6.95 5.62 -0.78
N LEU A 11 8.19 5.75 -1.22
CA LEU A 11 8.75 4.66 -2.00
C LEU A 11 9.07 3.47 -1.13
N ALA A 12 8.94 2.30 -1.72
CA ALA A 12 9.17 1.05 -1.02
C ALA A 12 9.61 -0.03 -1.99
N ILE A 13 10.14 -1.11 -1.44
CA ILE A 13 10.61 -2.24 -2.24
C ILE A 13 9.51 -3.29 -2.38
N PHE A 14 9.04 -3.48 -3.59
CA PHE A 14 8.03 -4.47 -3.88
C PHE A 14 8.63 -5.50 -4.83
N ARG A 15 8.63 -6.77 -4.43
CA ARG A 15 9.20 -7.83 -5.24
C ARG A 15 10.66 -7.54 -5.60
N LYS A 16 11.34 -6.86 -4.68
CA LYS A 16 12.75 -6.45 -4.84
C LYS A 16 12.91 -5.24 -5.75
N LYS A 17 11.82 -4.53 -6.00
CA LYS A 17 11.87 -3.33 -6.82
C LYS A 17 11.68 -2.14 -5.90
N GLN A 18 12.46 -1.10 -6.09
CA GLN A 18 12.34 0.08 -5.26
C GLN A 18 11.64 1.15 -6.05
N GLY A 19 10.39 1.38 -5.71
CA GLY A 19 9.63 2.36 -6.43
C GLY A 19 8.74 3.14 -5.49
N VAL A 20 7.96 4.02 -6.05
CA VAL A 20 7.11 4.89 -5.25
C VAL A 20 5.77 4.22 -4.92
N LEU A 21 5.40 4.23 -3.66
CA LEU A 21 4.13 3.69 -3.22
C LEU A 21 3.17 4.87 -3.06
N SER A 22 2.11 4.89 -3.85
CA SER A 22 1.15 5.98 -3.80
C SER A 22 -0.24 5.48 -3.42
N ILE A 23 -1.02 6.32 -2.74
CA ILE A 23 -2.35 5.94 -2.29
C ILE A 23 -3.45 6.84 -2.84
N ASP A 24 -4.07 6.47 -3.96
CA ASP A 24 -5.15 7.28 -4.52
C ASP A 24 -6.40 6.43 -4.74
N SER A 25 -7.15 6.18 -3.65
CA SER A 25 -8.41 5.37 -3.64
C SER A 25 -8.13 3.92 -4.04
N ARG A 26 -6.96 3.75 -4.53
CA ARG A 26 -6.44 2.51 -4.98
C ARG A 26 -4.98 2.46 -4.59
N LEU A 27 -4.58 1.42 -3.90
CA LEU A 27 -3.21 1.28 -3.48
C LEU A 27 -2.36 1.01 -4.71
N LYS A 28 -1.62 2.03 -5.14
CA LYS A 28 -0.81 1.91 -6.33
C LYS A 28 0.68 2.08 -6.04
N TRP A 29 1.44 1.02 -6.24
CA TRP A 29 2.87 1.07 -6.06
C TRP A 29 3.51 0.93 -7.44
N THR A 30 4.61 1.60 -7.64
CA THR A 30 5.28 1.55 -8.92
C THR A 30 6.75 1.23 -8.77
N GLY A 31 7.28 0.41 -9.66
CA GLY A 31 8.68 0.04 -9.61
C GLY A 31 9.60 1.12 -10.17
N GLU A 32 10.89 0.90 -10.03
CA GLU A 32 11.90 1.85 -10.50
C GLU A 32 11.96 1.87 -12.03
N GLY A 33 12.04 3.07 -12.59
CA GLY A 33 12.13 3.23 -14.03
C GLY A 33 10.95 2.61 -14.77
N LYS A 34 9.77 2.71 -14.19
CA LYS A 34 8.57 2.16 -14.81
C LYS A 34 7.42 3.16 -14.71
N THR A 35 6.70 3.32 -15.80
CA THR A 35 5.57 4.24 -15.84
C THR A 35 4.26 3.51 -15.57
N THR A 36 4.37 2.21 -15.27
CA THR A 36 3.20 1.40 -14.99
C THR A 36 3.23 0.88 -13.55
N PRO A 37 2.10 0.99 -12.84
CA PRO A 37 2.00 0.54 -11.46
C PRO A 37 2.14 -0.98 -11.34
N SER A 38 3.03 -1.42 -10.48
CA SER A 38 3.26 -2.84 -10.27
C SER A 38 2.29 -3.38 -9.23
N VAL A 39 1.74 -2.48 -8.43
CA VAL A 39 0.76 -2.85 -7.41
C VAL A 39 -0.44 -1.93 -7.54
N ASP A 40 -1.43 -2.33 -8.29
CA ASP A 40 -2.63 -1.53 -8.43
C ASP A 40 -3.80 -2.30 -7.89
N ILE A 41 -4.11 -2.08 -6.62
CA ILE A 41 -5.21 -2.78 -5.98
C ILE A 41 -6.13 -1.78 -5.29
N ALA A 42 -7.40 -1.85 -5.61
CA ALA A 42 -8.39 -0.96 -5.04
C ALA A 42 -8.63 -1.25 -3.56
N PHE A 43 -9.20 -0.29 -2.86
CA PHE A 43 -9.49 -0.46 -1.43
C PHE A 43 -10.57 -1.49 -1.18
N ASP A 44 -11.32 -1.77 -2.23
CA ASP A 44 -12.38 -2.75 -2.19
C ASP A 44 -11.76 -4.12 -2.41
N ALA A 45 -10.44 -4.08 -2.58
CA ALA A 45 -9.61 -5.25 -2.78
C ALA A 45 -8.52 -5.28 -1.72
N ILE A 46 -8.73 -4.54 -0.65
CA ILE A 46 -7.79 -4.51 0.46
C ILE A 46 -8.56 -4.82 1.71
N SER A 47 -8.30 -5.98 2.26
CA SER A 47 -9.03 -6.45 3.41
C SER A 47 -8.38 -5.96 4.70
N ASN A 48 -7.06 -5.78 4.67
CA ASN A 48 -6.29 -5.35 5.84
C ASN A 48 -4.83 -5.19 5.46
N LEU A 49 -4.02 -4.67 6.37
CA LEU A 49 -2.60 -4.49 6.11
C LEU A 49 -1.83 -4.53 7.44
N GLN A 50 -0.54 -4.86 7.39
CA GLN A 50 0.30 -4.90 8.58
C GLN A 50 1.64 -4.22 8.31
N THR A 51 1.96 -3.23 9.13
CA THR A 51 3.19 -2.47 8.99
C THR A 51 4.24 -2.92 9.99
N THR A 52 5.50 -2.64 9.69
CA THR A 52 6.60 -3.00 10.59
C THR A 52 6.51 -2.29 11.93
N PRO A 53 7.11 -2.85 12.98
CA PRO A 53 7.14 -2.20 14.29
C PRO A 53 8.11 -1.00 14.27
N ALA A 54 7.78 0.04 15.03
CA ALA A 54 8.61 1.24 15.08
C ALA A 54 10.01 0.96 15.61
N SER A 55 10.12 -0.07 16.45
CA SER A 55 11.39 -0.46 17.03
C SER A 55 12.18 -1.38 16.10
N ASN A 56 12.03 -1.18 14.81
CA ASN A 56 12.72 -1.99 13.82
C ASN A 56 13.10 -1.15 12.59
N PRO A 57 14.40 -1.17 12.22
CA PRO A 57 14.92 -0.41 11.09
C PRO A 57 14.42 -0.92 9.73
N LYS A 58 14.06 -2.20 9.67
CA LYS A 58 13.57 -2.79 8.43
C LYS A 58 12.09 -2.48 8.26
N VAL A 59 11.79 -1.20 8.04
CA VAL A 59 10.42 -0.72 7.90
C VAL A 59 9.77 -1.18 6.60
N MET A 60 8.57 -1.71 6.72
CA MET A 60 7.82 -2.17 5.57
C MET A 60 6.31 -1.97 5.76
N ILE A 61 5.56 -2.27 4.70
CA ILE A 61 4.10 -2.22 4.69
C ILE A 61 3.58 -3.49 4.00
N ARG A 62 2.81 -4.29 4.73
CA ARG A 62 2.24 -5.51 4.17
C ARG A 62 0.77 -5.29 3.92
N VAL A 63 0.27 -5.74 2.78
CA VAL A 63 -1.13 -5.54 2.45
C VAL A 63 -1.82 -6.84 2.11
N PHE A 64 -2.99 -7.05 2.69
CA PHE A 64 -3.79 -8.23 2.45
C PHE A 64 -4.91 -7.86 1.49
N ILE A 65 -4.87 -8.46 0.31
CA ILE A 65 -5.81 -8.16 -0.75
C ILE A 65 -7.05 -9.04 -0.74
N VAL A 66 -8.22 -8.41 -0.84
CA VAL A 66 -9.48 -9.13 -0.95
C VAL A 66 -9.62 -9.43 -2.42
N VAL A 67 -10.46 -10.36 -2.80
CA VAL A 67 -10.55 -10.67 -4.21
C VAL A 67 -11.40 -9.68 -4.95
N LYS A 68 -10.76 -8.83 -5.71
CA LYS A 68 -11.50 -7.95 -6.56
C LYS A 68 -11.99 -8.84 -7.68
N GLU A 69 -13.26 -8.75 -8.03
CA GLU A 69 -13.84 -9.61 -9.07
C GLU A 69 -12.87 -9.83 -10.24
N GLY A 70 -12.65 -11.10 -10.55
CA GLY A 70 -11.74 -11.45 -11.61
C GLY A 70 -10.29 -11.44 -11.14
N GLU A 71 -10.03 -12.12 -10.03
CA GLU A 71 -8.68 -12.21 -9.46
C GLU A 71 -8.68 -13.23 -8.31
N ASP A 72 -7.68 -13.14 -7.44
CA ASP A 72 -7.56 -14.02 -6.29
C ASP A 72 -7.02 -13.23 -5.10
N PRO A 73 -7.36 -13.65 -3.86
CA PRO A 73 -6.89 -12.97 -2.65
C PRO A 73 -5.37 -13.16 -2.48
N THR A 74 -4.64 -12.06 -2.32
CA THR A 74 -3.19 -12.15 -2.20
C THR A 74 -2.66 -11.17 -1.15
N SER A 75 -1.36 -11.25 -0.86
CA SER A 75 -0.74 -10.35 0.10
C SER A 75 0.53 -9.78 -0.53
N LEU A 76 0.69 -8.47 -0.44
CA LEU A 76 1.85 -7.80 -1.02
C LEU A 76 2.70 -7.17 0.06
N VAL A 77 3.99 -6.98 -0.23
CA VAL A 77 4.88 -6.36 0.74
C VAL A 77 5.69 -5.24 0.11
N PHE A 78 5.65 -4.08 0.75
CA PHE A 78 6.39 -2.93 0.31
C PHE A 78 7.42 -2.57 1.37
N HIS A 79 8.68 -2.86 1.10
CA HIS A 79 9.74 -2.60 2.06
C HIS A 79 10.22 -1.15 1.99
N PHE A 80 10.01 -0.40 3.05
CA PHE A 80 10.46 0.98 3.09
C PHE A 80 11.87 1.02 3.67
N THR A 81 12.38 -0.17 3.96
CA THR A 81 13.71 -0.33 4.54
C THR A 81 14.80 0.36 3.71
N GLY A 82 14.53 0.54 2.43
CA GLY A 82 15.48 1.20 1.55
C GLY A 82 15.07 2.62 1.26
N THR A 83 14.23 3.15 2.14
CA THR A 83 13.72 4.50 2.01
C THR A 83 14.19 5.35 3.19
N PRO A 84 14.71 6.56 2.91
CA PRO A 84 15.20 7.48 3.95
C PRO A 84 14.19 7.67 5.09
N ASN A 85 12.99 8.08 4.74
CA ASN A 85 11.94 8.30 5.74
C ASN A 85 10.94 7.15 5.73
N ALA A 86 11.48 5.93 5.78
CA ALA A 86 10.69 4.70 5.78
C ALA A 86 9.53 4.72 6.74
N ARG A 87 9.80 4.92 8.03
CA ARG A 87 8.74 4.90 9.05
C ARG A 87 7.80 6.07 8.93
N GLU A 88 8.35 7.24 8.62
CA GLU A 88 7.56 8.46 8.51
C GLU A 88 6.61 8.35 7.34
N ASN A 89 7.13 7.99 6.19
CA ASN A 89 6.30 7.83 5.02
C ASN A 89 5.41 6.60 5.17
N CYS A 90 5.93 5.59 5.87
CA CYS A 90 5.17 4.37 6.10
C CYS A 90 3.91 4.70 6.86
N ASP A 91 4.03 5.50 7.93
CA ASP A 91 2.86 5.89 8.72
C ASP A 91 1.94 6.74 7.86
N MET A 92 2.53 7.70 7.15
CA MET A 92 1.77 8.57 6.27
C MET A 92 0.96 7.73 5.29
N ILE A 93 1.61 6.71 4.72
CA ILE A 93 0.95 5.79 3.80
C ILE A 93 -0.13 5.03 4.55
N THR A 94 0.29 4.30 5.58
CA THR A 94 -0.62 3.48 6.38
C THR A 94 -1.83 4.24 6.90
N ASN A 95 -1.61 5.41 7.46
CA ASN A 95 -2.72 6.20 7.99
C ASN A 95 -3.73 6.49 6.91
N GLU A 96 -3.28 7.05 5.81
CA GLU A 96 -4.17 7.35 4.69
C GLU A 96 -4.68 6.06 4.08
N LEU A 97 -3.77 5.14 3.81
CA LEU A 97 -4.09 3.85 3.23
C LEU A 97 -5.17 3.15 4.04
N ARG A 98 -4.88 2.84 5.30
CA ARG A 98 -5.81 2.15 6.18
C ARG A 98 -7.15 2.88 6.22
N ASN A 99 -7.13 4.18 6.49
CA ASN A 99 -8.37 4.95 6.55
C ASN A 99 -9.08 4.95 5.19
N ALA A 100 -8.34 5.28 4.14
CA ALA A 100 -8.91 5.32 2.78
C ALA A 100 -9.44 3.97 2.36
N ILE A 101 -8.71 2.91 2.71
CA ILE A 101 -9.13 1.55 2.39
C ILE A 101 -10.53 1.33 2.93
N GLN A 102 -10.72 1.78 4.16
CA GLN A 102 -12.01 1.67 4.83
C GLN A 102 -12.98 2.68 4.25
N ARG A 103 -12.47 3.84 3.87
CA ARG A 103 -13.32 4.88 3.30
C ARG A 103 -14.11 4.32 2.11
N GLN A 104 -13.45 3.53 1.29
CA GLN A 104 -14.09 2.92 0.12
C GLN A 104 -14.81 1.62 0.51
N ARG A 105 -14.06 0.71 1.13
CA ARG A 105 -14.57 -0.61 1.49
C ARG A 105 -15.74 -0.57 2.47
N GLU A 106 -15.78 0.43 3.36
CA GLU A 106 -16.88 0.53 4.33
C GLU A 106 -18.15 1.00 3.64
N GLY A 107 -18.01 1.55 2.44
CA GLY A 107 -19.16 2.01 1.70
C GLY A 107 -19.63 0.96 0.70
N SER A 108 -18.70 0.11 0.28
CA SER A 108 -19.02 -0.94 -0.67
C SER A 108 -19.44 -2.23 0.05
N GLN A 109 -20.50 -2.13 0.86
CA GLN A 109 -21.01 -3.27 1.58
C GLN A 109 -22.50 -3.09 1.87
N SER A 110 -23.26 -4.16 1.70
CA SER A 110 -24.70 -4.12 1.93
C SER A 110 -25.03 -4.56 3.35
N LYS A 111 -24.73 -3.71 4.31
CA LYS A 111 -24.98 -4.00 5.72
C LYS A 111 -24.78 -2.74 6.52
N MET A 4 -10.83 9.91 -1.21
CA MET A 4 -10.67 10.96 -2.24
C MET A 4 -9.73 12.03 -1.73
N GLY A 5 -8.59 12.17 -2.38
CA GLY A 5 -7.60 13.15 -1.96
C GLY A 5 -6.68 12.57 -0.92
N ASP A 6 -6.74 11.25 -0.79
CA ASP A 6 -5.95 10.49 0.18
C ASP A 6 -4.58 10.17 -0.40
N ARG A 7 -4.09 11.03 -1.28
CA ARG A 7 -2.82 10.84 -1.94
C ARG A 7 -1.64 10.90 -0.97
N VAL A 8 -0.85 9.84 -0.98
CA VAL A 8 0.35 9.75 -0.13
C VAL A 8 1.41 8.98 -0.86
N GLU A 9 2.58 9.57 -0.92
CA GLU A 9 3.70 8.98 -1.59
C GLU A 9 4.78 8.54 -0.59
N ALA A 10 5.29 7.34 -0.81
CA ALA A 10 6.33 6.73 0.01
C ALA A 10 6.95 5.60 -0.77
N LEU A 11 8.20 5.73 -1.17
CA LEU A 11 8.80 4.66 -1.95
C LEU A 11 9.13 3.47 -1.07
N ALA A 12 8.98 2.30 -1.65
CA ALA A 12 9.23 1.05 -0.95
C ALA A 12 9.67 -0.01 -1.94
N ILE A 13 10.22 -1.09 -1.43
CA ILE A 13 10.69 -2.19 -2.25
C ILE A 13 9.62 -3.26 -2.40
N PHE A 14 9.16 -3.45 -3.62
CA PHE A 14 8.19 -4.47 -3.93
C PHE A 14 8.85 -5.51 -4.81
N ARG A 15 9.07 -6.71 -4.28
CA ARG A 15 9.74 -7.77 -5.02
C ARG A 15 11.09 -7.31 -5.54
N LYS A 16 11.92 -6.80 -4.62
CA LYS A 16 13.25 -6.30 -4.94
C LYS A 16 13.25 -5.09 -5.85
N LYS A 17 12.11 -4.45 -5.98
CA LYS A 17 11.99 -3.25 -6.79
C LYS A 17 11.73 -2.07 -5.88
N GLN A 18 12.58 -1.07 -5.91
CA GLN A 18 12.39 0.09 -5.07
C GLN A 18 11.72 1.17 -5.89
N GLY A 19 10.45 1.36 -5.61
CA GLY A 19 9.71 2.35 -6.34
C GLY A 19 8.81 3.12 -5.43
N VAL A 20 8.02 4.01 -5.99
CA VAL A 20 7.15 4.86 -5.19
C VAL A 20 5.81 4.19 -4.88
N LEU A 21 5.45 4.18 -3.61
CA LEU A 21 4.18 3.63 -3.17
C LEU A 21 3.23 4.80 -3.00
N SER A 22 2.18 4.85 -3.79
CA SER A 22 1.23 5.94 -3.73
C SER A 22 -0.18 5.45 -3.37
N ILE A 23 -0.97 6.33 -2.75
CA ILE A 23 -2.32 5.97 -2.33
C ILE A 23 -3.35 6.91 -2.94
N ASP A 24 -4.08 6.45 -3.97
CA ASP A 24 -5.11 7.28 -4.59
C ASP A 24 -6.36 6.43 -4.90
N SER A 25 -7.18 6.17 -3.85
CA SER A 25 -8.42 5.36 -3.93
C SER A 25 -8.11 3.90 -4.25
N ARG A 26 -6.90 3.74 -4.69
CA ARG A 26 -6.34 2.51 -5.06
C ARG A 26 -4.92 2.50 -4.58
N LEU A 27 -4.54 1.45 -3.90
CA LEU A 27 -3.18 1.32 -3.41
C LEU A 27 -2.30 1.01 -4.61
N LYS A 28 -1.55 2.01 -5.06
CA LYS A 28 -0.72 1.86 -6.24
C LYS A 28 0.77 2.03 -5.95
N TRP A 29 1.52 0.96 -6.14
CA TRP A 29 2.95 1.02 -5.98
C TRP A 29 3.57 0.90 -7.35
N THR A 30 4.65 1.62 -7.57
CA THR A 30 5.30 1.62 -8.86
C THR A 30 6.78 1.30 -8.72
N GLY A 31 7.33 0.59 -9.71
CA GLY A 31 8.72 0.23 -9.69
C GLY A 31 9.65 1.37 -10.06
N GLU A 32 10.94 1.10 -10.10
CA GLU A 32 11.93 2.11 -10.43
C GLU A 32 12.09 2.21 -11.95
N GLY A 33 12.06 1.08 -12.63
CA GLY A 33 12.19 1.07 -14.07
C GLY A 33 10.89 0.69 -14.74
N LYS A 34 9.79 1.16 -14.19
CA LYS A 34 8.47 0.87 -14.73
C LYS A 34 7.61 2.12 -14.75
N THR A 35 7.25 2.57 -15.95
CA THR A 35 6.42 3.74 -16.10
C THR A 35 5.00 3.46 -15.61
N THR A 36 4.65 2.17 -15.60
CA THR A 36 3.35 1.73 -15.15
C THR A 36 3.46 1.10 -13.75
N PRO A 37 2.44 1.27 -12.91
CA PRO A 37 2.43 0.71 -11.55
C PRO A 37 2.59 -0.81 -11.54
N SER A 38 3.03 -1.34 -10.42
CA SER A 38 3.21 -2.78 -10.27
C SER A 38 2.19 -3.34 -9.29
N VAL A 39 1.77 -2.49 -8.35
CA VAL A 39 0.78 -2.89 -7.37
C VAL A 39 -0.40 -1.94 -7.45
N ASP A 40 -1.39 -2.29 -8.25
CA ASP A 40 -2.57 -1.45 -8.36
C ASP A 40 -3.77 -2.24 -7.86
N ILE A 41 -4.08 -2.07 -6.60
CA ILE A 41 -5.19 -2.77 -5.99
C ILE A 41 -6.13 -1.77 -5.31
N ALA A 42 -7.40 -1.81 -5.67
CA ALA A 42 -8.38 -0.91 -5.12
C ALA A 42 -8.68 -1.23 -3.66
N PHE A 43 -9.26 -0.28 -2.95
CA PHE A 43 -9.57 -0.49 -1.53
C PHE A 43 -10.62 -1.56 -1.27
N ASP A 44 -11.38 -1.92 -2.29
CA ASP A 44 -12.38 -2.96 -2.15
C ASP A 44 -11.69 -4.30 -2.32
N ALA A 45 -10.40 -4.22 -2.61
CA ALA A 45 -9.54 -5.37 -2.79
C ALA A 45 -8.47 -5.37 -1.71
N ILE A 46 -8.69 -4.58 -0.66
CA ILE A 46 -7.77 -4.52 0.46
C ILE A 46 -8.57 -4.82 1.70
N SER A 47 -8.33 -6.00 2.23
CA SER A 47 -9.07 -6.45 3.37
C SER A 47 -8.45 -5.93 4.66
N ASN A 48 -7.13 -5.85 4.67
CA ASN A 48 -6.36 -5.40 5.83
C ASN A 48 -4.88 -5.32 5.46
N LEU A 49 -4.05 -4.82 6.36
CA LEU A 49 -2.63 -4.73 6.09
C LEU A 49 -1.82 -4.74 7.39
N GLN A 50 -0.55 -5.08 7.29
CA GLN A 50 0.35 -5.11 8.45
C GLN A 50 1.56 -4.24 8.15
N THR A 51 2.03 -3.51 9.14
CA THR A 51 3.17 -2.63 8.98
C THR A 51 4.25 -2.93 10.00
N THR A 52 5.47 -2.53 9.72
CA THR A 52 6.58 -2.75 10.64
C THR A 52 6.39 -1.98 11.94
N PRO A 53 6.94 -2.47 13.05
CA PRO A 53 6.87 -1.76 14.32
C PRO A 53 7.81 -0.55 14.27
N ALA A 54 7.53 0.48 15.06
CA ALA A 54 8.36 1.67 15.07
C ALA A 54 9.81 1.34 15.42
N SER A 55 9.99 0.37 16.29
CA SER A 55 11.32 -0.05 16.70
C SER A 55 11.90 -1.09 15.74
N ASN A 56 11.92 -0.76 14.46
CA ASN A 56 12.44 -1.67 13.45
C ASN A 56 13.08 -0.91 12.30
N PRO A 57 14.38 -1.12 12.06
CA PRO A 57 15.11 -0.47 10.96
C PRO A 57 14.57 -0.93 9.61
N LYS A 58 14.19 -2.19 9.55
CA LYS A 58 13.64 -2.78 8.33
C LYS A 58 12.16 -2.46 8.23
N VAL A 59 11.86 -1.19 8.03
CA VAL A 59 10.50 -0.69 7.92
C VAL A 59 9.82 -1.18 6.65
N MET A 60 8.62 -1.72 6.78
CA MET A 60 7.88 -2.22 5.63
C MET A 60 6.36 -2.05 5.78
N ILE A 61 5.65 -2.38 4.71
CA ILE A 61 4.18 -2.34 4.65
C ILE A 61 3.68 -3.59 3.91
N ARG A 62 2.89 -4.40 4.59
CA ARG A 62 2.33 -5.60 3.99
C ARG A 62 0.84 -5.41 3.79
N VAL A 63 0.33 -5.78 2.64
CA VAL A 63 -1.09 -5.61 2.36
C VAL A 63 -1.77 -6.92 2.07
N PHE A 64 -2.94 -7.11 2.67
CA PHE A 64 -3.74 -8.30 2.47
C PHE A 64 -4.87 -7.94 1.52
N ILE A 65 -4.80 -8.53 0.34
CA ILE A 65 -5.74 -8.25 -0.73
C ILE A 65 -6.96 -9.15 -0.72
N VAL A 66 -8.14 -8.53 -0.77
CA VAL A 66 -9.39 -9.25 -0.88
C VAL A 66 -9.48 -9.68 -2.32
N VAL A 67 -10.32 -10.61 -2.67
CA VAL A 67 -10.33 -11.02 -4.06
C VAL A 67 -11.06 -10.07 -4.93
N LYS A 68 -10.31 -9.33 -5.69
CA LYS A 68 -10.92 -8.52 -6.69
C LYS A 68 -11.23 -9.51 -7.79
N GLU A 69 -12.45 -9.49 -8.28
CA GLU A 69 -12.89 -10.43 -9.29
C GLU A 69 -11.82 -10.64 -10.37
N GLY A 70 -11.26 -11.85 -10.40
CA GLY A 70 -10.26 -12.18 -11.40
C GLY A 70 -8.80 -12.12 -10.95
N GLU A 71 -8.51 -11.82 -9.67
CA GLU A 71 -7.10 -11.75 -9.26
C GLU A 71 -6.80 -12.53 -7.99
N ASP A 72 -7.82 -13.17 -7.46
CA ASP A 72 -7.72 -13.98 -6.24
C ASP A 72 -7.15 -13.20 -5.02
N PRO A 73 -7.32 -13.75 -3.80
CA PRO A 73 -6.81 -13.09 -2.59
C PRO A 73 -5.29 -13.16 -2.54
N THR A 74 -4.65 -12.02 -2.37
CA THR A 74 -3.19 -11.97 -2.36
C THR A 74 -2.66 -11.13 -1.21
N SER A 75 -1.33 -11.13 -1.06
CA SER A 75 -0.68 -10.33 -0.04
C SER A 75 0.63 -9.82 -0.61
N LEU A 76 0.84 -8.51 -0.53
CA LEU A 76 2.04 -7.90 -1.07
C LEU A 76 2.87 -7.24 0.02
N VAL A 77 4.16 -7.09 -0.22
CA VAL A 77 5.03 -6.45 0.75
C VAL A 77 5.84 -5.33 0.12
N PHE A 78 5.77 -4.17 0.73
CA PHE A 78 6.50 -3.00 0.29
C PHE A 78 7.51 -2.64 1.36
N HIS A 79 8.77 -2.94 1.10
CA HIS A 79 9.82 -2.68 2.08
C HIS A 79 10.31 -1.23 1.99
N PHE A 80 10.08 -0.46 3.04
CA PHE A 80 10.53 0.92 3.08
C PHE A 80 11.94 0.95 3.64
N THR A 81 12.45 -0.24 3.94
CA THR A 81 13.78 -0.42 4.52
C THR A 81 14.87 0.30 3.71
N GLY A 82 14.65 0.48 2.43
CA GLY A 82 15.61 1.17 1.59
C GLY A 82 15.19 2.61 1.34
N THR A 83 14.34 3.11 2.21
CA THR A 83 13.82 4.46 2.12
C THR A 83 14.25 5.27 3.33
N PRO A 84 14.79 6.49 3.12
CA PRO A 84 15.24 7.37 4.19
C PRO A 84 14.17 7.54 5.28
N ASN A 85 13.00 8.01 4.88
CA ASN A 85 11.90 8.22 5.81
C ASN A 85 10.91 7.06 5.73
N ALA A 86 11.47 5.86 5.72
CA ALA A 86 10.70 4.61 5.66
C ALA A 86 9.53 4.59 6.63
N ARG A 87 9.82 4.74 7.91
CA ARG A 87 8.79 4.67 8.94
C ARG A 87 7.84 5.86 8.91
N GLU A 88 8.35 7.04 8.61
CA GLU A 88 7.52 8.24 8.57
C GLU A 88 6.54 8.14 7.41
N ASN A 89 7.06 7.85 6.24
CA ASN A 89 6.23 7.70 5.07
C ASN A 89 5.36 6.45 5.22
N CYS A 90 5.91 5.46 5.92
CA CYS A 90 5.18 4.21 6.16
C CYS A 90 3.89 4.52 6.89
N ASP A 91 3.98 5.28 7.99
CA ASP A 91 2.78 5.63 8.75
C ASP A 91 1.88 6.50 7.89
N MET A 92 2.47 7.47 7.21
CA MET A 92 1.71 8.35 6.33
C MET A 92 0.91 7.52 5.33
N ILE A 93 1.55 6.50 4.77
CA ILE A 93 0.89 5.60 3.83
C ILE A 93 -0.17 4.82 4.58
N THR A 94 0.24 4.06 5.58
CA THR A 94 -0.64 3.22 6.37
C THR A 94 -1.87 3.95 6.88
N ASN A 95 -1.67 5.13 7.46
CA ASN A 95 -2.77 5.90 7.99
C ASN A 95 -3.77 6.24 6.90
N GLU A 96 -3.31 6.92 5.86
CA GLU A 96 -4.19 7.29 4.75
C GLU A 96 -4.71 6.05 4.05
N LEU A 97 -3.83 5.07 3.85
CA LEU A 97 -4.19 3.83 3.20
C LEU A 97 -5.33 3.15 3.96
N ARG A 98 -5.07 2.79 5.20
CA ARG A 98 -6.05 2.11 6.03
C ARG A 98 -7.34 2.94 6.14
N ASN A 99 -7.19 4.24 6.37
CA ASN A 99 -8.35 5.12 6.48
C ASN A 99 -9.12 5.15 5.17
N ALA A 100 -8.41 5.42 4.07
CA ALA A 100 -9.03 5.49 2.75
C ALA A 100 -9.64 4.16 2.35
N ILE A 101 -8.99 3.06 2.73
CA ILE A 101 -9.50 1.74 2.42
C ILE A 101 -10.92 1.61 2.99
N GLN A 102 -11.07 2.07 4.23
CA GLN A 102 -12.36 2.03 4.89
C GLN A 102 -13.27 3.10 4.29
N ARG A 103 -12.68 4.22 3.88
CA ARG A 103 -13.44 5.32 3.27
C ARG A 103 -14.21 4.82 2.05
N GLN A 104 -13.64 3.85 1.36
CA GLN A 104 -14.28 3.29 0.18
C GLN A 104 -15.28 2.21 0.59
N ARG A 105 -14.90 1.39 1.58
CA ARG A 105 -15.74 0.31 2.06
C ARG A 105 -16.99 0.84 2.76
N GLU A 106 -16.88 2.04 3.33
CA GLU A 106 -18.01 2.67 4.01
C GLU A 106 -19.16 2.93 3.05
N GLY A 107 -18.82 3.07 1.77
CA GLY A 107 -19.84 3.30 0.76
C GLY A 107 -20.76 2.10 0.62
N SER A 108 -20.18 0.91 0.82
CA SER A 108 -20.94 -0.33 0.74
C SER A 108 -21.53 -0.65 2.10
N GLN A 109 -20.85 -0.23 3.16
CA GLN A 109 -21.31 -0.45 4.51
C GLN A 109 -22.28 0.65 4.93
N SER A 110 -23.45 0.66 4.31
CA SER A 110 -24.47 1.65 4.60
C SER A 110 -25.05 1.43 6.00
N LYS A 111 -24.52 2.17 6.95
CA LYS A 111 -24.94 2.09 8.34
C LYS A 111 -24.36 3.26 9.11
N MET A 4 -6.94 10.64 -5.45
CA MET A 4 -7.34 11.86 -6.20
C MET A 4 -6.99 13.09 -5.38
N GLY A 5 -7.92 13.53 -4.54
CA GLY A 5 -7.64 14.65 -3.66
C GLY A 5 -6.95 14.12 -2.43
N ASP A 6 -6.98 12.81 -2.37
CA ASP A 6 -6.39 12.02 -1.32
C ASP A 6 -5.22 11.24 -1.92
N ARG A 7 -4.01 11.57 -1.51
CA ARG A 7 -2.84 10.91 -2.04
C ARG A 7 -1.66 10.97 -1.06
N VAL A 8 -0.88 9.90 -1.04
CA VAL A 8 0.32 9.80 -0.19
C VAL A 8 1.35 8.97 -0.90
N GLU A 9 2.56 9.49 -0.94
CA GLU A 9 3.65 8.83 -1.59
C GLU A 9 4.74 8.44 -0.61
N ALA A 10 5.21 7.21 -0.76
CA ALA A 10 6.26 6.62 0.05
C ALA A 10 6.87 5.49 -0.73
N LEU A 11 8.11 5.63 -1.17
CA LEU A 11 8.68 4.56 -1.97
C LEU A 11 9.01 3.35 -1.10
N ALA A 12 8.89 2.19 -1.70
CA ALA A 12 9.13 0.94 -1.03
C ALA A 12 9.65 -0.11 -2.00
N ILE A 13 10.19 -1.18 -1.45
CA ILE A 13 10.74 -2.27 -2.23
C ILE A 13 9.72 -3.37 -2.43
N PHE A 14 9.34 -3.58 -3.67
CA PHE A 14 8.41 -4.63 -4.02
C PHE A 14 9.14 -5.63 -4.90
N ARG A 15 9.58 -6.73 -4.30
CA ARG A 15 10.32 -7.77 -5.02
C ARG A 15 11.57 -7.18 -5.67
N LYS A 16 12.47 -6.66 -4.83
CA LYS A 16 13.72 -6.04 -5.26
C LYS A 16 13.53 -4.77 -6.08
N LYS A 17 12.29 -4.40 -6.33
CA LYS A 17 12.01 -3.18 -7.06
C LYS A 17 11.78 -2.07 -6.05
N GLN A 18 12.47 -0.97 -6.19
CA GLN A 18 12.30 0.13 -5.27
C GLN A 18 11.62 1.25 -6.02
N GLY A 19 10.36 1.42 -5.74
CA GLY A 19 9.61 2.43 -6.41
C GLY A 19 8.70 3.15 -5.48
N VAL A 20 7.90 4.05 -6.03
CA VAL A 20 7.02 4.86 -5.21
C VAL A 20 5.71 4.15 -4.90
N LEU A 21 5.34 4.15 -3.63
CA LEU A 21 4.08 3.57 -3.20
C LEU A 21 3.10 4.73 -3.04
N SER A 22 2.08 4.78 -3.88
CA SER A 22 1.13 5.87 -3.82
C SER A 22 -0.28 5.38 -3.45
N ILE A 23 -1.03 6.24 -2.76
CA ILE A 23 -2.37 5.90 -2.31
C ILE A 23 -3.43 6.84 -2.91
N ASP A 24 -4.13 6.40 -3.95
CA ASP A 24 -5.18 7.22 -4.57
C ASP A 24 -6.40 6.36 -4.90
N SER A 25 -7.23 6.06 -3.87
CA SER A 25 -8.46 5.23 -3.98
C SER A 25 -8.11 3.78 -4.30
N ARG A 26 -6.93 3.65 -4.81
CA ARG A 26 -6.37 2.41 -5.18
C ARG A 26 -4.95 2.38 -4.66
N LEU A 27 -4.60 1.31 -4.01
CA LEU A 27 -3.26 1.15 -3.49
C LEU A 27 -2.37 0.83 -4.69
N LYS A 28 -1.60 1.82 -5.12
CA LYS A 28 -0.77 1.66 -6.29
C LYS A 28 0.71 1.88 -6.01
N TRP A 29 1.49 0.82 -6.17
CA TRP A 29 2.93 0.91 -6.00
C TRP A 29 3.54 0.79 -7.38
N THR A 30 4.61 1.51 -7.61
CA THR A 30 5.25 1.49 -8.90
C THR A 30 6.75 1.24 -8.82
N GLY A 31 7.25 0.36 -9.66
CA GLY A 31 8.67 0.04 -9.66
C GLY A 31 9.49 1.04 -10.46
N GLU A 32 10.77 1.10 -10.18
CA GLU A 32 11.66 2.03 -10.85
C GLU A 32 12.01 1.52 -12.24
N GLY A 33 12.13 2.45 -13.18
CA GLY A 33 12.45 2.10 -14.55
C GLY A 33 11.33 1.31 -15.21
N LYS A 34 10.17 1.30 -14.57
CA LYS A 34 9.02 0.58 -15.08
C LYS A 34 7.94 1.54 -15.54
N THR A 35 7.83 2.68 -14.85
CA THR A 35 6.86 3.71 -15.19
C THR A 35 5.44 3.29 -14.79
N THR A 36 5.04 2.08 -15.19
CA THR A 36 3.72 1.56 -14.88
C THR A 36 3.73 0.92 -13.49
N PRO A 37 2.63 1.07 -12.74
CA PRO A 37 2.51 0.49 -11.40
C PRO A 37 2.64 -1.04 -11.42
N SER A 38 3.15 -1.58 -10.32
CA SER A 38 3.31 -3.02 -10.18
C SER A 38 2.27 -3.56 -9.22
N VAL A 39 1.82 -2.71 -8.32
CA VAL A 39 0.82 -3.06 -7.35
C VAL A 39 -0.39 -2.19 -7.56
N ASP A 40 -1.35 -2.67 -8.34
CA ASP A 40 -2.55 -1.91 -8.58
C ASP A 40 -3.75 -2.67 -8.04
N ILE A 41 -4.12 -2.35 -6.81
CA ILE A 41 -5.25 -2.99 -6.17
C ILE A 41 -6.13 -1.93 -5.53
N ALA A 42 -7.43 -2.04 -5.72
CA ALA A 42 -8.35 -1.07 -5.15
C ALA A 42 -8.64 -1.41 -3.69
N PHE A 43 -9.19 -0.44 -2.95
CA PHE A 43 -9.48 -0.66 -1.54
C PHE A 43 -10.59 -1.68 -1.30
N ASP A 44 -11.27 -2.05 -2.37
CA ASP A 44 -12.34 -3.02 -2.29
C ASP A 44 -11.71 -4.40 -2.28
N ALA A 45 -10.41 -4.40 -2.55
CA ALA A 45 -9.61 -5.60 -2.59
C ALA A 45 -8.56 -5.53 -1.49
N ILE A 46 -8.83 -4.74 -0.46
CA ILE A 46 -7.92 -4.64 0.67
C ILE A 46 -8.69 -5.00 1.91
N SER A 47 -8.41 -6.18 2.40
CA SER A 47 -9.12 -6.70 3.54
C SER A 47 -8.51 -6.19 4.84
N ASN A 48 -7.18 -6.02 4.83
CA ASN A 48 -6.43 -5.56 5.99
C ASN A 48 -4.95 -5.49 5.63
N LEU A 49 -4.12 -4.98 6.51
CA LEU A 49 -2.69 -4.90 6.24
C LEU A 49 -1.88 -4.94 7.54
N GLN A 50 -0.57 -5.13 7.41
CA GLN A 50 0.32 -5.17 8.55
C GLN A 50 1.59 -4.38 8.25
N THR A 51 2.00 -3.54 9.18
CA THR A 51 3.18 -2.71 9.01
C THR A 51 4.26 -3.10 10.02
N THR A 52 5.51 -2.75 9.71
CA THR A 52 6.61 -3.07 10.59
C THR A 52 6.53 -2.30 11.91
N PRO A 53 7.18 -2.81 12.98
CA PRO A 53 7.21 -2.11 14.25
C PRO A 53 8.19 -0.94 14.18
N ALA A 54 7.90 0.13 14.93
CA ALA A 54 8.77 1.32 14.92
C ALA A 54 10.17 1.02 15.45
N SER A 55 10.27 0.02 16.30
CA SER A 55 11.55 -0.38 16.88
C SER A 55 12.31 -1.35 15.97
N ASN A 56 12.16 -1.18 14.66
CA ASN A 56 12.82 -2.05 13.70
C ASN A 56 13.22 -1.25 12.46
N PRO A 57 14.51 -1.33 12.06
CA PRO A 57 15.03 -0.61 10.90
C PRO A 57 14.49 -1.14 9.57
N LYS A 58 14.12 -2.42 9.54
CA LYS A 58 13.58 -3.03 8.32
C LYS A 58 12.11 -2.69 8.17
N VAL A 59 11.83 -1.41 7.96
CA VAL A 59 10.47 -0.91 7.84
C VAL A 59 9.80 -1.39 6.55
N MET A 60 8.58 -1.90 6.68
CA MET A 60 7.83 -2.37 5.55
C MET A 60 6.32 -2.16 5.73
N ILE A 61 5.56 -2.47 4.69
CA ILE A 61 4.11 -2.41 4.69
C ILE A 61 3.57 -3.65 3.95
N ARG A 62 2.79 -4.46 4.65
CA ARG A 62 2.20 -5.66 4.06
C ARG A 62 0.72 -5.46 3.90
N VAL A 63 0.20 -5.72 2.72
CA VAL A 63 -1.22 -5.54 2.48
C VAL A 63 -1.89 -6.86 2.09
N PHE A 64 -3.04 -7.13 2.69
CA PHE A 64 -3.79 -8.33 2.41
C PHE A 64 -4.93 -8.00 1.46
N ILE A 65 -4.87 -8.59 0.28
CA ILE A 65 -5.84 -8.33 -0.77
C ILE A 65 -7.04 -9.28 -0.74
N VAL A 66 -8.23 -8.70 -0.80
CA VAL A 66 -9.46 -9.48 -0.86
C VAL A 66 -9.69 -9.72 -2.33
N VAL A 67 -10.48 -10.68 -2.73
CA VAL A 67 -10.65 -10.83 -4.14
C VAL A 67 -11.71 -9.93 -4.66
N LYS A 68 -11.29 -8.91 -5.32
CA LYS A 68 -12.23 -8.08 -5.98
C LYS A 68 -12.26 -8.68 -7.36
N GLU A 69 -13.44 -8.96 -7.89
CA GLU A 69 -13.53 -9.61 -9.18
C GLU A 69 -12.51 -9.02 -10.16
N GLY A 70 -11.54 -9.85 -10.53
CA GLY A 70 -10.50 -9.41 -11.42
C GLY A 70 -9.11 -9.51 -10.82
N GLU A 71 -9.03 -9.58 -9.48
CA GLU A 71 -7.73 -9.67 -8.81
C GLU A 71 -7.81 -10.68 -7.67
N ASP A 72 -7.17 -11.81 -7.87
CA ASP A 72 -7.15 -12.90 -6.89
C ASP A 72 -6.65 -12.45 -5.52
N PRO A 73 -7.00 -13.20 -4.46
CA PRO A 73 -6.60 -12.85 -3.10
C PRO A 73 -5.09 -13.05 -2.92
N THR A 74 -4.40 -12.02 -2.47
CA THR A 74 -2.95 -12.10 -2.29
C THR A 74 -2.49 -11.17 -1.18
N SER A 75 -1.21 -11.24 -0.85
CA SER A 75 -0.64 -10.36 0.15
C SER A 75 0.64 -9.76 -0.42
N LEU A 76 0.73 -8.45 -0.40
CA LEU A 76 1.90 -7.77 -0.95
C LEU A 76 2.74 -7.17 0.14
N VAL A 77 4.05 -7.10 -0.10
CA VAL A 77 4.95 -6.53 0.89
C VAL A 77 5.81 -5.44 0.28
N PHE A 78 5.59 -4.24 0.75
CA PHE A 78 6.34 -3.09 0.29
C PHE A 78 7.38 -2.73 1.35
N HIS A 79 8.63 -3.04 1.08
CA HIS A 79 9.69 -2.79 2.05
C HIS A 79 10.21 -1.37 1.97
N PHE A 80 10.00 -0.60 3.01
CA PHE A 80 10.48 0.78 3.06
C PHE A 80 11.88 0.80 3.64
N THR A 81 12.40 -0.39 3.90
CA THR A 81 13.72 -0.57 4.48
C THR A 81 14.81 0.16 3.68
N GLY A 82 14.56 0.35 2.39
CA GLY A 82 15.52 1.03 1.55
C GLY A 82 15.08 2.45 1.25
N THR A 83 14.20 2.96 2.10
CA THR A 83 13.66 4.30 1.96
C THR A 83 14.14 5.19 3.11
N PRO A 84 14.67 6.39 2.80
CA PRO A 84 15.15 7.33 3.81
C PRO A 84 14.10 7.62 4.88
N ASN A 85 12.87 7.82 4.46
CA ASN A 85 11.77 8.12 5.38
C ASN A 85 10.80 6.95 5.45
N ALA A 86 11.36 5.76 5.59
CA ALA A 86 10.62 4.50 5.66
C ALA A 86 9.47 4.51 6.68
N ARG A 87 9.78 4.75 7.95
CA ARG A 87 8.76 4.68 9.02
C ARG A 87 7.72 5.79 8.93
N GLU A 88 8.18 7.02 8.77
CA GLU A 88 7.29 8.16 8.72
C GLU A 88 6.38 8.09 7.52
N ASN A 89 6.92 7.68 6.39
CA ASN A 89 6.12 7.54 5.19
C ASN A 89 5.28 6.29 5.29
N CYS A 90 5.81 5.28 5.98
CA CYS A 90 5.10 4.03 6.19
C CYS A 90 3.79 4.32 6.90
N ASP A 91 3.85 5.07 8.00
CA ASP A 91 2.64 5.42 8.74
C ASP A 91 1.77 6.33 7.88
N MET A 92 2.41 7.28 7.21
CA MET A 92 1.71 8.21 6.34
C MET A 92 0.88 7.40 5.33
N ILE A 93 1.51 6.38 4.77
CA ILE A 93 0.84 5.49 3.83
C ILE A 93 -0.22 4.70 4.57
N THR A 94 0.20 3.93 5.56
CA THR A 94 -0.69 3.09 6.35
C THR A 94 -1.95 3.80 6.85
N ASN A 95 -1.78 4.94 7.50
CA ASN A 95 -2.91 5.66 8.04
C ASN A 95 -3.83 6.12 6.93
N GLU A 96 -3.28 6.78 5.93
CA GLU A 96 -4.07 7.27 4.80
C GLU A 96 -4.67 6.09 4.05
N LEU A 97 -3.84 5.07 3.83
CA LEU A 97 -4.25 3.85 3.16
C LEU A 97 -5.42 3.23 3.89
N ARG A 98 -5.20 2.86 5.16
CA ARG A 98 -6.23 2.23 5.98
C ARG A 98 -7.49 3.11 6.03
N ASN A 99 -7.30 4.41 6.24
CA ASN A 99 -8.42 5.36 6.28
C ASN A 99 -9.17 5.33 4.96
N ALA A 100 -8.43 5.40 3.87
CA ALA A 100 -8.98 5.40 2.53
C ALA A 100 -9.64 4.07 2.21
N ILE A 101 -8.99 2.99 2.63
CA ILE A 101 -9.51 1.65 2.39
C ILE A 101 -10.88 1.51 3.03
N GLN A 102 -10.96 1.90 4.29
CA GLN A 102 -12.21 1.81 5.03
C GLN A 102 -13.28 2.74 4.47
N ARG A 103 -12.91 3.94 4.06
CA ARG A 103 -13.91 4.84 3.51
C ARG A 103 -14.42 4.34 2.16
N GLN A 104 -13.64 3.49 1.50
CA GLN A 104 -14.07 2.91 0.24
C GLN A 104 -14.90 1.65 0.50
N ARG A 105 -14.39 0.83 1.42
CA ARG A 105 -15.03 -0.44 1.76
C ARG A 105 -16.22 -0.25 2.69
N GLU A 106 -15.95 0.20 3.90
CA GLU A 106 -16.98 0.43 4.91
C GLU A 106 -18.01 1.43 4.41
N GLY A 107 -17.54 2.44 3.69
CA GLY A 107 -18.41 3.46 3.16
C GLY A 107 -19.16 3.04 1.92
N SER A 108 -19.86 1.92 2.00
CA SER A 108 -20.64 1.40 0.88
C SER A 108 -22.14 1.61 1.11
N GLN A 109 -22.50 2.11 2.29
CA GLN A 109 -23.89 2.36 2.63
C GLN A 109 -24.40 3.55 1.80
N SER A 110 -23.51 4.50 1.61
CA SER A 110 -23.78 5.70 0.84
C SER A 110 -22.45 6.25 0.36
N LYS A 111 -21.55 6.41 1.32
CA LYS A 111 -20.20 6.87 1.07
C LYS A 111 -19.45 6.82 2.38
N MET A 4 -6.04 11.51 2.94
CA MET A 4 -7.01 10.39 2.91
C MET A 4 -7.58 10.22 1.51
N GLY A 5 -8.47 11.13 1.12
CA GLY A 5 -9.05 11.09 -0.21
C GLY A 5 -8.22 11.93 -1.16
N ASP A 6 -6.92 11.78 -1.02
CA ASP A 6 -5.94 12.52 -1.78
C ASP A 6 -4.88 11.58 -2.33
N ARG A 7 -3.63 12.02 -2.28
CA ARG A 7 -2.52 11.23 -2.78
C ARG A 7 -1.36 11.22 -1.80
N VAL A 8 -0.83 10.03 -1.52
CA VAL A 8 0.31 9.88 -0.61
C VAL A 8 1.38 9.08 -1.29
N GLU A 9 2.60 9.56 -1.21
CA GLU A 9 3.72 8.92 -1.84
C GLU A 9 4.80 8.54 -0.82
N ALA A 10 5.30 7.33 -0.97
CA ALA A 10 6.34 6.75 -0.11
C ALA A 10 6.96 5.60 -0.86
N LEU A 11 8.20 5.71 -1.27
CA LEU A 11 8.79 4.62 -2.02
C LEU A 11 9.15 3.46 -1.11
N ALA A 12 9.01 2.26 -1.65
CA ALA A 12 9.29 1.05 -0.93
C ALA A 12 9.72 -0.04 -1.90
N ILE A 13 10.30 -1.11 -1.38
CA ILE A 13 10.76 -2.22 -2.18
C ILE A 13 9.68 -3.29 -2.28
N PHE A 14 9.18 -3.51 -3.48
CA PHE A 14 8.17 -4.53 -3.71
C PHE A 14 8.77 -5.64 -4.56
N ARG A 15 8.88 -6.83 -3.98
CA ARG A 15 9.44 -7.99 -4.66
C ARG A 15 10.83 -7.69 -5.23
N LYS A 16 11.62 -6.93 -4.45
CA LYS A 16 12.98 -6.53 -4.79
C LYS A 16 13.02 -5.40 -5.80
N LYS A 17 11.96 -4.62 -5.84
CA LYS A 17 11.91 -3.46 -6.72
C LYS A 17 11.71 -2.22 -5.87
N GLN A 18 12.48 -1.19 -6.11
CA GLN A 18 12.35 0.01 -5.32
C GLN A 18 11.54 1.01 -6.13
N GLY A 19 10.40 1.37 -5.62
CA GLY A 19 9.57 2.30 -6.32
C GLY A 19 8.66 3.05 -5.41
N VAL A 20 7.94 4.00 -5.97
CA VAL A 20 7.06 4.85 -5.20
C VAL A 20 5.75 4.15 -4.88
N LEU A 21 5.36 4.17 -3.61
CA LEU A 21 4.11 3.59 -3.18
C LEU A 21 3.13 4.74 -3.04
N SER A 22 2.10 4.77 -3.87
CA SER A 22 1.13 5.86 -3.85
C SER A 22 -0.26 5.40 -3.40
N ILE A 23 -0.96 6.29 -2.70
CA ILE A 23 -2.30 5.99 -2.18
C ILE A 23 -3.34 6.95 -2.77
N ASP A 24 -4.06 6.51 -3.79
CA ASP A 24 -5.10 7.33 -4.40
C ASP A 24 -6.34 6.47 -4.69
N SER A 25 -7.14 6.20 -3.64
CA SER A 25 -8.38 5.38 -3.70
C SER A 25 -8.04 3.91 -3.99
N ARG A 26 -6.87 3.78 -4.52
CA ARG A 26 -6.31 2.54 -4.89
C ARG A 26 -4.88 2.52 -4.38
N LEU A 27 -4.52 1.45 -3.72
CA LEU A 27 -3.17 1.33 -3.23
C LEU A 27 -2.32 0.94 -4.42
N LYS A 28 -1.56 1.90 -4.93
CA LYS A 28 -0.76 1.69 -6.12
C LYS A 28 0.73 1.89 -5.89
N TRP A 29 1.48 0.82 -6.03
CA TRP A 29 2.92 0.90 -5.91
C TRP A 29 3.52 0.77 -7.30
N THR A 30 4.62 1.42 -7.52
CA THR A 30 5.28 1.39 -8.82
C THR A 30 6.78 1.24 -8.67
N GLY A 31 7.36 0.28 -9.38
CA GLY A 31 8.80 0.06 -9.28
C GLY A 31 9.60 0.74 -10.36
N GLU A 32 10.91 0.72 -10.20
CA GLU A 32 11.82 1.32 -11.15
C GLU A 32 11.76 0.60 -12.49
N GLY A 33 11.83 1.36 -13.57
CA GLY A 33 11.78 0.77 -14.90
C GLY A 33 10.36 0.49 -15.36
N LYS A 34 9.40 0.80 -14.51
CA LYS A 34 8.01 0.57 -14.83
C LYS A 34 7.28 1.90 -15.05
N THR A 35 6.85 2.13 -16.29
CA THR A 35 6.12 3.35 -16.63
C THR A 35 4.67 3.25 -16.14
N THR A 36 4.34 2.10 -15.59
CA THR A 36 3.02 1.83 -15.07
C THR A 36 3.16 1.20 -13.69
N PRO A 37 2.13 1.33 -12.83
CA PRO A 37 2.17 0.75 -11.49
C PRO A 37 2.38 -0.77 -11.51
N SER A 38 2.87 -1.30 -10.41
CA SER A 38 3.13 -2.72 -10.29
C SER A 38 2.15 -3.33 -9.29
N VAL A 39 1.71 -2.51 -8.35
CA VAL A 39 0.73 -2.94 -7.36
C VAL A 39 -0.46 -2.01 -7.42
N ASP A 40 -1.46 -2.35 -8.22
CA ASP A 40 -2.65 -1.52 -8.32
C ASP A 40 -3.82 -2.27 -7.74
N ILE A 41 -4.08 -2.05 -6.47
CA ILE A 41 -5.17 -2.72 -5.78
C ILE A 41 -6.06 -1.73 -5.07
N ALA A 42 -7.33 -1.70 -5.45
CA ALA A 42 -8.29 -0.79 -4.84
C ALA A 42 -8.58 -1.22 -3.41
N PHE A 43 -9.15 -0.33 -2.61
CA PHE A 43 -9.44 -0.62 -1.20
C PHE A 43 -10.46 -1.74 -1.00
N ASP A 44 -11.13 -2.16 -2.07
CA ASP A 44 -12.11 -3.23 -1.98
C ASP A 44 -11.37 -4.56 -1.99
N ALA A 45 -10.11 -4.47 -2.41
CA ALA A 45 -9.25 -5.60 -2.50
C ALA A 45 -8.20 -5.54 -1.39
N ILE A 46 -8.48 -4.75 -0.38
CA ILE A 46 -7.59 -4.64 0.76
C ILE A 46 -8.40 -5.05 1.96
N SER A 47 -8.14 -6.25 2.43
CA SER A 47 -8.87 -6.80 3.52
C SER A 47 -8.30 -6.31 4.85
N ASN A 48 -6.98 -6.15 4.87
CA ASN A 48 -6.24 -5.69 6.05
C ASN A 48 -4.76 -5.65 5.69
N LEU A 49 -3.92 -5.14 6.56
CA LEU A 49 -2.49 -5.09 6.28
C LEU A 49 -1.66 -5.06 7.56
N GLN A 50 -0.35 -5.20 7.41
CA GLN A 50 0.57 -5.17 8.53
C GLN A 50 1.74 -4.25 8.20
N THR A 51 2.15 -3.44 9.15
CA THR A 51 3.25 -2.51 8.94
C THR A 51 4.36 -2.73 9.96
N THR A 52 5.56 -2.28 9.65
CA THR A 52 6.68 -2.45 10.56
C THR A 52 6.48 -1.69 11.86
N PRO A 53 6.84 -2.29 13.00
CA PRO A 53 6.73 -1.63 14.30
C PRO A 53 7.83 -0.58 14.45
N ALA A 54 7.62 0.40 15.33
CA ALA A 54 8.61 1.46 15.53
C ALA A 54 9.77 0.97 16.39
N SER A 55 10.28 -0.21 16.06
CA SER A 55 11.40 -0.81 16.77
C SER A 55 12.16 -1.74 15.83
N ASN A 56 11.93 -1.58 14.54
CA ASN A 56 12.57 -2.40 13.53
C ASN A 56 13.16 -1.52 12.42
N PRO A 57 14.49 -1.58 12.24
CA PRO A 57 15.19 -0.80 11.20
C PRO A 57 14.69 -1.11 9.79
N LYS A 58 14.26 -2.35 9.59
CA LYS A 58 13.76 -2.78 8.29
C LYS A 58 12.30 -2.37 8.15
N VAL A 59 12.08 -1.10 7.86
CA VAL A 59 10.74 -0.54 7.72
C VAL A 59 10.03 -1.09 6.51
N MET A 60 8.81 -1.59 6.68
CA MET A 60 8.05 -2.13 5.57
C MET A 60 6.53 -1.94 5.73
N ILE A 61 5.80 -2.33 4.68
CA ILE A 61 4.35 -2.29 4.65
C ILE A 61 3.85 -3.55 3.92
N ARG A 62 3.08 -4.37 4.61
CA ARG A 62 2.52 -5.59 4.02
C ARG A 62 1.03 -5.44 3.88
N VAL A 63 0.50 -5.73 2.70
CA VAL A 63 -0.93 -5.60 2.48
C VAL A 63 -1.57 -6.94 2.15
N PHE A 64 -2.74 -7.19 2.71
CA PHE A 64 -3.48 -8.42 2.46
C PHE A 64 -4.63 -8.09 1.50
N ILE A 65 -4.54 -8.66 0.32
CA ILE A 65 -5.48 -8.39 -0.74
C ILE A 65 -6.67 -9.35 -0.80
N VAL A 66 -7.85 -8.74 -0.90
CA VAL A 66 -9.10 -9.47 -1.05
C VAL A 66 -9.24 -9.64 -2.55
N VAL A 67 -10.05 -10.54 -3.05
CA VAL A 67 -10.09 -10.67 -4.47
C VAL A 67 -10.92 -9.62 -5.13
N LYS A 68 -10.24 -8.77 -5.84
CA LYS A 68 -10.89 -7.77 -6.65
C LYS A 68 -11.11 -8.50 -7.96
N GLU A 69 -12.33 -8.51 -8.45
CA GLU A 69 -12.67 -9.24 -9.67
C GLU A 69 -11.61 -9.04 -10.76
N GLY A 70 -10.94 -10.13 -11.12
CA GLY A 70 -9.92 -10.06 -12.13
C GLY A 70 -8.61 -10.71 -11.70
N GLU A 71 -8.47 -11.02 -10.41
CA GLU A 71 -7.26 -11.64 -9.90
C GLU A 71 -7.57 -12.64 -8.80
N ASP A 72 -6.63 -12.82 -7.88
CA ASP A 72 -6.79 -13.75 -6.76
C ASP A 72 -6.35 -13.09 -5.45
N PRO A 73 -6.71 -13.67 -4.28
CA PRO A 73 -6.31 -13.11 -2.98
C PRO A 73 -4.80 -13.25 -2.79
N THR A 74 -4.11 -12.16 -2.49
CA THR A 74 -2.67 -12.21 -2.32
C THR A 74 -2.20 -11.25 -1.23
N SER A 75 -0.93 -11.34 -0.86
CA SER A 75 -0.35 -10.44 0.12
C SER A 75 0.93 -9.86 -0.46
N LEU A 76 1.03 -8.54 -0.44
CA LEU A 76 2.18 -7.87 -1.02
C LEU A 76 3.01 -7.17 0.05
N VAL A 77 4.31 -7.04 -0.19
CA VAL A 77 5.17 -6.38 0.77
C VAL A 77 5.97 -5.27 0.12
N PHE A 78 5.92 -4.10 0.74
CA PHE A 78 6.65 -2.93 0.29
C PHE A 78 7.62 -2.52 1.37
N HIS A 79 8.89 -2.82 1.17
CA HIS A 79 9.90 -2.51 2.17
C HIS A 79 10.41 -1.08 2.02
N PHE A 80 10.15 -0.25 3.01
CA PHE A 80 10.61 1.12 3.00
C PHE A 80 12.02 1.16 3.58
N THR A 81 12.56 -0.03 3.81
CA THR A 81 13.88 -0.23 4.37
C THR A 81 14.96 0.59 3.64
N GLY A 82 14.77 0.80 2.34
CA GLY A 82 15.71 1.57 1.56
C GLY A 82 15.19 2.97 1.28
N THR A 83 14.39 3.47 2.20
CA THR A 83 13.79 4.78 2.07
C THR A 83 14.14 5.65 3.27
N PRO A 84 14.61 6.89 3.03
CA PRO A 84 14.97 7.81 4.11
C PRO A 84 13.86 7.99 5.13
N ASN A 85 12.65 8.30 4.64
CA ASN A 85 11.50 8.50 5.51
C ASN A 85 10.63 7.25 5.53
N ALA A 86 11.27 6.10 5.67
CA ALA A 86 10.60 4.79 5.68
C ALA A 86 9.43 4.72 6.66
N ARG A 87 9.67 4.93 7.95
CA ARG A 87 8.62 4.83 8.98
C ARG A 87 7.67 6.01 8.90
N GLU A 88 8.23 7.16 8.58
CA GLU A 88 7.48 8.39 8.51
C GLU A 88 6.50 8.34 7.35
N ASN A 89 6.96 7.86 6.22
CA ASN A 89 6.11 7.73 5.06
C ASN A 89 5.24 6.51 5.22
N CYS A 90 5.77 5.49 5.91
CA CYS A 90 5.02 4.27 6.17
C CYS A 90 3.75 4.63 6.93
N ASP A 91 3.88 5.46 7.97
CA ASP A 91 2.71 5.87 8.74
C ASP A 91 1.80 6.69 7.85
N MET A 92 2.38 7.65 7.13
CA MET A 92 1.62 8.50 6.22
C MET A 92 0.81 7.63 5.25
N ILE A 93 1.48 6.62 4.70
CA ILE A 93 0.83 5.67 3.78
C ILE A 93 -0.24 4.91 4.53
N THR A 94 0.17 4.11 5.51
CA THR A 94 -0.72 3.28 6.31
C THR A 94 -1.92 4.02 6.88
N ASN A 95 -1.68 5.19 7.46
CA ASN A 95 -2.75 5.97 8.06
C ASN A 95 -3.79 6.34 7.03
N GLU A 96 -3.39 7.06 5.99
CA GLU A 96 -4.33 7.48 4.95
C GLU A 96 -4.84 6.29 4.17
N LEU A 97 -3.99 5.29 4.02
CA LEU A 97 -4.36 4.07 3.33
C LEU A 97 -5.49 3.42 4.09
N ARG A 98 -5.23 3.06 5.35
CA ARG A 98 -6.24 2.42 6.20
C ARG A 98 -7.46 3.31 6.35
N ASN A 99 -7.23 4.62 6.53
CA ASN A 99 -8.33 5.58 6.66
C ASN A 99 -9.25 5.51 5.45
N ALA A 100 -8.64 5.56 4.27
CA ALA A 100 -9.38 5.50 3.03
C ALA A 100 -9.94 4.10 2.78
N ILE A 101 -9.17 3.06 3.12
CA ILE A 101 -9.64 1.69 2.96
C ILE A 101 -10.91 1.50 3.77
N GLN A 102 -10.89 2.00 5.00
CA GLN A 102 -12.03 1.92 5.89
C GLN A 102 -13.22 2.69 5.32
N ARG A 103 -12.91 3.85 4.73
CA ARG A 103 -13.93 4.68 4.11
C ARG A 103 -14.63 3.92 2.99
N GLN A 104 -13.87 3.07 2.31
CA GLN A 104 -14.41 2.25 1.23
C GLN A 104 -15.08 1.00 1.81
N ARG A 105 -14.63 0.59 2.99
CA ARG A 105 -15.17 -0.60 3.66
C ARG A 105 -16.59 -0.34 4.16
N GLU A 106 -16.79 0.83 4.76
CA GLU A 106 -18.10 1.21 5.28
C GLU A 106 -19.14 1.29 4.16
N GLY A 107 -18.66 1.49 2.94
CA GLY A 107 -19.55 1.57 1.80
C GLY A 107 -19.00 0.83 0.60
N SER A 108 -18.73 -0.46 0.76
CA SER A 108 -18.19 -1.27 -0.32
C SER A 108 -19.28 -1.65 -1.33
N GLN A 109 -19.70 -0.66 -2.11
CA GLN A 109 -20.72 -0.86 -3.12
C GLN A 109 -20.38 -0.09 -4.39
N SER A 110 -19.08 0.08 -4.63
CA SER A 110 -18.62 0.80 -5.81
C SER A 110 -18.69 -0.08 -7.06
N LYS A 111 -18.23 -1.31 -6.92
CA LYS A 111 -18.23 -2.28 -8.01
C LYS A 111 -17.75 -3.62 -7.47
N MET A 4 -10.97 7.66 -1.86
CA MET A 4 -11.37 8.70 -2.83
C MET A 4 -11.00 10.07 -2.28
N GLY A 5 -10.11 10.76 -2.98
CA GLY A 5 -9.67 12.07 -2.52
C GLY A 5 -8.50 11.93 -1.57
N ASP A 6 -7.92 10.74 -1.57
CA ASP A 6 -6.80 10.40 -0.73
C ASP A 6 -5.56 10.27 -1.59
N ARG A 7 -4.44 10.81 -1.13
CA ARG A 7 -3.20 10.73 -1.90
C ARG A 7 -1.98 10.87 -0.99
N VAL A 8 -1.12 9.85 -1.00
CA VAL A 8 0.11 9.83 -0.21
C VAL A 8 1.18 9.04 -0.94
N GLU A 9 2.40 9.51 -0.84
CA GLU A 9 3.53 8.89 -1.49
C GLU A 9 4.61 8.47 -0.49
N ALA A 10 5.25 7.34 -0.80
CA ALA A 10 6.31 6.75 0.02
C ALA A 10 6.92 5.62 -0.77
N LEU A 11 8.15 5.73 -1.22
CA LEU A 11 8.73 4.66 -1.99
C LEU A 11 9.04 3.46 -1.11
N ALA A 12 8.94 2.28 -1.68
CA ALA A 12 9.18 1.05 -0.98
C ALA A 12 9.65 -0.02 -1.94
N ILE A 13 10.19 -1.09 -1.39
CA ILE A 13 10.69 -2.21 -2.17
C ILE A 13 9.63 -3.28 -2.30
N PHE A 14 9.14 -3.49 -3.50
CA PHE A 14 8.16 -4.51 -3.76
C PHE A 14 8.85 -5.70 -4.41
N ARG A 15 9.14 -6.72 -3.59
CA ARG A 15 9.81 -7.92 -4.05
C ARG A 15 11.09 -7.61 -4.82
N LYS A 16 11.96 -6.81 -4.18
CA LYS A 16 13.27 -6.38 -4.69
C LYS A 16 13.20 -5.17 -5.63
N LYS A 17 12.00 -4.67 -5.88
CA LYS A 17 11.86 -3.49 -6.74
C LYS A 17 11.69 -2.27 -5.84
N GLN A 18 12.49 -1.24 -6.04
CA GLN A 18 12.38 -0.05 -5.22
C GLN A 18 11.69 1.04 -6.01
N GLY A 19 10.46 1.30 -5.66
CA GLY A 19 9.72 2.31 -6.36
C GLY A 19 8.79 3.07 -5.46
N VAL A 20 8.09 4.03 -6.02
CA VAL A 20 7.19 4.87 -5.25
C VAL A 20 5.87 4.18 -4.96
N LEU A 21 5.49 4.18 -3.69
CA LEU A 21 4.21 3.63 -3.27
C LEU A 21 3.25 4.79 -3.13
N SER A 22 2.21 4.81 -3.95
CA SER A 22 1.24 5.90 -3.91
C SER A 22 -0.15 5.38 -3.57
N ILE A 23 -0.93 6.21 -2.86
CA ILE A 23 -2.28 5.84 -2.46
C ILE A 23 -3.31 6.80 -3.02
N ASP A 24 -4.05 6.38 -4.03
CA ASP A 24 -5.10 7.22 -4.63
C ASP A 24 -6.33 6.38 -4.92
N SER A 25 -7.12 6.11 -3.87
CA SER A 25 -8.37 5.29 -3.91
C SER A 25 -8.06 3.84 -4.29
N ARG A 26 -6.87 3.69 -4.77
CA ARG A 26 -6.34 2.46 -5.20
C ARG A 26 -4.90 2.41 -4.75
N LEU A 27 -4.52 1.33 -4.10
CA LEU A 27 -3.17 1.17 -3.64
C LEU A 27 -2.29 0.91 -4.85
N LYS A 28 -1.53 1.92 -5.26
CA LYS A 28 -0.69 1.82 -6.43
C LYS A 28 0.79 1.99 -6.12
N TRP A 29 1.55 0.94 -6.32
CA TRP A 29 2.99 0.99 -6.13
C TRP A 29 3.64 0.84 -7.49
N THR A 30 4.77 1.48 -7.68
CA THR A 30 5.46 1.44 -8.96
C THR A 30 6.97 1.30 -8.78
N GLY A 31 7.54 0.29 -9.42
CA GLY A 31 8.98 0.07 -9.32
C GLY A 31 9.78 0.91 -10.29
N GLU A 32 11.09 0.95 -10.09
CA GLU A 32 11.97 1.71 -10.94
C GLU A 32 12.07 1.08 -12.33
N GLY A 33 12.17 1.92 -13.35
CA GLY A 33 12.28 1.42 -14.70
C GLY A 33 10.93 1.02 -15.27
N LYS A 34 9.87 1.31 -14.53
CA LYS A 34 8.53 0.99 -14.96
C LYS A 34 7.74 2.25 -15.29
N THR A 35 7.26 2.33 -16.52
CA THR A 35 6.47 3.47 -16.96
C THR A 35 5.02 3.34 -16.51
N THR A 36 4.73 2.23 -15.84
CA THR A 36 3.40 1.96 -15.34
C THR A 36 3.50 1.31 -13.97
N PRO A 37 2.47 1.43 -13.12
CA PRO A 37 2.48 0.84 -11.78
C PRO A 37 2.73 -0.66 -11.80
N SER A 38 3.07 -1.19 -10.64
CA SER A 38 3.34 -2.60 -10.48
C SER A 38 2.32 -3.22 -9.52
N VAL A 39 1.94 -2.46 -8.51
CA VAL A 39 0.96 -2.91 -7.55
C VAL A 39 -0.25 -2.01 -7.68
N ASP A 40 -1.22 -2.41 -8.48
CA ASP A 40 -2.42 -1.61 -8.63
C ASP A 40 -3.60 -2.41 -8.15
N ILE A 41 -3.94 -2.23 -6.89
CA ILE A 41 -5.06 -2.93 -6.28
C ILE A 41 -5.97 -1.92 -5.59
N ALA A 42 -7.24 -1.94 -5.93
CA ALA A 42 -8.21 -1.03 -5.37
C ALA A 42 -8.54 -1.41 -3.94
N PHE A 43 -9.13 -0.47 -3.19
CA PHE A 43 -9.50 -0.74 -1.80
C PHE A 43 -10.59 -1.80 -1.65
N ASP A 44 -11.19 -2.16 -2.77
CA ASP A 44 -12.24 -3.17 -2.78
C ASP A 44 -11.57 -4.53 -2.76
N ALA A 45 -10.25 -4.49 -2.92
CA ALA A 45 -9.43 -5.67 -2.93
C ALA A 45 -8.38 -5.59 -1.84
N ILE A 46 -8.65 -4.78 -0.82
CA ILE A 46 -7.74 -4.68 0.31
C ILE A 46 -8.51 -5.01 1.56
N SER A 47 -8.24 -6.17 2.09
CA SER A 47 -8.95 -6.66 3.23
C SER A 47 -8.34 -6.13 4.53
N ASN A 48 -7.03 -5.91 4.51
CA ASN A 48 -6.30 -5.41 5.67
C ASN A 48 -4.82 -5.28 5.31
N LEU A 49 -4.03 -4.70 6.21
CA LEU A 49 -2.60 -4.54 5.98
C LEU A 49 -1.84 -4.56 7.31
N GLN A 50 -0.55 -4.86 7.26
CA GLN A 50 0.27 -4.89 8.46
C GLN A 50 1.62 -4.22 8.22
N THR A 51 1.94 -3.24 9.03
CA THR A 51 3.19 -2.48 8.92
C THR A 51 4.21 -2.97 9.92
N THR A 52 5.49 -2.70 9.65
CA THR A 52 6.57 -3.10 10.54
C THR A 52 6.48 -2.42 11.90
N PRO A 53 7.09 -3.01 12.94
CA PRO A 53 7.14 -2.40 14.26
C PRO A 53 8.24 -1.33 14.29
N ALA A 54 8.01 -0.26 15.04
CA ALA A 54 8.98 0.83 15.13
C ALA A 54 10.28 0.39 15.78
N SER A 55 10.25 -0.72 16.49
CA SER A 55 11.42 -1.24 17.18
C SER A 55 12.18 -2.26 16.32
N ASN A 56 12.06 -2.14 15.00
CA ASN A 56 12.75 -3.06 14.10
C ASN A 56 13.31 -2.32 12.89
N PRO A 57 14.65 -2.32 12.73
CA PRO A 57 15.32 -1.66 11.61
C PRO A 57 15.09 -2.39 10.28
N LYS A 58 13.87 -2.25 9.76
CA LYS A 58 13.46 -2.84 8.49
C LYS A 58 11.99 -2.51 8.25
N VAL A 59 11.72 -1.22 8.10
CA VAL A 59 10.36 -0.72 7.93
C VAL A 59 9.74 -1.15 6.61
N MET A 60 8.54 -1.68 6.70
CA MET A 60 7.81 -2.13 5.53
C MET A 60 6.30 -1.95 5.71
N ILE A 61 5.57 -2.24 4.64
CA ILE A 61 4.11 -2.20 4.62
C ILE A 61 3.61 -3.48 3.93
N ARG A 62 2.84 -4.28 4.64
CA ARG A 62 2.30 -5.51 4.11
C ARG A 62 0.82 -5.33 3.82
N VAL A 63 0.37 -5.75 2.67
CA VAL A 63 -1.04 -5.60 2.32
C VAL A 63 -1.69 -6.92 1.95
N PHE A 64 -2.88 -7.16 2.49
CA PHE A 64 -3.63 -8.36 2.21
C PHE A 64 -4.74 -8.02 1.23
N ILE A 65 -4.67 -8.60 0.04
CA ILE A 65 -5.62 -8.33 -1.02
C ILE A 65 -6.80 -9.30 -1.01
N VAL A 66 -8.01 -8.72 -1.04
CA VAL A 66 -9.23 -9.50 -1.11
C VAL A 66 -9.43 -9.77 -2.57
N VAL A 67 -10.21 -10.74 -2.96
CA VAL A 67 -10.38 -10.92 -4.38
C VAL A 67 -11.44 -10.02 -4.91
N LYS A 68 -11.02 -9.01 -5.58
CA LYS A 68 -11.97 -8.19 -6.26
C LYS A 68 -12.05 -8.86 -7.61
N GLU A 69 -13.25 -9.10 -8.11
CA GLU A 69 -13.39 -9.80 -9.37
C GLU A 69 -12.38 -9.28 -10.40
N GLY A 70 -11.43 -10.13 -10.76
CA GLY A 70 -10.41 -9.75 -11.71
C GLY A 70 -9.00 -9.83 -11.12
N GLU A 71 -8.89 -9.86 -9.79
CA GLU A 71 -7.58 -9.92 -9.14
C GLU A 71 -7.64 -10.87 -7.95
N ASP A 72 -7.00 -12.03 -8.11
CA ASP A 72 -6.96 -13.07 -7.08
C ASP A 72 -6.44 -12.54 -5.75
N PRO A 73 -6.75 -13.25 -4.64
CA PRO A 73 -6.34 -12.83 -3.31
C PRO A 73 -4.82 -13.01 -3.15
N THR A 74 -4.13 -11.96 -2.75
CA THR A 74 -2.67 -12.03 -2.61
C THR A 74 -2.17 -11.03 -1.57
N SER A 75 -1.07 -11.35 -0.91
CA SER A 75 -0.49 -10.43 0.04
C SER A 75 0.77 -9.82 -0.56
N LEU A 76 0.84 -8.50 -0.55
CA LEU A 76 1.97 -7.80 -1.12
C LEU A 76 2.81 -7.16 -0.03
N VAL A 77 4.10 -6.97 -0.30
CA VAL A 77 4.99 -6.37 0.67
C VAL A 77 5.79 -5.25 0.06
N PHE A 78 5.71 -4.09 0.68
CA PHE A 78 6.44 -2.92 0.24
C PHE A 78 7.45 -2.54 1.34
N HIS A 79 8.72 -2.83 1.10
CA HIS A 79 9.75 -2.55 2.09
C HIS A 79 10.23 -1.11 2.02
N PHE A 80 9.99 -0.35 3.08
CA PHE A 80 10.43 1.04 3.15
C PHE A 80 11.82 1.08 3.76
N THR A 81 12.36 -0.10 4.00
CA THR A 81 13.67 -0.27 4.61
C THR A 81 14.77 0.48 3.84
N GLY A 82 14.51 0.74 2.57
CA GLY A 82 15.47 1.46 1.75
C GLY A 82 15.01 2.87 1.47
N THR A 83 14.12 3.35 2.32
CA THR A 83 13.56 4.69 2.20
C THR A 83 13.99 5.56 3.38
N PRO A 84 14.47 6.78 3.11
CA PRO A 84 14.91 7.72 4.15
C PRO A 84 13.90 7.86 5.28
N ASN A 85 12.67 8.23 4.94
CA ASN A 85 11.61 8.39 5.93
C ASN A 85 10.65 7.20 5.89
N ALA A 86 11.24 6.01 5.92
CA ALA A 86 10.51 4.74 5.88
C ALA A 86 9.33 4.69 6.84
N ARG A 87 9.58 4.87 8.13
CA ARG A 87 8.51 4.78 9.14
C ARG A 87 7.50 5.90 9.03
N GLU A 88 7.98 7.10 8.78
CA GLU A 88 7.13 8.26 8.69
C GLU A 88 6.20 8.15 7.50
N ASN A 89 6.78 7.88 6.35
CA ASN A 89 5.99 7.72 5.14
C ASN A 89 5.18 6.44 5.22
N CYS A 90 5.70 5.46 5.95
CA CYS A 90 5.00 4.19 6.13
C CYS A 90 3.67 4.45 6.80
N ASP A 91 3.67 5.20 7.91
CA ASP A 91 2.40 5.49 8.58
C ASP A 91 1.60 6.47 7.76
N MET A 92 2.28 7.40 7.09
CA MET A 92 1.58 8.36 6.25
C MET A 92 0.80 7.61 5.18
N ILE A 93 1.46 6.62 4.58
CA ILE A 93 0.83 5.77 3.58
C ILE A 93 -0.27 4.96 4.24
N THR A 94 0.12 4.17 5.24
CA THR A 94 -0.80 3.32 5.97
C THR A 94 -1.98 4.06 6.54
N ASN A 95 -1.78 5.28 7.00
CA ASN A 95 -2.86 6.06 7.56
C ASN A 95 -3.91 6.30 6.49
N GLU A 96 -3.50 6.96 5.41
CA GLU A 96 -4.41 7.23 4.32
C GLU A 96 -4.87 5.93 3.69
N LEU A 97 -3.96 4.98 3.56
CA LEU A 97 -4.27 3.69 2.98
C LEU A 97 -5.34 2.99 3.80
N ARG A 98 -5.04 2.70 5.07
CA ARG A 98 -5.97 2.01 5.94
C ARG A 98 -7.29 2.77 6.04
N ASN A 99 -7.22 4.09 6.20
CA ASN A 99 -8.43 4.91 6.30
C ASN A 99 -9.22 4.87 5.00
N ALA A 100 -8.54 5.12 3.89
CA ALA A 100 -9.19 5.12 2.58
C ALA A 100 -9.71 3.74 2.22
N ILE A 101 -8.97 2.71 2.59
CA ILE A 101 -9.41 1.34 2.33
C ILE A 101 -10.77 1.14 2.99
N GLN A 102 -10.85 1.57 4.25
CA GLN A 102 -12.09 1.47 5.02
C GLN A 102 -13.13 2.39 4.44
N ARG A 103 -12.69 3.56 3.96
CA ARG A 103 -13.59 4.54 3.39
C ARG A 103 -14.45 3.90 2.30
N GLN A 104 -13.82 3.11 1.44
CA GLN A 104 -14.54 2.43 0.37
C GLN A 104 -15.17 1.12 0.86
N ARG A 105 -14.35 0.31 1.53
CA ARG A 105 -14.78 -1.00 2.03
C ARG A 105 -16.02 -0.90 2.90
N GLU A 106 -15.98 -0.03 3.91
CA GLU A 106 -17.11 0.14 4.83
C GLU A 106 -18.38 0.54 4.07
N GLY A 107 -18.21 1.39 3.06
CA GLY A 107 -19.35 1.83 2.27
C GLY A 107 -19.85 0.77 1.29
N SER A 108 -19.14 -0.35 1.23
CA SER A 108 -19.52 -1.43 0.34
C SER A 108 -20.02 -2.64 1.14
N GLN A 109 -20.32 -2.41 2.41
CA GLN A 109 -20.79 -3.47 3.29
C GLN A 109 -22.13 -3.10 3.91
N SER A 110 -22.66 -3.98 4.73
CA SER A 110 -23.92 -3.74 5.42
C SER A 110 -23.64 -3.37 6.86
N LYS A 111 -22.39 -2.96 7.10
CA LYS A 111 -21.92 -2.57 8.41
C LYS A 111 -20.67 -1.74 8.25
N MET A 4 -8.45 9.44 -4.85
CA MET A 4 -9.33 10.51 -5.37
C MET A 4 -8.97 11.84 -4.74
N GLY A 5 -9.42 12.06 -3.50
CA GLY A 5 -9.08 13.27 -2.79
C GLY A 5 -7.97 13.00 -1.81
N ASP A 6 -7.45 11.79 -1.94
CA ASP A 6 -6.38 11.27 -1.12
C ASP A 6 -5.18 10.99 -2.00
N ARG A 7 -4.00 11.30 -1.50
CA ARG A 7 -2.77 11.06 -2.24
C ARG A 7 -1.56 11.10 -1.31
N VAL A 8 -0.78 10.03 -1.32
CA VAL A 8 0.44 9.94 -0.51
C VAL A 8 1.46 9.10 -1.24
N GLU A 9 2.67 9.62 -1.28
CA GLU A 9 3.76 8.96 -1.92
C GLU A 9 4.84 8.55 -0.91
N ALA A 10 5.32 7.33 -1.06
CA ALA A 10 6.35 6.73 -0.20
C ALA A 10 6.94 5.56 -0.94
N LEU A 11 8.19 5.65 -1.37
CA LEU A 11 8.75 4.54 -2.11
C LEU A 11 9.10 3.38 -1.20
N ALA A 12 8.96 2.19 -1.74
CA ALA A 12 9.22 0.96 -1.03
C ALA A 12 9.63 -0.13 -2.00
N ILE A 13 10.19 -1.21 -1.48
CA ILE A 13 10.63 -2.32 -2.29
C ILE A 13 9.53 -3.37 -2.39
N PHE A 14 9.09 -3.62 -3.61
CA PHE A 14 8.08 -4.61 -3.87
C PHE A 14 8.67 -5.68 -4.80
N ARG A 15 8.80 -6.90 -4.29
CA ARG A 15 9.35 -8.01 -5.06
C ARG A 15 10.70 -7.66 -5.69
N LYS A 16 11.56 -7.01 -4.89
CA LYS A 16 12.90 -6.59 -5.30
C LYS A 16 12.87 -5.42 -6.28
N LYS A 17 11.90 -4.57 -6.11
CA LYS A 17 11.76 -3.37 -6.92
C LYS A 17 11.53 -2.20 -5.97
N GLN A 18 12.36 -1.19 -6.04
CA GLN A 18 12.18 -0.06 -5.17
C GLN A 18 11.53 1.06 -5.95
N GLY A 19 10.27 1.28 -5.68
CA GLY A 19 9.55 2.29 -6.38
C GLY A 19 8.61 3.04 -5.48
N VAL A 20 7.94 4.02 -6.04
CA VAL A 20 7.04 4.86 -5.28
C VAL A 20 5.72 4.17 -4.97
N LEU A 21 5.32 4.20 -3.72
CA LEU A 21 4.04 3.65 -3.29
C LEU A 21 3.09 4.82 -3.16
N SER A 22 1.99 4.81 -3.90
CA SER A 22 1.06 5.93 -3.88
C SER A 22 -0.35 5.51 -3.46
N ILE A 23 -0.99 6.35 -2.65
CA ILE A 23 -2.34 6.07 -2.15
C ILE A 23 -3.37 7.03 -2.75
N ASP A 24 -4.12 6.59 -3.74
CA ASP A 24 -5.15 7.42 -4.36
C ASP A 24 -6.40 6.56 -4.62
N SER A 25 -7.19 6.31 -3.56
CA SER A 25 -8.44 5.47 -3.60
C SER A 25 -8.12 4.03 -3.99
N ARG A 26 -6.92 3.88 -4.45
CA ARG A 26 -6.38 2.66 -4.90
C ARG A 26 -4.93 2.63 -4.46
N LEU A 27 -4.59 1.61 -3.71
CA LEU A 27 -3.23 1.45 -3.26
C LEU A 27 -2.41 1.04 -4.48
N LYS A 28 -1.63 1.98 -5.00
CA LYS A 28 -0.86 1.72 -6.20
C LYS A 28 0.62 1.93 -5.97
N TRP A 29 1.38 0.88 -6.16
CA TRP A 29 2.82 0.95 -6.03
C TRP A 29 3.44 0.77 -7.40
N THR A 30 4.55 1.44 -7.63
CA THR A 30 5.23 1.37 -8.90
C THR A 30 6.73 1.30 -8.68
N GLY A 31 7.38 0.33 -9.31
CA GLY A 31 8.82 0.18 -9.13
C GLY A 31 9.62 0.68 -10.30
N GLU A 32 10.91 0.92 -10.07
CA GLU A 32 11.79 1.39 -11.12
C GLU A 32 11.87 0.38 -12.25
N GLY A 33 11.61 0.87 -13.46
CA GLY A 33 11.63 0.01 -14.63
C GLY A 33 10.22 -0.20 -15.15
N LYS A 34 9.24 0.03 -14.28
CA LYS A 34 7.85 -0.12 -14.64
C LYS A 34 7.21 1.23 -14.89
N THR A 35 6.81 1.48 -16.13
CA THR A 35 6.17 2.72 -16.50
C THR A 35 4.76 2.78 -15.94
N THR A 36 4.23 1.60 -15.65
CA THR A 36 2.90 1.47 -15.09
C THR A 36 2.99 0.90 -13.67
N PRO A 37 1.97 1.12 -12.82
CA PRO A 37 1.97 0.60 -11.46
C PRO A 37 2.13 -0.92 -11.44
N SER A 38 2.79 -1.43 -10.42
CA SER A 38 2.99 -2.86 -10.27
C SER A 38 1.99 -3.41 -9.26
N VAL A 39 1.53 -2.55 -8.37
CA VAL A 39 0.56 -2.92 -7.37
C VAL A 39 -0.64 -1.99 -7.48
N ASP A 40 -1.63 -2.38 -8.26
CA ASP A 40 -2.83 -1.56 -8.40
C ASP A 40 -4.00 -2.28 -7.76
N ILE A 41 -4.27 -1.95 -6.51
CA ILE A 41 -5.34 -2.58 -5.77
C ILE A 41 -6.22 -1.54 -5.11
N ALA A 42 -7.52 -1.57 -5.44
CA ALA A 42 -8.46 -0.63 -4.84
C ALA A 42 -8.74 -1.03 -3.41
N PHE A 43 -9.33 -0.13 -2.63
CA PHE A 43 -9.62 -0.43 -1.22
C PHE A 43 -10.64 -1.56 -1.02
N ASP A 44 -11.39 -1.89 -2.06
CA ASP A 44 -12.37 -2.97 -1.97
C ASP A 44 -11.63 -4.29 -2.11
N ALA A 45 -10.38 -4.16 -2.53
CA ALA A 45 -9.50 -5.30 -2.73
C ALA A 45 -8.41 -5.29 -1.67
N ILE A 46 -8.64 -4.54 -0.61
CA ILE A 46 -7.72 -4.50 0.51
C ILE A 46 -8.49 -4.91 1.73
N SER A 47 -8.23 -6.12 2.17
CA SER A 47 -8.95 -6.68 3.27
C SER A 47 -8.35 -6.23 4.61
N ASN A 48 -7.05 -5.96 4.60
CA ASN A 48 -6.33 -5.52 5.81
C ASN A 48 -4.86 -5.29 5.45
N LEU A 49 -4.07 -4.76 6.38
CA LEU A 49 -2.66 -4.53 6.13
C LEU A 49 -1.89 -4.57 7.45
N GLN A 50 -0.58 -4.85 7.37
CA GLN A 50 0.27 -4.89 8.55
C GLN A 50 1.61 -4.22 8.26
N THR A 51 1.95 -3.24 9.07
CA THR A 51 3.20 -2.48 8.92
C THR A 51 4.23 -2.91 9.96
N THR A 52 5.50 -2.63 9.68
CA THR A 52 6.57 -2.96 10.62
C THR A 52 6.27 -2.40 12.02
N PRO A 53 6.82 -3.03 13.07
CA PRO A 53 6.59 -2.60 14.46
C PRO A 53 7.28 -1.27 14.83
N ALA A 54 7.84 -0.59 13.82
CA ALA A 54 8.52 0.70 14.00
C ALA A 54 9.85 0.55 14.75
N SER A 55 9.78 -0.04 15.96
CA SER A 55 10.97 -0.24 16.77
C SER A 55 11.75 -1.47 16.28
N ASN A 56 12.13 -1.44 15.01
CA ASN A 56 12.88 -2.51 14.39
C ASN A 56 13.69 -1.94 13.24
N PRO A 57 14.94 -2.41 13.06
CA PRO A 57 15.79 -1.97 11.95
C PRO A 57 15.27 -2.50 10.62
N LYS A 58 13.98 -2.30 10.40
CA LYS A 58 13.26 -2.72 9.21
C LYS A 58 11.93 -1.99 9.19
N VAL A 59 11.62 -1.35 8.08
CA VAL A 59 10.36 -0.62 7.94
C VAL A 59 9.65 -1.05 6.67
N MET A 60 8.45 -1.59 6.80
CA MET A 60 7.72 -2.04 5.63
C MET A 60 6.20 -1.88 5.80
N ILE A 61 5.48 -2.15 4.72
CA ILE A 61 4.01 -2.12 4.67
C ILE A 61 3.54 -3.40 3.99
N ARG A 62 2.76 -4.21 4.71
CA ARG A 62 2.22 -5.45 4.16
C ARG A 62 0.73 -5.26 3.91
N VAL A 63 0.26 -5.70 2.76
CA VAL A 63 -1.15 -5.54 2.45
C VAL A 63 -1.81 -6.86 2.08
N PHE A 64 -2.97 -7.11 2.66
CA PHE A 64 -3.74 -8.31 2.39
C PHE A 64 -4.84 -7.94 1.40
N ILE A 65 -4.73 -8.47 0.20
CA ILE A 65 -5.64 -8.16 -0.87
C ILE A 65 -6.84 -9.09 -1.00
N VAL A 66 -8.02 -8.47 -1.09
CA VAL A 66 -9.26 -9.17 -1.32
C VAL A 66 -9.32 -9.29 -2.83
N VAL A 67 -10.11 -10.16 -3.41
CA VAL A 67 -10.04 -10.24 -4.85
C VAL A 67 -10.81 -9.15 -5.52
N LYS A 68 -10.08 -8.40 -6.31
CA LYS A 68 -10.69 -7.42 -7.15
C LYS A 68 -11.09 -8.20 -8.39
N GLU A 69 -11.91 -7.66 -9.24
CA GLU A 69 -12.31 -8.44 -10.40
C GLU A 69 -11.14 -8.60 -11.37
N GLY A 70 -10.80 -9.84 -11.68
CA GLY A 70 -9.71 -10.11 -12.59
C GLY A 70 -8.39 -10.26 -11.86
N GLU A 71 -8.41 -10.95 -10.73
CA GLU A 71 -7.23 -11.16 -9.92
C GLU A 71 -7.49 -12.29 -8.93
N ASP A 72 -6.63 -12.43 -7.94
CA ASP A 72 -6.77 -13.45 -6.91
C ASP A 72 -6.36 -12.85 -5.57
N PRO A 73 -6.88 -13.38 -4.45
CA PRO A 73 -6.54 -12.87 -3.12
C PRO A 73 -5.04 -13.06 -2.87
N THR A 74 -4.34 -11.99 -2.52
CA THR A 74 -2.89 -12.08 -2.32
C THR A 74 -2.40 -11.07 -1.30
N SER A 75 -1.25 -11.35 -0.69
CA SER A 75 -0.66 -10.43 0.26
C SER A 75 0.62 -9.85 -0.36
N LEU A 76 0.71 -8.53 -0.38
CA LEU A 76 1.86 -7.87 -0.96
C LEU A 76 2.70 -7.18 0.10
N VAL A 77 3.99 -7.00 -0.17
CA VAL A 77 4.86 -6.36 0.78
C VAL A 77 5.67 -5.24 0.14
N PHE A 78 5.67 -4.10 0.80
CA PHE A 78 6.41 -2.94 0.34
C PHE A 78 7.44 -2.58 1.41
N HIS A 79 8.70 -2.85 1.13
CA HIS A 79 9.76 -2.59 2.08
C HIS A 79 10.25 -1.15 1.98
N PHE A 80 10.04 -0.38 3.03
CA PHE A 80 10.50 1.01 3.07
C PHE A 80 11.88 1.04 3.69
N THR A 81 12.37 -0.15 4.00
CA THR A 81 13.68 -0.32 4.63
C THR A 81 14.80 0.32 3.81
N GLY A 82 14.56 0.51 2.52
CA GLY A 82 15.54 1.13 1.65
C GLY A 82 15.15 2.55 1.30
N THR A 83 14.27 3.11 2.13
CA THR A 83 13.77 4.46 1.94
C THR A 83 14.20 5.36 3.10
N PRO A 84 14.70 6.58 2.79
CA PRO A 84 15.13 7.54 3.82
C PRO A 84 14.08 7.76 4.91
N ASN A 85 12.90 8.18 4.50
CA ASN A 85 11.81 8.44 5.44
C ASN A 85 10.85 7.25 5.48
N ALA A 86 11.42 6.06 5.58
CA ALA A 86 10.67 4.81 5.62
C ALA A 86 9.49 4.83 6.58
N ARG A 87 9.75 5.08 7.87
CA ARG A 87 8.70 5.05 8.89
C ARG A 87 7.72 6.21 8.73
N GLU A 88 8.24 7.38 8.43
CA GLU A 88 7.43 8.57 8.30
C GLU A 88 6.50 8.45 7.10
N ASN A 89 7.07 8.01 5.98
CA ASN A 89 6.27 7.82 4.79
C ASN A 89 5.38 6.60 4.96
N CYS A 90 5.89 5.61 5.68
CA CYS A 90 5.14 4.39 5.95
C CYS A 90 3.84 4.74 6.67
N ASP A 91 3.92 5.50 7.76
CA ASP A 91 2.71 5.87 8.49
C ASP A 91 1.87 6.79 7.64
N MET A 92 2.52 7.68 6.89
CA MET A 92 1.79 8.59 6.01
C MET A 92 0.95 7.77 5.03
N ILE A 93 1.56 6.71 4.49
CA ILE A 93 0.87 5.82 3.58
C ILE A 93 -0.17 5.00 4.34
N THR A 94 0.28 4.36 5.41
CA THR A 94 -0.57 3.47 6.20
C THR A 94 -1.77 4.19 6.78
N ASN A 95 -1.53 5.33 7.39
CA ASN A 95 -2.60 6.09 7.99
C ASN A 95 -3.62 6.48 6.93
N GLU A 96 -3.17 7.13 5.87
CA GLU A 96 -4.07 7.51 4.77
C GLU A 96 -4.75 6.28 4.21
N LEU A 97 -3.95 5.25 3.97
CA LEU A 97 -4.41 3.98 3.43
C LEU A 97 -5.47 3.36 4.32
N ARG A 98 -5.10 3.03 5.54
CA ARG A 98 -6.00 2.39 6.50
C ARG A 98 -7.29 3.19 6.69
N ASN A 99 -7.18 4.53 6.69
CA ASN A 99 -8.36 5.38 6.89
C ASN A 99 -9.24 5.35 5.64
N ALA A 100 -8.64 5.49 4.48
CA ALA A 100 -9.37 5.48 3.23
C ALA A 100 -9.92 4.08 2.92
N ILE A 101 -9.12 3.06 3.20
CA ILE A 101 -9.54 1.68 2.96
C ILE A 101 -10.81 1.40 3.76
N GLN A 102 -10.74 1.69 5.05
CA GLN A 102 -11.88 1.47 5.95
C GLN A 102 -13.12 2.23 5.48
N ARG A 103 -12.91 3.42 4.95
CA ARG A 103 -14.00 4.25 4.46
C ARG A 103 -14.77 3.53 3.36
N GLN A 104 -14.04 2.84 2.48
CA GLN A 104 -14.67 2.11 1.39
C GLN A 104 -15.09 0.72 1.87
N ARG A 105 -14.36 0.20 2.85
CA ARG A 105 -14.65 -1.13 3.41
C ARG A 105 -16.06 -1.19 4.00
N GLU A 106 -16.53 -0.07 4.49
CA GLU A 106 -17.85 0.02 5.10
C GLU A 106 -18.96 0.04 4.05
N GLY A 107 -18.59 0.11 2.78
CA GLY A 107 -19.61 0.14 1.73
C GLY A 107 -19.17 -0.55 0.45
N SER A 108 -18.21 -1.46 0.56
CA SER A 108 -17.70 -2.18 -0.61
C SER A 108 -17.08 -3.51 -0.20
N GLN A 109 -17.14 -4.48 -1.10
CA GLN A 109 -16.59 -5.81 -0.88
C GLN A 109 -16.30 -6.45 -2.22
N SER A 110 -15.04 -6.35 -2.66
CA SER A 110 -14.60 -6.88 -3.95
C SER A 110 -15.09 -5.97 -5.08
N LYS A 111 -16.06 -5.12 -4.73
CA LYS A 111 -16.67 -4.16 -5.62
C LYS A 111 -17.62 -3.30 -4.81
#